data_8AP9
#
_entry.id   8AP9
#
_cell.length_a   1.00
_cell.length_b   1.00
_cell.length_c   1.00
_cell.angle_alpha   90.00
_cell.angle_beta   90.00
_cell.angle_gamma   90.00
#
_symmetry.space_group_name_H-M   'P 1'
#
loop_
_entity.id
_entity.type
_entity.pdbx_description
1 polymer 'ATP synthase gamma subunit'
2 polymer 'ATP synthase, epsilon chain, putative'
3 polymer 'ATP synthase subunit epsilon, mitochondrial'
4 polymer 'ATPase subunit 9, putative'
5 non-polymer "URIDINE 5'-TRIPHOSPHATE"
#
loop_
_entity_poly.entity_id
_entity_poly.type
_entity_poly.pdbx_seq_one_letter_code
_entity_poly.pdbx_strand_id
1 'polypeptide(L)'
;MSGKLRLYKEKLEGYNRFYSIVKTIKMVTLAKYRAAQGRIRTRDFSLRYTELAFSKPQASRDAVVAAKNALVYIPITTNR
GSCGALNSNIVRCIDSVVSSKMVLMPVGKRGIDSFSKLYPDEFRYGIINDMKESMHFGYATFVIENAYEVSKDADRYQVI
FNRFVSAGVQRNAVYNIPSYEKWKEDLADAASSDNQKNRYLFANALQNEEEQLIRDFFDFHAALAVLNAVGENELSEQAA
RLVAVEGQLTNISSLQQRTSSLYNKTRQFGITAALIEILSAMSSLEGNAMKGVRRNKFWEGAVTK
;
G
2 'polypeptide(L)'
;MFRTFGRRLVSCTLPLLQSAPHDLPEGFEFMEHKVVNKDIHAPHENLETLRLTLTRQDEFLLREEPVKCVTVTGTNGEYG
IYPGHAYKIVQLNPSPLTVEYTDGTTKKYFVSGGFAHINNEGSCDVNTVECTLLDDLDLAIAEKELAAQQAALGSAKDDK
AKSVVEIRISVIEAVIAALKHH
;
H
3 'polypeptide(L)' MIRRSCALLSSSWRDHGISYLKYLNVCTETLHSTVKESRRAKYERWSKPCYTAQRPDGAGGQETIDKVPIHTKDY I
4 'polypeptide(L)'
;MMRRLALQSSIRRATPFATPLVASTKALNPMCSAITIREASTVAISVQGLHYVGTGLAAIALAGVGLGIGTIFGNLLVAC
ARQPNLTKMLFNYAILGFALTEAIGLFALMLAFLMLFS
;
O,P,Q,R,S,T,U,V,W,X
#
# COMPACT_ATOMS: atom_id res chain seq x y z
N SER A 2 71.83 -21.81 -57.91
CA SER A 2 72.78 -21.10 -57.06
C SER A 2 72.04 -20.25 -56.03
N GLY A 3 71.57 -19.08 -56.47
CA GLY A 3 70.85 -18.17 -55.60
C GLY A 3 69.35 -18.20 -55.83
N LYS A 4 68.94 -18.22 -57.10
CA LYS A 4 67.51 -18.20 -57.41
C LYS A 4 66.82 -19.43 -56.84
N LEU A 5 67.34 -20.63 -57.16
CA LEU A 5 66.69 -21.86 -56.71
C LEU A 5 66.67 -21.93 -55.19
N ARG A 6 67.79 -21.59 -54.54
CA ARG A 6 67.85 -21.62 -53.09
C ARG A 6 66.80 -20.70 -52.49
N LEU A 7 66.70 -19.48 -53.02
CA LEU A 7 65.74 -18.52 -52.49
C LEU A 7 64.31 -19.03 -52.68
N TYR A 8 64.00 -19.57 -53.85
CA TYR A 8 62.66 -20.07 -54.10
C TYR A 8 62.32 -21.20 -53.15
N LYS A 9 63.24 -22.14 -52.95
CA LYS A 9 62.96 -23.25 -52.07
C LYS A 9 62.81 -22.79 -50.62
N GLU A 10 63.63 -21.83 -50.20
CA GLU A 10 63.55 -21.32 -48.84
C GLU A 10 62.20 -20.64 -48.60
N LYS A 11 61.77 -19.79 -49.54
CA LYS A 11 60.49 -19.12 -49.35
C LYS A 11 59.33 -20.10 -49.46
N LEU A 12 59.48 -21.15 -50.27
CA LEU A 12 58.47 -22.20 -50.31
C LEU A 12 58.34 -22.88 -48.95
N GLU A 13 59.47 -23.17 -48.30
CA GLU A 13 59.44 -23.77 -46.97
C GLU A 13 58.78 -22.81 -45.98
N GLY A 14 59.10 -21.52 -46.07
CA GLY A 14 58.45 -20.55 -45.22
C GLY A 14 56.94 -20.53 -45.40
N TYR A 15 56.48 -20.56 -46.65
CA TYR A 15 55.05 -20.60 -46.92
C TYR A 15 54.42 -21.88 -46.38
N ASN A 16 55.13 -23.00 -46.48
CA ASN A 16 54.62 -24.25 -45.93
C ASN A 16 54.40 -24.13 -44.42
N ARG A 17 55.39 -23.58 -43.71
CA ARG A 17 55.24 -23.41 -42.28
C ARG A 17 54.10 -22.45 -41.96
N PHE A 18 53.98 -21.37 -42.74
CA PHE A 18 52.88 -20.43 -42.52
C PHE A 18 51.53 -21.10 -42.71
N TYR A 19 51.42 -21.94 -43.74
CA TYR A 19 50.18 -22.67 -43.99
C TYR A 19 49.85 -23.60 -42.84
N SER A 20 50.84 -24.31 -42.32
CA SER A 20 50.59 -25.19 -41.18
C SER A 20 50.10 -24.41 -39.97
N ILE A 21 50.74 -23.27 -39.70
CA ILE A 21 50.33 -22.44 -38.57
C ILE A 21 48.89 -21.97 -38.75
N VAL A 22 48.55 -21.52 -39.96
CA VAL A 22 47.20 -21.03 -40.22
C VAL A 22 46.19 -22.16 -40.09
N LYS A 23 46.57 -23.37 -40.50
CA LYS A 23 45.65 -24.50 -40.36
C LYS A 23 45.39 -24.81 -38.89
N THR A 24 46.43 -24.76 -38.06
CA THR A 24 46.23 -24.95 -36.63
C THR A 24 45.32 -23.87 -36.07
N ILE A 25 45.52 -22.63 -36.49
CA ILE A 25 44.65 -21.54 -36.04
C ILE A 25 43.21 -21.81 -36.45
N LYS A 26 43.02 -22.29 -37.68
CA LYS A 26 41.68 -22.61 -38.17
C LYS A 26 41.03 -23.66 -37.28
N MET A 27 41.78 -24.71 -36.95
CA MET A 27 41.20 -25.77 -36.14
C MET A 27 40.81 -25.25 -34.76
N VAL A 28 41.68 -24.45 -34.14
CA VAL A 28 41.37 -23.92 -32.81
C VAL A 28 40.13 -23.02 -32.86
N THR A 29 40.08 -22.13 -33.86
CA THR A 29 38.93 -21.24 -33.98
C THR A 29 37.66 -22.01 -34.28
N LEU A 30 37.76 -23.09 -35.04
CA LEU A 30 36.58 -23.92 -35.31
C LEU A 30 36.09 -24.58 -34.03
N ALA A 31 37.01 -25.02 -33.18
CA ALA A 31 36.60 -25.57 -31.89
C ALA A 31 35.88 -24.52 -31.06
N LYS A 32 36.43 -23.29 -31.02
CA LYS A 32 35.77 -22.23 -30.26
C LYS A 32 34.40 -21.91 -30.84
N TYR A 33 34.28 -21.88 -32.17
CA TYR A 33 33.00 -21.62 -32.80
C TYR A 33 31.98 -22.70 -32.47
N ARG A 34 32.42 -23.95 -32.47
CA ARG A 34 31.53 -25.04 -32.07
C ARG A 34 31.06 -24.87 -30.64
N ALA A 35 31.97 -24.51 -29.74
CA ALA A 35 31.59 -24.32 -28.35
C ALA A 35 30.59 -23.18 -28.19
N ALA A 36 30.80 -22.08 -28.92
CA ALA A 36 29.99 -20.88 -28.75
C ALA A 36 28.71 -20.89 -29.59
N GLN A 37 28.56 -21.84 -30.50
CA GLN A 37 27.37 -21.86 -31.36
C GLN A 37 26.11 -22.21 -30.59
N GLY A 38 26.23 -22.78 -29.39
CA GLY A 38 25.06 -23.13 -28.61
C GLY A 38 24.20 -21.93 -28.24
N ARG A 39 24.79 -20.73 -28.23
CA ARG A 39 24.04 -19.53 -27.89
C ARG A 39 22.82 -19.35 -28.78
N ILE A 40 22.90 -19.78 -30.04
CA ILE A 40 21.85 -19.46 -30.99
C ILE A 40 20.52 -20.05 -30.54
N ARG A 41 20.55 -21.24 -29.95
CA ARG A 41 19.31 -21.83 -29.44
C ARG A 41 18.76 -21.04 -28.27
N THR A 42 19.63 -20.44 -27.46
CA THR A 42 19.24 -19.85 -26.19
C THR A 42 19.12 -18.34 -26.23
N ARG A 43 19.15 -17.73 -27.41
CA ARG A 43 19.08 -16.28 -27.54
C ARG A 43 17.69 -15.85 -27.99
N ASP A 44 17.51 -14.53 -28.13
CA ASP A 44 16.32 -13.91 -28.68
C ASP A 44 15.10 -14.02 -27.77
N PHE A 45 15.31 -14.30 -26.48
CA PHE A 45 14.22 -14.34 -25.51
C PHE A 45 14.52 -13.58 -24.23
N SER A 46 15.79 -13.33 -23.90
CA SER A 46 16.10 -12.57 -22.70
C SER A 46 15.64 -11.12 -22.83
N LEU A 47 15.83 -10.52 -24.01
CA LEU A 47 15.52 -9.11 -24.24
C LEU A 47 14.15 -9.04 -24.89
N ARG A 48 13.11 -9.03 -24.06
CA ARG A 48 11.74 -8.82 -24.50
C ARG A 48 11.16 -7.54 -23.95
N TYR A 49 11.24 -7.34 -22.63
CA TYR A 49 10.82 -6.07 -22.04
C TYR A 49 11.90 -5.01 -22.13
N THR A 50 13.15 -5.41 -22.41
CA THR A 50 14.16 -4.42 -22.76
C THR A 50 13.77 -3.66 -24.02
N GLU A 51 13.12 -4.34 -24.95
CA GLU A 51 12.61 -3.66 -26.14
C GLU A 51 11.66 -2.54 -25.75
N LEU A 52 10.68 -2.85 -24.91
CA LEU A 52 9.74 -1.83 -24.46
C LEU A 52 10.47 -0.72 -23.73
N ALA A 53 11.47 -1.09 -22.92
CA ALA A 53 12.21 -0.09 -22.15
C ALA A 53 12.94 0.90 -23.07
N PHE A 54 13.53 0.40 -24.16
CA PHE A 54 14.44 1.22 -24.96
C PHE A 54 14.16 1.23 -26.46
N SER A 55 13.37 0.31 -26.99
CA SER A 55 13.15 0.29 -28.43
C SER A 55 12.26 1.47 -28.82
N LYS A 56 12.78 2.34 -29.68
CA LYS A 56 12.05 3.51 -30.13
C LYS A 56 12.44 3.85 -31.57
N PRO A 57 11.51 3.80 -32.53
CA PRO A 57 11.85 4.24 -33.89
C PRO A 57 12.04 5.74 -33.95
N GLN A 58 13.28 6.18 -34.14
CA GLN A 58 13.63 7.59 -34.04
C GLN A 58 14.54 7.97 -35.21
N ALA A 59 14.50 9.25 -35.55
CA ALA A 59 15.36 9.77 -36.61
C ALA A 59 16.82 9.79 -36.15
N SER A 60 17.72 9.76 -37.13
CA SER A 60 19.15 9.75 -36.87
C SER A 60 19.75 11.15 -36.80
N ARG A 61 18.96 12.19 -37.02
CA ARG A 61 19.43 13.57 -37.01
C ARG A 61 18.99 14.34 -35.77
N ASP A 62 17.69 14.36 -35.48
CA ASP A 62 17.19 15.11 -34.34
C ASP A 62 17.79 14.60 -33.04
N ALA A 63 17.86 13.27 -32.89
CA ALA A 63 18.44 12.70 -31.67
C ALA A 63 19.89 13.11 -31.50
N VAL A 64 20.57 13.44 -32.59
CA VAL A 64 21.99 13.81 -32.54
C VAL A 64 22.17 15.31 -32.32
N VAL A 65 21.52 16.12 -33.15
CA VAL A 65 21.70 17.57 -33.06
C VAL A 65 21.04 18.12 -31.80
N ALA A 66 19.90 17.56 -31.40
CA ALA A 66 19.15 18.12 -30.28
C ALA A 66 19.98 18.14 -29.00
N ALA A 67 20.69 17.05 -28.73
CA ALA A 67 21.43 16.94 -27.48
C ALA A 67 22.55 17.97 -27.41
N LYS A 68 22.74 18.55 -26.23
CA LYS A 68 23.83 19.47 -25.98
C LYS A 68 24.75 19.00 -24.87
N ASN A 69 24.53 17.80 -24.33
CA ASN A 69 25.42 17.19 -23.37
C ASN A 69 26.20 16.06 -24.03
N ALA A 70 27.06 15.42 -23.26
CA ALA A 70 27.95 14.40 -23.79
C ALA A 70 27.15 13.23 -24.36
N LEU A 71 27.54 12.78 -25.55
CA LEU A 71 26.97 11.61 -26.19
C LEU A 71 28.01 10.49 -26.12
N VAL A 72 27.85 9.60 -25.17
CA VAL A 72 28.80 8.51 -24.98
C VAL A 72 28.59 7.46 -26.05
N TYR A 73 29.68 6.89 -26.53
CA TYR A 73 29.67 5.81 -27.50
C TYR A 73 30.54 4.67 -26.99
N ILE A 74 30.05 3.45 -27.12
CA ILE A 74 30.72 2.28 -26.58
C ILE A 74 30.85 1.23 -27.67
N PRO A 75 31.63 1.49 -28.71
CA PRO A 75 31.83 0.49 -29.76
C PRO A 75 32.47 -0.77 -29.20
N ILE A 76 32.03 -1.91 -29.71
CA ILE A 76 32.56 -3.21 -29.33
C ILE A 76 33.58 -3.63 -30.38
N THR A 77 34.81 -3.92 -29.95
CA THR A 77 35.88 -4.28 -30.86
C THR A 77 36.63 -5.46 -30.28
N THR A 78 37.27 -6.22 -31.17
CA THR A 78 37.93 -7.46 -30.79
C THR A 78 39.37 -7.20 -30.35
N ASN A 79 39.85 -8.05 -29.45
CA ASN A 79 41.22 -7.92 -28.97
C ASN A 79 42.23 -8.28 -30.05
N ARG A 80 42.02 -9.42 -30.71
CA ARG A 80 42.94 -9.90 -31.74
C ARG A 80 42.45 -9.50 -33.12
N GLY A 81 43.40 -9.17 -34.00
CA GLY A 81 43.07 -8.85 -35.37
C GLY A 81 42.68 -10.08 -36.17
N SER A 82 42.78 -10.01 -37.49
CA SER A 82 42.43 -11.09 -38.40
C SER A 82 40.95 -11.45 -38.33
N CYS A 83 40.13 -10.65 -37.67
CA CYS A 83 38.70 -10.93 -37.63
C CYS A 83 38.06 -10.66 -38.99
N GLY A 84 38.39 -9.52 -39.59
CA GLY A 84 37.84 -9.16 -40.88
C GLY A 84 37.57 -7.68 -41.02
N ALA A 85 36.35 -7.34 -41.43
CA ALA A 85 35.96 -5.95 -41.65
C ALA A 85 35.04 -5.42 -40.55
N LEU A 86 34.88 -6.18 -39.47
CA LEU A 86 33.99 -5.73 -38.39
C LEU A 86 34.48 -4.44 -37.77
N ASN A 87 35.75 -4.41 -37.37
CA ASN A 87 36.30 -3.22 -36.73
C ASN A 87 36.31 -2.05 -37.69
N SER A 88 36.64 -2.28 -38.96
CA SER A 88 36.64 -1.21 -39.94
C SER A 88 35.24 -0.62 -40.10
N ASN A 89 34.23 -1.48 -40.16
CA ASN A 89 32.86 -0.99 -40.31
C ASN A 89 32.42 -0.22 -39.07
N ILE A 90 32.80 -0.70 -37.89
CA ILE A 90 32.46 0.03 -36.67
C ILE A 90 33.11 1.41 -36.66
N VAL A 91 34.37 1.47 -37.08
CA VAL A 91 35.06 2.76 -37.15
C VAL A 91 34.38 3.68 -38.14
N ARG A 92 33.96 3.15 -39.29
CA ARG A 92 33.25 3.96 -40.27
C ARG A 92 31.94 4.50 -39.69
N CYS A 93 31.20 3.64 -38.99
CA CYS A 93 29.96 4.09 -38.37
C CYS A 93 30.21 5.20 -37.36
N ILE A 94 31.27 5.05 -36.56
CA ILE A 94 31.61 6.09 -35.60
C ILE A 94 31.97 7.38 -36.32
N ASP A 95 32.75 7.27 -37.39
CA ASP A 95 33.19 8.46 -38.12
C ASP A 95 32.00 9.21 -38.71
N SER A 96 30.99 8.47 -39.18
CA SER A 96 29.80 9.12 -39.72
C SER A 96 29.04 9.89 -38.66
N VAL A 97 29.29 9.64 -37.38
CA VAL A 97 28.52 10.23 -36.29
C VAL A 97 29.41 11.18 -35.49
N VAL A 98 30.42 11.75 -36.14
CA VAL A 98 31.33 12.65 -35.46
C VAL A 98 30.59 13.91 -35.01
N SER A 99 30.84 14.32 -33.77
CA SER A 99 30.21 15.50 -33.20
C SER A 99 31.11 16.05 -32.10
N SER A 100 30.87 17.31 -31.74
CA SER A 100 31.60 17.91 -30.64
C SER A 100 31.27 17.26 -29.31
N LYS A 101 30.12 16.58 -29.22
CA LYS A 101 29.68 15.94 -27.99
C LYS A 101 30.09 14.47 -27.91
N MET A 102 30.74 13.94 -28.93
CA MET A 102 31.04 12.52 -28.96
C MET A 102 32.12 12.18 -27.94
N VAL A 103 31.89 11.09 -27.21
CA VAL A 103 32.85 10.56 -26.25
C VAL A 103 32.93 9.05 -26.44
N LEU A 104 34.14 8.51 -26.45
CA LEU A 104 34.38 7.13 -26.77
C LEU A 104 34.95 6.39 -25.56
N MET A 105 34.36 5.23 -25.26
CA MET A 105 34.90 4.29 -24.28
C MET A 105 34.95 2.92 -24.92
N PRO A 106 35.82 2.74 -25.92
CA PRO A 106 35.80 1.51 -26.71
C PRO A 106 36.10 0.27 -25.87
N VAL A 107 35.96 -0.87 -26.53
CA VAL A 107 36.15 -2.18 -25.91
C VAL A 107 37.05 -3.01 -26.82
N GLY A 108 38.05 -3.65 -26.23
CA GLY A 108 38.99 -4.44 -26.99
C GLY A 108 40.23 -3.65 -27.34
N LYS A 109 41.35 -4.37 -27.50
CA LYS A 109 42.61 -3.71 -27.79
C LYS A 109 42.58 -3.04 -29.15
N ARG A 110 42.00 -3.70 -30.16
CA ARG A 110 41.97 -3.10 -31.49
C ARG A 110 41.17 -1.81 -31.50
N GLY A 111 40.03 -1.80 -30.82
CA GLY A 111 39.24 -0.59 -30.75
C GLY A 111 40.00 0.55 -30.09
N ILE A 112 40.70 0.25 -29.00
CA ILE A 112 41.48 1.28 -28.32
C ILE A 112 42.55 1.83 -29.25
N ASP A 113 43.31 0.93 -29.87
CA ASP A 113 44.42 1.35 -30.73
C ASP A 113 43.93 2.07 -31.98
N SER A 114 42.71 1.83 -32.41
CA SER A 114 42.18 2.48 -33.61
C SER A 114 41.51 3.81 -33.30
N PHE A 115 40.88 3.95 -32.14
CA PHE A 115 40.21 5.19 -31.77
C PHE A 115 41.10 6.15 -31.01
N SER A 116 42.25 5.70 -30.51
CA SER A 116 43.15 6.62 -29.83
C SER A 116 43.80 7.58 -30.80
N LYS A 117 44.21 7.08 -31.97
CA LYS A 117 44.92 7.91 -32.94
C LYS A 117 43.96 8.75 -33.77
N LEU A 118 42.89 8.13 -34.25
CA LEU A 118 41.93 8.86 -35.08
C LEU A 118 41.22 9.94 -34.29
N TYR A 119 40.84 9.63 -33.04
CA TYR A 119 40.07 10.54 -32.20
C TYR A 119 40.79 10.70 -30.87
N PRO A 120 41.82 11.54 -30.81
CA PRO A 120 42.55 11.68 -29.54
C PRO A 120 41.79 12.48 -28.50
N ASP A 121 41.09 13.54 -28.91
CA ASP A 121 40.40 14.43 -27.98
C ASP A 121 39.00 13.96 -27.64
N GLU A 122 38.52 12.88 -28.26
CA GLU A 122 37.22 12.32 -27.96
C GLU A 122 37.34 10.92 -27.39
N PHE A 123 38.47 10.59 -26.78
CA PHE A 123 38.76 9.27 -26.26
C PHE A 123 39.26 9.41 -24.83
N ARG A 124 38.62 8.69 -23.90
CA ARG A 124 38.96 8.76 -22.49
C ARG A 124 39.72 7.53 -22.03
N TYR A 125 39.16 6.35 -22.23
CA TYR A 125 39.85 5.10 -21.91
C TYR A 125 38.97 3.94 -22.38
N GLY A 126 39.56 2.75 -22.40
CA GLY A 126 38.90 1.60 -22.94
C GLY A 126 38.89 0.44 -21.95
N ILE A 127 37.99 -0.50 -22.20
CA ILE A 127 37.85 -1.70 -21.40
C ILE A 127 38.42 -2.88 -22.18
N ILE A 128 39.03 -3.80 -21.44
CA ILE A 128 39.65 -4.99 -22.01
C ILE A 128 39.21 -6.20 -21.22
N ASN A 129 38.80 -7.26 -21.91
CA ASN A 129 38.47 -8.53 -21.30
C ASN A 129 39.32 -9.63 -21.91
N ASP A 130 39.92 -10.46 -21.07
CA ASP A 130 40.61 -11.64 -21.53
C ASP A 130 39.60 -12.71 -21.86
N MET A 131 39.67 -13.25 -23.08
CA MET A 131 38.70 -14.24 -23.54
C MET A 131 39.02 -15.61 -22.94
N LYS A 132 38.99 -15.65 -21.61
CA LYS A 132 39.25 -16.86 -20.84
C LYS A 132 37.99 -17.47 -20.26
N GLU A 133 37.09 -16.63 -19.74
CA GLU A 133 35.84 -17.06 -19.15
C GLU A 133 34.69 -16.74 -20.11
N SER A 134 33.49 -17.11 -19.70
CA SER A 134 32.31 -16.81 -20.50
C SER A 134 31.85 -15.38 -20.25
N MET A 135 31.37 -14.73 -21.31
CA MET A 135 30.92 -13.35 -21.18
C MET A 135 29.75 -13.29 -20.23
N HIS A 136 29.95 -12.70 -19.06
CA HIS A 136 29.00 -12.76 -17.97
C HIS A 136 28.48 -11.38 -17.63
N PHE A 137 27.57 -11.34 -16.65
CA PHE A 137 26.93 -10.09 -16.27
C PHE A 137 27.91 -9.12 -15.65
N GLY A 138 28.89 -9.63 -14.89
CA GLY A 138 29.84 -8.76 -14.24
C GLY A 138 30.59 -7.87 -15.21
N TYR A 139 30.96 -8.42 -16.36
CA TYR A 139 31.66 -7.62 -17.36
C TYR A 139 30.77 -6.48 -17.85
N ALA A 140 29.49 -6.77 -18.10
CA ALA A 140 28.56 -5.74 -18.53
C ALA A 140 28.39 -4.66 -17.46
N THR A 141 28.32 -5.07 -16.19
CA THR A 141 28.21 -4.10 -15.11
C THR A 141 29.44 -3.21 -15.06
N PHE A 142 30.62 -3.81 -15.24
CA PHE A 142 31.86 -3.02 -15.26
C PHE A 142 31.81 -2.00 -16.39
N VAL A 143 31.38 -2.43 -17.58
CA VAL A 143 31.30 -1.52 -18.71
C VAL A 143 30.35 -0.37 -18.41
N ILE A 144 29.18 -0.69 -17.86
CA ILE A 144 28.18 0.34 -17.59
C ILE A 144 28.69 1.32 -16.54
N GLU A 145 29.31 0.81 -15.48
CA GLU A 145 29.82 1.69 -14.43
C GLU A 145 30.90 2.61 -14.97
N ASN A 146 31.80 2.08 -15.78
CA ASN A 146 32.83 2.94 -16.38
C ASN A 146 32.23 3.96 -17.32
N ALA A 147 31.18 3.57 -18.07
CA ALA A 147 30.53 4.52 -18.95
C ALA A 147 29.90 5.65 -18.16
N TYR A 148 29.23 5.32 -17.06
CA TYR A 148 28.63 6.37 -16.23
C TYR A 148 29.71 7.29 -15.67
N GLU A 149 30.80 6.71 -15.17
CA GLU A 149 31.85 7.55 -14.59
C GLU A 149 32.53 8.41 -15.64
N VAL A 150 32.58 7.94 -16.90
CA VAL A 150 33.15 8.76 -17.97
C VAL A 150 32.35 10.03 -18.16
N SER A 151 31.02 9.89 -18.22
CA SER A 151 30.13 11.04 -18.39
C SER A 151 28.81 10.71 -17.71
N LYS A 152 28.64 11.19 -16.48
CA LYS A 152 27.40 10.93 -15.76
C LYS A 152 26.24 11.76 -16.30
N ASP A 153 26.53 13.00 -16.70
CA ASP A 153 25.52 13.88 -17.31
C ASP A 153 25.48 13.69 -18.82
N ALA A 154 25.32 12.44 -19.25
CA ALA A 154 25.37 12.07 -20.66
C ALA A 154 23.96 11.92 -21.21
N ASP A 155 23.75 12.46 -22.42
CA ASP A 155 22.43 12.40 -23.02
C ASP A 155 22.03 10.97 -23.34
N ARG A 156 22.97 10.16 -23.83
CA ARG A 156 22.68 8.77 -24.15
C ARG A 156 23.99 7.98 -24.13
N TYR A 157 23.84 6.66 -24.21
CA TYR A 157 24.97 5.73 -24.23
C TYR A 157 24.73 4.75 -25.37
N GLN A 158 25.38 5.00 -26.51
CA GLN A 158 25.15 4.23 -27.72
C GLN A 158 26.16 3.08 -27.80
N VAL A 159 25.66 1.85 -27.82
CA VAL A 159 26.47 0.65 -27.95
C VAL A 159 26.37 0.16 -29.39
N ILE A 160 27.52 -0.01 -30.02
CA ILE A 160 27.60 -0.47 -31.41
C ILE A 160 28.29 -1.82 -31.41
N PHE A 161 27.63 -2.84 -31.96
CA PHE A 161 28.17 -4.18 -31.94
C PHE A 161 27.83 -4.88 -33.24
N ASN A 162 28.21 -6.14 -33.35
CA ASN A 162 27.99 -6.95 -34.53
C ASN A 162 26.97 -8.05 -34.22
N ARG A 163 25.93 -8.12 -35.03
CA ARG A 163 24.86 -9.11 -34.90
C ARG A 163 25.15 -10.24 -35.88
N PHE A 164 25.20 -11.46 -35.37
CA PHE A 164 25.54 -12.65 -36.14
C PHE A 164 24.25 -13.26 -36.67
N VAL A 165 23.82 -12.81 -37.85
CA VAL A 165 22.58 -13.33 -38.43
C VAL A 165 22.74 -14.78 -38.83
N SER A 166 23.83 -15.09 -39.53
CA SER A 166 24.12 -16.45 -39.95
C SER A 166 25.64 -16.60 -40.06
N ALA A 167 26.07 -17.80 -40.45
CA ALA A 167 27.51 -18.09 -40.51
C ALA A 167 28.25 -17.08 -41.36
N GLY A 168 27.61 -16.57 -42.42
CA GLY A 168 28.23 -15.63 -43.33
C GLY A 168 27.67 -14.23 -43.31
N VAL A 169 26.79 -13.90 -42.36
CA VAL A 169 26.19 -12.58 -42.29
C VAL A 169 26.39 -12.02 -40.90
N GLN A 170 27.13 -10.93 -40.80
CA GLN A 170 27.40 -10.25 -39.54
C GLN A 170 27.13 -8.77 -39.76
N ARG A 171 25.93 -8.32 -39.39
CA ARG A 171 25.55 -6.93 -39.58
C ARG A 171 26.00 -6.11 -38.38
N ASN A 172 25.80 -4.80 -38.45
CA ASN A 172 26.10 -3.89 -37.35
C ASN A 172 24.80 -3.43 -36.71
N ALA A 173 24.72 -3.57 -35.39
CA ALA A 173 23.52 -3.24 -34.64
C ALA A 173 23.86 -2.25 -33.54
N VAL A 174 22.82 -1.55 -33.09
CA VAL A 174 22.95 -0.44 -32.15
C VAL A 174 21.95 -0.62 -31.03
N TYR A 175 22.39 -0.34 -29.81
CA TYR A 175 21.52 -0.23 -28.64
C TYR A 175 21.67 1.18 -28.09
N ASN A 176 20.55 1.90 -27.99
CA ASN A 176 20.54 3.25 -27.47
C ASN A 176 19.98 3.26 -26.06
N ILE A 177 20.72 3.88 -25.15
CA ILE A 177 20.38 3.87 -23.73
C ILE A 177 20.31 5.31 -23.24
N PRO A 178 19.15 5.95 -23.27
CA PRO A 178 19.08 7.37 -22.92
C PRO A 178 19.31 7.59 -21.43
N SER A 179 19.43 8.86 -21.07
CA SER A 179 19.62 9.23 -19.68
C SER A 179 18.35 8.96 -18.88
N TYR A 180 18.54 8.81 -17.56
CA TYR A 180 17.42 8.48 -16.68
C TYR A 180 16.33 9.54 -16.78
N GLU A 181 16.70 10.80 -16.92
CA GLU A 181 15.69 11.86 -16.98
C GLU A 181 14.86 11.76 -18.25
N LYS A 182 15.52 11.63 -19.41
CA LYS A 182 14.78 11.51 -20.66
C LYS A 182 13.93 10.25 -20.68
N TRP A 183 14.46 9.15 -20.17
CA TRP A 183 13.68 7.92 -20.10
C TRP A 183 12.46 8.10 -19.22
N LYS A 184 12.61 8.78 -18.09
CA LYS A 184 11.47 9.04 -17.22
C LYS A 184 10.43 9.89 -17.91
N GLU A 185 10.87 10.93 -18.62
CA GLU A 185 9.92 11.79 -19.33
C GLU A 185 9.15 11.00 -20.38
N ASP A 186 9.86 10.20 -21.18
CA ASP A 186 9.20 9.41 -22.21
C ASP A 186 8.24 8.40 -21.58
N LEU A 187 8.65 7.78 -20.48
CA LEU A 187 7.80 6.80 -19.81
C LEU A 187 6.53 7.45 -19.30
N ALA A 188 6.64 8.63 -18.70
CA ALA A 188 5.46 9.34 -18.22
C ALA A 188 4.54 9.72 -19.36
N ASP A 189 5.12 10.21 -20.47
CA ASP A 189 4.29 10.55 -21.62
C ASP A 189 3.55 9.33 -22.15
N ALA A 190 4.23 8.19 -22.21
CA ALA A 190 3.57 6.97 -22.67
C ALA A 190 2.46 6.55 -21.73
N ALA A 191 2.71 6.64 -20.42
CA ALA A 191 1.71 6.23 -19.45
C ALA A 191 0.47 7.12 -19.52
N SER A 192 0.66 8.43 -19.66
CA SER A 192 -0.48 9.34 -19.65
C SER A 192 -1.14 9.44 -21.01
N SER A 193 -0.38 9.83 -22.03
CA SER A 193 -0.96 10.10 -23.34
C SER A 193 -1.31 8.80 -24.05
N ASP A 194 -2.29 8.90 -24.96
CA ASP A 194 -2.67 7.76 -25.79
C ASP A 194 -1.55 7.33 -26.72
N ASN A 195 -0.60 8.22 -27.01
CA ASN A 195 0.54 7.85 -27.82
C ASN A 195 1.41 6.83 -27.09
N GLN A 196 2.21 6.10 -27.86
CA GLN A 196 2.98 4.98 -27.33
C GLN A 196 2.05 3.95 -26.68
N LYS A 197 0.98 3.63 -27.41
CA LYS A 197 -0.04 2.73 -26.88
C LYS A 197 0.52 1.35 -26.53
N ASN A 198 1.63 0.96 -27.14
CA ASN A 198 2.20 -0.36 -26.87
C ASN A 198 2.95 -0.42 -25.54
N ARG A 199 3.38 0.73 -25.01
CA ARG A 199 4.08 0.78 -23.74
C ARG A 199 3.23 1.31 -22.60
N TYR A 200 1.95 1.56 -22.85
CA TYR A 200 1.09 2.18 -21.84
C TYR A 200 1.06 1.35 -20.56
N LEU A 201 0.77 0.06 -20.68
CA LEU A 201 0.72 -0.79 -19.50
C LEU A 201 2.07 -0.86 -18.82
N PHE A 202 3.15 -0.99 -19.60
CA PHE A 202 4.49 -1.08 -19.04
C PHE A 202 4.85 0.18 -18.25
N ALA A 203 4.60 1.34 -18.85
CA ALA A 203 4.91 2.60 -18.17
C ALA A 203 4.09 2.76 -16.91
N ASN A 204 2.80 2.44 -16.98
CA ASN A 204 1.96 2.58 -15.78
C ASN A 204 2.39 1.62 -14.69
N ALA A 205 2.81 0.41 -15.06
CA ALA A 205 3.31 -0.54 -14.07
C ALA A 205 4.58 0.00 -13.41
N LEU A 206 5.48 0.58 -14.20
CA LEU A 206 6.70 1.13 -13.63
C LEU A 206 6.39 2.30 -12.70
N GLN A 207 5.47 3.18 -13.09
CA GLN A 207 5.18 4.35 -12.27
C GLN A 207 4.62 3.94 -10.91
N ASN A 208 3.78 2.91 -10.88
CA ASN A 208 3.17 2.50 -9.62
C ASN A 208 4.23 2.12 -8.58
N GLU A 209 5.38 1.64 -9.02
CA GLU A 209 6.41 1.21 -8.11
C GLU A 209 7.27 2.39 -7.66
N GLU A 210 8.16 2.12 -6.73
CA GLU A 210 9.05 3.15 -6.19
C GLU A 210 10.03 3.61 -7.27
N GLU A 211 10.88 4.58 -6.90
CA GLU A 211 11.88 5.11 -7.82
C GLU A 211 13.17 4.31 -7.79
N GLN A 212 13.55 3.79 -6.62
CA GLN A 212 14.74 2.93 -6.56
C GLN A 212 14.54 1.69 -7.42
N LEU A 213 13.34 1.11 -7.40
CA LEU A 213 13.06 -0.04 -8.23
C LEU A 213 13.17 0.33 -9.71
N ILE A 214 12.69 1.51 -10.09
CA ILE A 214 12.78 1.94 -11.48
C ILE A 214 14.22 2.09 -11.90
N ARG A 215 15.05 2.72 -11.05
CA ARG A 215 16.46 2.89 -11.37
C ARG A 215 17.15 1.53 -11.49
N ASP A 216 16.84 0.60 -10.59
CA ASP A 216 17.42 -0.73 -10.66
C ASP A 216 17.01 -1.44 -11.95
N PHE A 217 15.75 -1.29 -12.33
CA PHE A 217 15.26 -1.85 -13.59
C PHE A 217 16.05 -1.30 -14.77
N PHE A 218 16.23 0.03 -14.79
CA PHE A 218 16.97 0.68 -15.86
C PHE A 218 18.39 0.13 -15.96
N ASP A 219 19.09 0.08 -14.83
CA ASP A 219 20.47 -0.41 -14.83
C ASP A 219 20.53 -1.87 -15.26
N PHE A 220 19.61 -2.69 -14.75
CA PHE A 220 19.60 -4.11 -15.05
C PHE A 220 19.41 -4.35 -16.54
N HIS A 221 18.46 -3.64 -17.16
CA HIS A 221 18.22 -3.87 -18.57
C HIS A 221 19.32 -3.27 -19.44
N ALA A 222 19.94 -2.17 -19.02
CA ALA A 222 21.11 -1.68 -19.73
C ALA A 222 22.23 -2.72 -19.72
N ALA A 223 22.45 -3.35 -18.56
CA ALA A 223 23.47 -4.39 -18.47
C ALA A 223 23.12 -5.58 -19.34
N LEU A 224 21.84 -5.95 -19.39
CA LEU A 224 21.43 -7.05 -20.25
C LEU A 224 21.70 -6.72 -21.72
N ALA A 225 21.40 -5.49 -22.13
CA ALA A 225 21.66 -5.10 -23.51
C ALA A 225 23.15 -5.18 -23.82
N VAL A 226 23.99 -4.69 -22.90
CA VAL A 226 25.43 -4.75 -23.12
C VAL A 226 25.90 -6.19 -23.22
N LEU A 227 25.36 -7.06 -22.36
CA LEU A 227 25.74 -8.47 -22.40
C LEU A 227 25.38 -9.10 -23.73
N ASN A 228 24.18 -8.82 -24.23
CA ASN A 228 23.78 -9.33 -25.54
C ASN A 228 24.72 -8.83 -26.61
N ALA A 229 25.08 -7.55 -26.55
CA ALA A 229 25.97 -6.97 -27.55
C ALA A 229 27.31 -7.68 -27.55
N VAL A 230 27.91 -7.88 -26.38
CA VAL A 230 29.23 -8.49 -26.32
C VAL A 230 29.18 -9.94 -26.78
N GLY A 231 28.12 -10.66 -26.40
CA GLY A 231 28.02 -12.05 -26.85
C GLY A 231 27.91 -12.16 -28.36
N GLU A 232 27.03 -11.35 -28.95
CA GLU A 232 26.90 -11.38 -30.40
C GLU A 232 28.19 -10.96 -31.09
N ASN A 233 28.89 -9.98 -30.51
CA ASN A 233 30.15 -9.56 -31.09
C ASN A 233 31.18 -10.68 -31.05
N GLU A 234 31.22 -11.43 -29.95
CA GLU A 234 32.16 -12.55 -29.87
C GLU A 234 31.85 -13.60 -30.93
N LEU A 235 30.57 -13.95 -31.07
CA LEU A 235 30.21 -14.96 -32.06
C LEU A 235 30.55 -14.49 -33.48
N SER A 236 30.24 -13.23 -33.78
CA SER A 236 30.55 -12.69 -35.10
C SER A 236 32.05 -12.68 -35.33
N GLU A 237 32.83 -12.36 -34.29
CA GLU A 237 34.27 -12.35 -34.41
C GLU A 237 34.79 -13.73 -34.75
N GLN A 238 34.28 -14.76 -34.07
CA GLN A 238 34.72 -16.12 -34.37
C GLN A 238 34.39 -16.49 -35.81
N ALA A 239 33.18 -16.20 -36.26
CA ALA A 239 32.79 -16.57 -37.62
C ALA A 239 33.67 -15.86 -38.65
N ALA A 240 33.88 -14.55 -38.47
CA ALA A 240 34.69 -13.80 -39.41
C ALA A 240 36.13 -14.27 -39.38
N ARG A 241 36.64 -14.65 -38.22
CA ARG A 241 37.99 -15.18 -38.15
C ARG A 241 38.11 -16.48 -38.94
N LEU A 242 37.12 -17.36 -38.82
CA LEU A 242 37.12 -18.57 -39.64
C LEU A 242 37.18 -18.22 -41.12
N VAL A 243 36.31 -17.30 -41.55
CA VAL A 243 36.24 -16.97 -42.97
C VAL A 243 37.58 -16.40 -43.45
N ALA A 244 38.14 -15.47 -42.69
CA ALA A 244 39.39 -14.84 -43.11
C ALA A 244 40.54 -15.83 -43.10
N VAL A 245 40.54 -16.76 -42.14
CA VAL A 245 41.57 -17.79 -42.10
C VAL A 245 41.48 -18.68 -43.34
N GLU A 246 40.26 -19.05 -43.73
CA GLU A 246 40.11 -19.84 -44.94
C GLU A 246 40.62 -19.08 -46.16
N GLY A 247 40.29 -17.80 -46.26
CA GLY A 247 40.80 -17.00 -47.37
C GLY A 247 42.31 -16.93 -47.38
N GLN A 248 42.92 -16.74 -46.21
CA GLN A 248 44.38 -16.70 -46.13
C GLN A 248 44.98 -18.02 -46.55
N LEU A 249 44.35 -19.14 -46.15
CA LEU A 249 44.85 -20.44 -46.57
C LEU A 249 44.82 -20.57 -48.08
N THR A 250 43.73 -20.13 -48.71
CA THR A 250 43.64 -20.22 -50.17
C THR A 250 44.73 -19.38 -50.83
N ASN A 251 44.94 -18.15 -50.33
CA ASN A 251 45.97 -17.31 -50.90
C ASN A 251 47.35 -17.93 -50.74
N ILE A 252 47.62 -18.52 -49.57
CA ILE A 252 48.90 -19.16 -49.32
C ILE A 252 49.10 -20.33 -50.28
N SER A 253 48.06 -21.13 -50.49
CA SER A 253 48.19 -22.25 -51.42
C SER A 253 48.49 -21.76 -52.83
N SER A 254 47.81 -20.69 -53.25
CA SER A 254 48.08 -20.14 -54.58
C SER A 254 49.52 -19.66 -54.70
N LEU A 255 50.02 -18.97 -53.68
CA LEU A 255 51.40 -18.49 -53.73
C LEU A 255 52.38 -19.64 -53.75
N GLN A 256 52.11 -20.70 -52.98
CA GLN A 256 52.98 -21.87 -52.98
C GLN A 256 53.00 -22.53 -54.36
N GLN A 257 51.84 -22.62 -55.01
CA GLN A 257 51.80 -23.16 -56.36
C GLN A 257 52.62 -22.31 -57.32
N ARG A 258 52.50 -20.98 -57.21
CA ARG A 258 53.28 -20.09 -58.07
C ARG A 258 54.77 -20.30 -57.86
N THR A 259 55.19 -20.38 -56.59
CA THR A 259 56.61 -20.58 -56.30
C THR A 259 57.08 -21.94 -56.79
N SER A 260 56.25 -22.97 -56.69
CA SER A 260 56.65 -24.28 -57.21
C SER A 260 56.85 -24.22 -58.71
N SER A 261 55.94 -23.54 -59.43
CA SER A 261 56.11 -23.41 -60.87
C SER A 261 57.40 -22.66 -61.20
N LEU A 262 57.67 -21.57 -60.47
CA LEU A 262 58.90 -20.83 -60.72
C LEU A 262 60.12 -21.66 -60.41
N TYR A 263 60.07 -22.47 -59.35
CA TYR A 263 61.19 -23.33 -58.99
C TYR A 263 61.45 -24.35 -60.08
N ASN A 264 60.39 -24.96 -60.62
CA ASN A 264 60.56 -25.91 -61.72
C ASN A 264 61.18 -25.24 -62.93
N LYS A 265 60.66 -24.06 -63.29
CA LYS A 265 61.20 -23.35 -64.45
C LYS A 265 62.66 -23.01 -64.24
N THR A 266 63.01 -22.53 -63.03
CA THR A 266 64.38 -22.14 -62.75
C THR A 266 65.32 -23.33 -62.80
N ARG A 267 64.93 -24.45 -62.19
CA ARG A 267 65.81 -25.61 -62.21
C ARG A 267 66.03 -26.11 -63.63
N GLN A 268 64.96 -26.19 -64.42
CA GLN A 268 65.10 -26.66 -65.79
C GLN A 268 65.99 -25.70 -66.60
N PHE A 269 65.73 -24.39 -66.46
CA PHE A 269 66.51 -23.41 -67.20
C PHE A 269 67.99 -23.50 -66.83
N GLY A 270 68.28 -23.54 -65.54
CA GLY A 270 69.67 -23.59 -65.11
C GLY A 270 70.37 -24.86 -65.56
N ILE A 271 69.68 -25.99 -65.44
CA ILE A 271 70.29 -27.26 -65.85
C ILE A 271 70.62 -27.22 -67.33
N THR A 272 69.64 -26.81 -68.15
CA THR A 272 69.87 -26.80 -69.59
C THR A 272 70.95 -25.80 -69.97
N ALA A 273 70.94 -24.62 -69.36
CA ALA A 273 71.94 -23.60 -69.69
C ALA A 273 73.34 -24.08 -69.33
N ALA A 274 73.50 -24.67 -68.14
CA ALA A 274 74.81 -25.17 -67.74
C ALA A 274 75.27 -26.28 -68.67
N LEU A 275 74.38 -27.22 -68.99
CA LEU A 275 74.74 -28.30 -69.89
C LEU A 275 75.17 -27.76 -71.25
N ILE A 276 74.43 -26.78 -71.78
CA ILE A 276 74.74 -26.26 -73.10
C ILE A 276 76.09 -25.52 -73.08
N GLU A 277 76.29 -24.65 -72.11
CA GLU A 277 77.51 -23.86 -72.07
C GLU A 277 78.73 -24.66 -71.62
N ILE A 278 78.52 -25.86 -71.08
CA ILE A 278 79.64 -26.68 -70.62
C ILE A 278 79.99 -27.73 -71.66
N LEU A 279 79.03 -28.60 -71.98
CA LEU A 279 79.23 -29.69 -72.92
C LEU A 279 78.79 -29.32 -74.34
N SER A 280 78.69 -28.04 -74.64
CA SER A 280 78.33 -27.61 -75.98
C SER A 280 78.63 -26.12 -76.18
N HIS B 22 22.30 6.47 -44.55
CA HIS B 22 22.93 5.79 -43.42
C HIS B 22 22.00 5.76 -42.20
N ASP B 23 21.54 4.57 -41.85
CA ASP B 23 20.67 4.40 -40.69
C ASP B 23 20.92 3.02 -40.11
N LEU B 24 21.59 2.97 -38.97
CA LEU B 24 21.95 1.69 -38.39
C LEU B 24 20.72 1.00 -37.81
N PRO B 25 20.61 -0.32 -37.92
CA PRO B 25 19.51 -1.03 -37.25
C PRO B 25 19.60 -0.94 -35.74
N GLU B 26 18.60 -1.47 -35.06
CA GLU B 26 18.62 -1.59 -33.60
C GLU B 26 18.50 -3.07 -33.25
N GLY B 27 19.36 -3.53 -32.34
CA GLY B 27 19.47 -4.94 -32.05
C GLY B 27 18.15 -5.63 -31.74
N PHE B 28 17.12 -4.86 -31.40
CA PHE B 28 15.82 -5.43 -31.12
C PHE B 28 15.07 -5.86 -32.36
N GLU B 29 15.50 -5.41 -33.55
CA GLU B 29 14.82 -5.79 -34.79
C GLU B 29 15.09 -7.25 -35.16
N PHE B 30 16.19 -7.83 -34.68
CA PHE B 30 16.52 -9.21 -35.00
C PHE B 30 15.79 -10.21 -34.11
N MET B 31 15.06 -9.75 -33.11
CA MET B 31 14.32 -10.62 -32.21
C MET B 31 12.84 -10.48 -32.54
N GLU B 32 12.27 -11.53 -33.13
CA GLU B 32 10.89 -11.51 -33.59
C GLU B 32 9.90 -12.04 -32.56
N HIS B 33 10.39 -12.57 -31.44
CA HIS B 33 9.51 -13.01 -30.36
C HIS B 33 9.22 -11.82 -29.47
N LYS B 34 8.24 -11.02 -29.91
CA LYS B 34 7.90 -9.79 -29.23
C LYS B 34 7.00 -10.06 -28.02
N VAL B 35 6.61 -8.99 -27.34
CA VAL B 35 5.79 -9.06 -26.14
C VAL B 35 4.36 -8.66 -26.52
N VAL B 36 3.41 -9.53 -26.22
CA VAL B 36 2.01 -9.31 -26.57
C VAL B 36 1.34 -8.60 -25.40
N ASN B 37 0.97 -7.34 -25.61
CA ASN B 37 0.31 -6.53 -24.60
C ASN B 37 -1.15 -6.40 -24.97
N LYS B 38 -2.04 -6.77 -24.04
CA LYS B 38 -3.46 -6.74 -24.29
C LYS B 38 -4.00 -5.32 -24.21
N ASP B 39 -4.98 -5.03 -25.06
CA ASP B 39 -5.55 -3.69 -25.13
C ASP B 39 -6.55 -3.46 -24.01
N ILE B 40 -6.73 -2.18 -23.66
CA ILE B 40 -7.53 -1.82 -22.50
C ILE B 40 -8.99 -2.20 -22.70
N HIS B 41 -9.57 -1.80 -23.84
CA HIS B 41 -11.00 -2.01 -24.08
C HIS B 41 -11.14 -3.25 -24.97
N ALA B 42 -11.00 -4.42 -24.35
CA ALA B 42 -11.11 -5.69 -25.05
C ALA B 42 -11.80 -6.70 -24.14
N PRO B 43 -12.41 -7.73 -24.73
CA PRO B 43 -13.05 -8.76 -23.90
C PRO B 43 -12.05 -9.57 -23.11
N HIS B 44 -12.53 -10.13 -22.01
CA HIS B 44 -11.70 -10.96 -21.15
C HIS B 44 -11.71 -12.40 -21.63
N GLU B 45 -10.62 -13.10 -21.36
CA GLU B 45 -10.47 -14.51 -21.72
C GLU B 45 -10.03 -15.30 -20.50
N ASN B 46 -10.60 -16.49 -20.34
CA ASN B 46 -10.24 -17.38 -19.25
C ASN B 46 -9.11 -18.30 -19.72
N LEU B 47 -7.95 -18.16 -19.09
CA LEU B 47 -6.76 -18.91 -19.45
C LEU B 47 -6.53 -20.03 -18.44
N GLU B 48 -6.07 -21.17 -18.94
CA GLU B 48 -5.77 -22.32 -18.10
C GLU B 48 -4.28 -22.58 -17.97
N THR B 49 -3.43 -21.87 -18.70
CA THR B 49 -1.99 -22.06 -18.64
C THR B 49 -1.30 -20.70 -18.71
N LEU B 50 -0.10 -20.63 -18.14
CA LEU B 50 0.71 -19.44 -18.12
C LEU B 50 1.98 -19.68 -18.90
N ARG B 51 2.29 -18.78 -19.83
CA ARG B 51 3.51 -18.89 -20.62
C ARG B 51 4.67 -18.30 -19.82
N LEU B 52 5.54 -19.17 -19.33
CA LEU B 52 6.71 -18.76 -18.56
C LEU B 52 7.93 -18.65 -19.46
N THR B 53 8.79 -17.70 -19.14
CA THR B 53 10.04 -17.48 -19.87
C THR B 53 11.13 -17.19 -18.84
N LEU B 54 11.88 -18.22 -18.49
CA LEU B 54 12.90 -18.13 -17.45
C LEU B 54 14.27 -17.98 -18.09
N THR B 55 15.00 -16.94 -17.70
CA THR B 55 16.21 -16.52 -18.39
C THR B 55 17.34 -16.28 -17.41
N ARG B 56 18.55 -16.64 -17.83
CA ARG B 56 19.77 -16.40 -17.04
C ARG B 56 20.87 -15.94 -17.99
N GLN B 57 21.32 -14.70 -17.83
CA GLN B 57 22.45 -14.16 -18.58
C GLN B 57 22.28 -14.38 -20.08
N ASP B 58 21.20 -13.79 -20.61
CA ASP B 58 20.90 -13.88 -22.04
C ASP B 58 20.85 -15.34 -22.49
N GLU B 59 20.25 -16.18 -21.66
CA GLU B 59 20.07 -17.59 -21.96
C GLU B 59 18.82 -18.06 -21.24
N PHE B 60 17.95 -18.76 -21.96
CA PHE B 60 16.70 -19.22 -21.39
C PHE B 60 16.78 -20.71 -21.06
N LEU B 61 16.15 -21.08 -19.95
CA LEU B 61 15.94 -22.48 -19.61
C LEU B 61 14.58 -22.98 -20.06
N LEU B 62 13.58 -22.09 -20.11
CA LEU B 62 12.24 -22.41 -20.58
C LEU B 62 11.82 -21.37 -21.59
N ARG B 63 11.22 -21.84 -22.69
CA ARG B 63 10.81 -20.98 -23.79
C ARG B 63 9.28 -20.98 -23.87
N GLU B 64 8.67 -19.97 -23.28
CA GLU B 64 7.21 -19.81 -23.30
C GLU B 64 6.53 -21.12 -22.90
N GLU B 65 7.04 -21.73 -21.85
CA GLU B 65 6.52 -23.02 -21.41
C GLU B 65 5.17 -22.84 -20.72
N PRO B 66 4.14 -23.58 -21.10
CA PRO B 66 2.87 -23.51 -20.36
C PRO B 66 2.99 -24.22 -19.02
N VAL B 67 2.70 -23.48 -17.95
CA VAL B 67 2.76 -24.01 -16.59
C VAL B 67 1.50 -23.59 -15.86
N LYS B 68 1.16 -24.34 -14.82
CA LYS B 68 -0.02 -24.03 -14.03
C LYS B 68 0.19 -22.77 -13.20
N CYS B 69 1.33 -22.68 -12.51
CA CYS B 69 1.60 -21.53 -11.67
C CYS B 69 3.09 -21.41 -11.42
N VAL B 70 3.51 -20.21 -11.02
CA VAL B 70 4.90 -19.96 -10.65
C VAL B 70 4.92 -19.14 -9.36
N THR B 71 5.71 -19.57 -8.41
CA THR B 71 5.89 -18.89 -7.13
C THR B 71 7.26 -18.23 -7.11
N VAL B 72 7.27 -16.92 -6.92
CA VAL B 72 8.51 -16.13 -6.94
C VAL B 72 8.57 -15.29 -5.67
N THR B 73 9.75 -15.27 -5.04
CA THR B 73 9.94 -14.53 -3.79
C THR B 73 10.44 -13.13 -4.13
N GLY B 74 9.55 -12.14 -4.02
CA GLY B 74 9.90 -10.76 -4.27
C GLY B 74 10.43 -10.08 -3.03
N THR B 75 10.73 -8.78 -3.19
CA THR B 75 11.26 -8.01 -2.07
C THR B 75 10.23 -7.85 -0.97
N ASN B 76 9.02 -7.39 -1.32
CA ASN B 76 7.98 -7.25 -0.32
C ASN B 76 7.55 -8.61 0.24
N GLY B 77 7.42 -9.61 -0.63
CA GLY B 77 7.04 -10.93 -0.17
C GLY B 77 6.84 -11.86 -1.33
N GLU B 78 6.33 -13.05 -1.03
CA GLU B 78 6.10 -14.05 -2.06
C GLU B 78 4.92 -13.67 -2.95
N TYR B 79 5.02 -14.06 -4.21
CA TYR B 79 3.96 -13.87 -5.19
C TYR B 79 3.66 -15.21 -5.84
N GLY B 80 2.37 -15.57 -5.85
CA GLY B 80 1.93 -16.75 -6.56
C GLY B 80 1.21 -16.36 -7.83
N ILE B 81 1.87 -16.54 -8.97
CA ILE B 81 1.37 -16.07 -10.25
C ILE B 81 0.65 -17.22 -10.94
N TYR B 82 -0.61 -16.98 -11.26
CA TYR B 82 -1.49 -17.87 -12.00
C TYR B 82 -1.97 -17.14 -13.25
N PRO B 83 -2.50 -17.87 -14.23
CA PRO B 83 -2.92 -17.23 -15.48
C PRO B 83 -3.89 -16.07 -15.23
N GLY B 84 -3.67 -14.98 -15.96
CA GLY B 84 -4.51 -13.81 -15.84
C GLY B 84 -4.08 -12.81 -14.79
N HIS B 85 -2.91 -12.98 -14.19
CA HIS B 85 -2.45 -12.07 -13.16
C HIS B 85 -2.27 -10.67 -13.73
N ALA B 86 -2.50 -9.66 -12.89
CA ALA B 86 -2.43 -8.28 -13.32
C ALA B 86 -1.00 -7.91 -13.73
N TYR B 87 -0.92 -6.98 -14.68
CA TYR B 87 0.39 -6.53 -15.15
C TYR B 87 1.19 -5.97 -13.97
N LYS B 88 2.42 -6.44 -13.82
CA LYS B 88 3.21 -6.03 -12.67
C LYS B 88 4.68 -6.24 -12.95
N ILE B 89 5.51 -5.53 -12.18
CA ILE B 89 6.96 -5.66 -12.20
C ILE B 89 7.40 -5.99 -10.78
N VAL B 90 8.21 -7.04 -10.64
CA VAL B 90 8.65 -7.52 -9.34
C VAL B 90 10.17 -7.54 -9.32
N GLN B 91 10.76 -6.99 -8.26
CA GLN B 91 12.20 -6.97 -8.07
C GLN B 91 12.55 -8.15 -7.16
N LEU B 92 13.11 -9.19 -7.76
CA LEU B 92 13.36 -10.42 -7.03
C LEU B 92 14.48 -10.24 -6.01
N ASN B 93 14.54 -11.17 -5.07
CA ASN B 93 15.60 -11.27 -4.09
C ASN B 93 16.15 -12.68 -4.13
N PRO B 94 17.39 -12.88 -3.68
CA PRO B 94 17.94 -14.25 -3.65
C PRO B 94 17.00 -15.21 -2.97
N SER B 95 16.47 -16.18 -3.72
CA SER B 95 15.43 -17.02 -3.15
C SER B 95 15.05 -18.15 -4.10
N PRO B 96 14.31 -19.15 -3.61
CA PRO B 96 13.81 -20.19 -4.50
C PRO B 96 12.70 -19.67 -5.41
N LEU B 97 12.53 -20.38 -6.52
CA LEU B 97 11.48 -20.10 -7.49
C LEU B 97 10.86 -21.42 -7.88
N THR B 98 9.54 -21.54 -7.70
CA THR B 98 8.85 -22.81 -7.93
C THR B 98 7.99 -22.70 -9.18
N VAL B 99 7.97 -23.77 -9.97
CA VAL B 99 7.16 -23.85 -11.19
C VAL B 99 6.35 -25.13 -11.13
N GLU B 100 5.03 -25.01 -11.10
CA GLU B 100 4.15 -26.16 -11.03
C GLU B 100 3.37 -26.25 -12.34
N TYR B 101 3.52 -27.37 -13.03
CA TYR B 101 2.85 -27.61 -14.30
C TYR B 101 1.43 -28.08 -14.08
N THR B 102 0.63 -28.01 -15.15
CA THR B 102 -0.73 -28.51 -15.09
C THR B 102 -0.77 -30.01 -14.88
N ASP B 103 0.29 -30.72 -15.26
CA ASP B 103 0.35 -32.17 -15.05
C ASP B 103 0.36 -32.50 -13.56
N GLY B 104 1.08 -31.72 -12.77
CA GLY B 104 1.22 -31.97 -11.35
C GLY B 104 2.66 -32.22 -10.96
N THR B 105 3.59 -31.65 -11.71
CA THR B 105 5.02 -31.81 -11.49
C THR B 105 5.62 -30.48 -11.08
N THR B 106 6.45 -30.50 -10.03
CA THR B 106 7.04 -29.29 -9.48
C THR B 106 8.53 -29.25 -9.82
N LYS B 107 8.99 -28.10 -10.30
CA LYS B 107 10.38 -27.87 -10.61
C LYS B 107 10.85 -26.63 -9.86
N LYS B 108 11.92 -26.77 -9.08
CA LYS B 108 12.38 -25.73 -8.17
C LYS B 108 13.77 -25.26 -8.58
N TYR B 109 13.89 -23.96 -8.83
CA TYR B 109 15.17 -23.30 -9.05
C TYR B 109 15.50 -22.41 -7.86
N PHE B 110 16.70 -21.84 -7.90
CA PHE B 110 17.10 -20.81 -6.94
C PHE B 110 17.74 -19.69 -7.73
N VAL B 111 17.38 -18.46 -7.40
CA VAL B 111 17.82 -17.28 -8.13
C VAL B 111 18.59 -16.38 -7.18
N SER B 112 19.52 -15.62 -7.74
CA SER B 112 20.33 -14.68 -6.97
C SER B 112 19.88 -13.24 -7.12
N GLY B 113 19.02 -12.96 -8.10
CA GLY B 113 18.53 -11.62 -8.32
C GLY B 113 17.90 -11.50 -9.68
N GLY B 114 17.36 -10.31 -9.94
CA GLY B 114 16.78 -10.03 -11.24
C GLY B 114 15.40 -9.40 -11.16
N PHE B 115 14.60 -9.63 -12.20
CA PHE B 115 13.28 -9.02 -12.32
C PHE B 115 12.30 -10.04 -12.85
N ALA B 116 11.02 -9.80 -12.57
CA ALA B 116 9.93 -10.63 -13.07
C ALA B 116 8.85 -9.70 -13.62
N HIS B 117 8.56 -9.84 -14.90
CA HIS B 117 7.55 -9.04 -15.58
C HIS B 117 6.34 -9.92 -15.83
N ILE B 118 5.20 -9.53 -15.27
CA ILE B 118 3.96 -10.28 -15.39
C ILE B 118 3.02 -9.48 -16.28
N ASN B 119 2.44 -10.15 -17.27
CA ASN B 119 1.54 -9.51 -18.23
C ASN B 119 0.14 -10.08 -18.08
N ASN B 120 -0.86 -9.21 -18.21
CA ASN B 120 -2.25 -9.64 -18.08
C ASN B 120 -2.69 -10.52 -19.25
N GLU B 121 -1.88 -10.64 -20.29
CA GLU B 121 -2.21 -11.49 -21.42
C GLU B 121 -1.85 -12.95 -21.18
N GLY B 122 -1.20 -13.27 -20.06
CA GLY B 122 -0.88 -14.64 -19.72
C GLY B 122 0.57 -15.00 -19.95
N SER B 123 1.49 -14.09 -19.59
CA SER B 123 2.91 -14.33 -19.75
C SER B 123 3.65 -13.86 -18.51
N CYS B 124 4.75 -14.55 -18.20
CA CYS B 124 5.61 -14.19 -17.08
C CYS B 124 7.06 -14.39 -17.51
N ASP B 125 7.79 -13.28 -17.65
CA ASP B 125 9.19 -13.31 -18.02
C ASP B 125 10.04 -13.05 -16.78
N VAL B 126 10.76 -14.07 -16.34
CA VAL B 126 11.60 -14.00 -15.16
C VAL B 126 13.05 -13.96 -15.65
N ASN B 127 13.64 -12.77 -15.62
CA ASN B 127 15.02 -12.58 -16.07
C ASN B 127 15.90 -12.45 -14.84
N THR B 128 16.76 -13.44 -14.61
CA THR B 128 17.61 -13.51 -13.44
C THR B 128 19.07 -13.45 -13.86
N VAL B 129 19.90 -12.93 -12.97
CA VAL B 129 21.35 -12.93 -13.22
C VAL B 129 21.88 -14.35 -13.17
N GLU B 130 21.35 -15.17 -12.26
CA GLU B 130 21.78 -16.56 -12.13
C GLU B 130 20.63 -17.36 -11.56
N CYS B 131 20.19 -18.39 -12.30
CA CYS B 131 19.11 -19.26 -11.89
C CYS B 131 19.59 -20.70 -12.02
N THR B 132 19.80 -21.36 -10.89
CA THR B 132 20.39 -22.70 -10.87
C THR B 132 19.51 -23.64 -10.08
N LEU B 133 19.50 -24.91 -10.50
CA LEU B 133 18.67 -25.91 -9.83
C LEU B 133 19.02 -25.99 -8.36
N LEU B 134 17.99 -26.13 -7.53
CA LEU B 134 18.21 -26.29 -6.09
C LEU B 134 19.01 -27.55 -5.80
N ASP B 135 18.88 -28.57 -6.65
CA ASP B 135 19.64 -29.80 -6.46
C ASP B 135 21.14 -29.53 -6.61
N ASP B 136 21.51 -28.69 -7.57
CA ASP B 136 22.92 -28.41 -7.80
C ASP B 136 23.59 -27.83 -6.56
N LEU B 137 22.83 -27.16 -5.69
CA LEU B 137 23.38 -26.59 -4.48
C LEU B 137 23.60 -27.68 -3.43
N ASP B 138 24.57 -27.42 -2.56
CA ASP B 138 24.94 -28.34 -1.49
C ASP B 138 24.83 -27.63 -0.15
N LEU B 139 24.73 -28.44 0.91
CA LEU B 139 24.51 -27.90 2.24
C LEU B 139 25.82 -27.57 2.96
N ALA B 140 26.70 -28.55 3.09
CA ALA B 140 27.94 -28.34 3.84
C ALA B 140 28.74 -27.17 3.28
N ILE B 141 28.74 -27.01 1.95
CA ILE B 141 29.45 -25.89 1.34
C ILE B 141 28.88 -24.58 1.84
N ALA B 142 27.55 -24.48 1.89
CA ALA B 142 26.91 -23.27 2.38
C ALA B 142 27.25 -23.03 3.84
N GLU B 143 27.26 -24.08 4.66
CA GLU B 143 27.59 -23.92 6.06
C GLU B 143 29.00 -23.40 6.26
N LYS B 144 29.97 -23.99 5.56
CA LYS B 144 31.35 -23.55 5.72
C LYS B 144 31.53 -22.13 5.21
N GLU B 145 30.91 -21.78 4.08
CA GLU B 145 31.01 -20.43 3.57
C GLU B 145 30.38 -19.44 4.55
N LEU B 146 29.26 -19.82 5.16
CA LEU B 146 28.63 -18.96 6.15
C LEU B 146 29.54 -18.74 7.35
N ALA B 147 30.20 -19.80 7.81
CA ALA B 147 31.12 -19.65 8.94
C ALA B 147 32.28 -18.73 8.56
N ALA B 148 32.83 -18.89 7.37
CA ALA B 148 33.92 -18.03 6.94
C ALA B 148 33.47 -16.57 6.85
N GLN B 149 32.28 -16.32 6.32
CA GLN B 149 31.79 -14.96 6.22
C GLN B 149 31.54 -14.36 7.60
N GLN B 150 31.01 -15.16 8.53
CA GLN B 150 30.83 -14.67 9.89
C GLN B 150 32.16 -14.31 10.52
N ALA B 151 33.18 -15.16 10.32
CA ALA B 151 34.49 -14.86 10.86
C ALA B 151 35.07 -13.58 10.26
N ALA B 152 34.89 -13.39 8.95
CA ALA B 152 35.42 -12.21 8.28
C ALA B 152 34.63 -10.96 8.63
N LEU B 153 33.37 -11.09 9.06
CA LEU B 153 32.57 -9.91 9.38
C LEU B 153 33.21 -9.12 10.52
N GLY B 154 33.67 -9.80 11.55
CA GLY B 154 34.35 -9.12 12.64
C GLY B 154 35.58 -8.37 12.17
N SER B 155 36.33 -8.95 11.23
CA SER B 155 37.52 -8.33 10.68
C SER B 155 37.24 -7.49 9.44
N ALA B 156 36.00 -7.03 9.28
CA ALA B 156 35.66 -6.20 8.12
C ALA B 156 36.51 -4.94 8.12
N LYS B 157 37.07 -4.62 6.96
CA LYS B 157 37.96 -3.46 6.86
C LYS B 157 37.24 -2.18 7.21
N ASP B 158 36.02 -2.00 6.71
CA ASP B 158 35.25 -0.79 6.93
C ASP B 158 33.77 -1.13 6.81
N ASP B 159 32.93 -0.10 6.75
CA ASP B 159 31.49 -0.33 6.69
C ASP B 159 31.10 -1.06 5.41
N LYS B 160 31.72 -0.71 4.28
CA LYS B 160 31.37 -1.34 3.02
C LYS B 160 31.63 -2.84 3.06
N ALA B 161 32.77 -3.25 3.63
CA ALA B 161 33.04 -4.68 3.76
C ALA B 161 32.00 -5.36 4.63
N LYS B 162 31.57 -4.69 5.70
CA LYS B 162 30.53 -5.25 6.56
C LYS B 162 29.24 -5.45 5.77
N SER B 163 28.85 -4.46 4.97
CA SER B 163 27.63 -4.59 4.18
C SER B 163 27.75 -5.72 3.16
N VAL B 164 28.91 -5.84 2.51
CA VAL B 164 29.10 -6.91 1.53
C VAL B 164 29.01 -8.28 2.20
N VAL B 165 29.65 -8.42 3.36
CA VAL B 165 29.62 -9.69 4.07
C VAL B 165 28.20 -10.00 4.53
N GLU B 166 27.45 -8.96 4.93
CA GLU B 166 26.06 -9.17 5.30
C GLU B 166 25.25 -9.65 4.11
N ILE B 167 25.50 -9.09 2.93
CA ILE B 167 24.81 -9.54 1.72
C ILE B 167 25.09 -11.02 1.47
N ARG B 168 26.37 -11.39 1.52
CA ARG B 168 26.73 -12.78 1.28
C ARG B 168 26.10 -13.70 2.32
N ILE B 169 26.09 -13.28 3.58
CA ILE B 169 25.51 -14.09 4.64
C ILE B 169 24.02 -14.27 4.43
N SER B 170 23.33 -13.20 4.00
CA SER B 170 21.91 -13.31 3.73
C SER B 170 21.65 -14.29 2.60
N VAL B 171 22.46 -14.23 1.54
CA VAL B 171 22.28 -15.16 0.43
C VAL B 171 22.47 -16.59 0.91
N ILE B 172 23.52 -16.83 1.70
CA ILE B 172 23.79 -18.19 2.16
C ILE B 172 22.68 -18.67 3.07
N GLU B 173 22.17 -17.81 3.95
CA GLU B 173 21.08 -18.19 4.83
C GLU B 173 19.83 -18.54 4.03
N ALA B 174 19.53 -17.76 2.99
CA ALA B 174 18.39 -18.08 2.15
C ALA B 174 18.58 -19.43 1.46
N VAL B 175 19.79 -19.70 0.98
CA VAL B 175 20.06 -20.99 0.34
C VAL B 175 19.84 -22.12 1.32
N ILE B 176 20.35 -21.97 2.54
CA ILE B 176 20.25 -23.03 3.54
C ILE B 176 18.79 -23.25 3.92
N ALA B 177 18.03 -22.17 4.09
CA ALA B 177 16.61 -22.31 4.41
C ALA B 177 15.87 -23.01 3.29
N ALA B 178 16.17 -22.66 2.03
CA ALA B 178 15.52 -23.33 0.92
C ALA B 178 15.85 -24.82 0.91
N LEU B 179 17.11 -25.17 1.18
CA LEU B 179 17.48 -26.58 1.21
C LEU B 179 16.77 -27.32 2.33
N LYS B 180 16.72 -26.72 3.52
CA LYS B 180 16.14 -27.40 4.67
C LYS B 180 14.63 -27.54 4.55
N HIS B 181 13.97 -26.58 3.91
CA HIS B 181 12.53 -26.67 3.73
C HIS B 181 12.16 -28.00 3.07
N HIS B 182 12.90 -28.40 2.05
CA HIS B 182 12.69 -29.68 1.38
C HIS B 182 13.81 -29.95 0.38
N SER C 11 19.89 -3.94 1.67
CA SER C 11 19.47 -3.48 2.99
C SER C 11 20.32 -2.29 3.45
N SER C 12 21.46 -2.60 4.08
CA SER C 12 22.37 -1.58 4.58
C SER C 12 23.43 -1.18 3.56
N TRP C 13 23.51 -1.86 2.43
CA TRP C 13 24.55 -1.54 1.44
C TRP C 13 24.22 -0.27 0.66
N ARG C 14 22.94 0.05 0.51
CA ARG C 14 22.58 1.26 -0.24
C ARG C 14 23.13 2.51 0.45
N ASP C 15 23.06 2.54 1.78
CA ASP C 15 23.52 3.72 2.51
C ASP C 15 25.00 3.98 2.29
N HIS C 16 25.77 2.94 1.97
CA HIS C 16 27.20 3.07 1.76
C HIS C 16 27.56 3.37 0.32
N GLY C 17 26.57 3.58 -0.55
CA GLY C 17 26.82 3.93 -1.93
C GLY C 17 26.97 2.76 -2.88
N ILE C 18 26.98 1.53 -2.37
CA ILE C 18 27.09 0.37 -3.25
C ILE C 18 25.88 0.31 -4.16
N SER C 19 26.13 0.13 -5.45
CA SER C 19 25.08 0.14 -6.45
C SER C 19 24.36 -1.22 -6.47
N TYR C 20 23.33 -1.31 -7.32
CA TYR C 20 22.56 -2.53 -7.42
C TYR C 20 23.32 -3.60 -8.20
N LEU C 21 24.06 -3.19 -9.22
CA LEU C 21 24.78 -4.15 -10.05
C LEU C 21 25.85 -4.87 -9.25
N LYS C 22 26.57 -4.15 -8.39
CA LYS C 22 27.57 -4.78 -7.54
C LYS C 22 26.91 -5.75 -6.57
N TYR C 23 25.72 -5.40 -6.06
CA TYR C 23 24.98 -6.31 -5.20
C TYR C 23 24.62 -7.58 -5.94
N LEU C 24 24.19 -7.45 -7.21
CA LEU C 24 23.88 -8.64 -7.99
C LEU C 24 25.12 -9.49 -8.21
N ASN C 25 26.25 -8.86 -8.50
CA ASN C 25 27.48 -9.62 -8.72
C ASN C 25 27.88 -10.38 -7.46
N VAL C 26 27.77 -9.72 -6.30
CA VAL C 26 28.10 -10.38 -5.04
C VAL C 26 27.17 -11.56 -4.80
N CYS C 27 25.87 -11.36 -5.03
CA CYS C 27 24.91 -12.44 -4.83
C CYS C 27 25.22 -13.63 -5.73
N THR C 28 25.54 -13.36 -7.00
CA THR C 28 25.86 -14.45 -7.93
C THR C 28 27.12 -15.17 -7.51
N GLU C 29 28.15 -14.42 -7.09
CA GLU C 29 29.39 -15.06 -6.67
C GLU C 29 29.16 -15.96 -5.47
N THR C 30 28.38 -15.49 -4.49
CA THR C 30 28.07 -16.33 -3.33
C THR C 30 27.28 -17.57 -3.75
N LEU C 31 26.30 -17.39 -4.63
CA LEU C 31 25.52 -18.54 -5.09
C LEU C 31 26.39 -19.57 -5.76
N HIS C 32 27.33 -19.11 -6.61
CA HIS C 32 28.26 -20.04 -7.24
C HIS C 32 29.12 -20.73 -6.20
N SER C 33 29.59 -20.00 -5.19
CA SER C 33 30.39 -20.61 -4.14
C SER C 33 29.60 -21.66 -3.37
N THR C 34 28.27 -21.56 -3.37
CA THR C 34 27.44 -22.55 -2.70
C THR C 34 27.14 -23.77 -3.56
N VAL C 35 27.61 -23.80 -4.81
CA VAL C 35 27.30 -24.89 -5.71
C VAL C 35 28.13 -26.12 -5.36
N LYS C 36 27.62 -27.28 -5.76
CA LYS C 36 28.35 -28.53 -5.58
C LYS C 36 29.70 -28.47 -6.29
N GLU C 37 30.58 -29.41 -5.93
CA GLU C 37 31.91 -29.44 -6.51
C GLU C 37 31.85 -29.69 -8.02
N SER C 38 31.00 -30.62 -8.45
CA SER C 38 30.99 -31.03 -9.85
C SER C 38 30.54 -29.89 -10.76
N ARG C 39 29.40 -29.26 -10.45
CA ARG C 39 28.85 -28.27 -11.34
C ARG C 39 29.60 -26.95 -11.31
N ARG C 40 30.27 -26.64 -10.19
CA ARG C 40 30.88 -25.32 -10.05
C ARG C 40 31.81 -25.01 -11.20
N ALA C 41 32.49 -26.04 -11.74
CA ALA C 41 33.43 -25.82 -12.83
C ALA C 41 32.80 -25.02 -13.96
N LYS C 42 31.53 -25.29 -14.26
CA LYS C 42 30.81 -24.47 -15.23
C LYS C 42 30.44 -23.12 -14.63
N TYR C 43 29.75 -23.12 -13.49
CA TYR C 43 29.17 -21.89 -12.97
C TYR C 43 30.24 -20.86 -12.66
N GLU C 44 31.39 -21.30 -12.13
CA GLU C 44 32.44 -20.36 -11.79
C GLU C 44 32.93 -19.58 -13.00
N ARG C 45 32.72 -20.10 -14.21
CA ARG C 45 33.14 -19.37 -15.41
C ARG C 45 32.27 -18.15 -15.69
N TRP C 46 31.14 -18.00 -15.00
CA TRP C 46 30.24 -16.89 -15.20
C TRP C 46 30.42 -15.79 -14.18
N SER C 47 31.42 -15.91 -13.29
CA SER C 47 31.64 -14.91 -12.26
C SER C 47 33.10 -14.50 -12.10
N LYS C 48 34.05 -15.24 -12.66
CA LYS C 48 35.45 -14.87 -12.52
C LYS C 48 35.72 -13.54 -13.21
N PRO C 49 36.23 -12.53 -12.52
CA PRO C 49 36.56 -11.28 -13.21
C PRO C 49 37.79 -11.45 -14.10
N CYS C 50 37.65 -11.07 -15.37
CA CYS C 50 38.76 -11.07 -16.30
C CYS C 50 38.74 -9.82 -17.17
N TYR C 51 38.24 -8.72 -16.64
CA TYR C 51 38.09 -7.47 -17.38
C TYR C 51 38.88 -6.36 -16.70
N THR C 52 39.47 -5.49 -17.50
CA THR C 52 40.32 -4.42 -17.01
C THR C 52 40.14 -3.19 -17.88
N ALA C 53 40.45 -2.04 -17.31
CA ALA C 53 40.39 -0.76 -18.00
C ALA C 53 41.80 -0.26 -18.27
N GLN C 54 42.05 0.19 -19.50
CA GLN C 54 43.36 0.63 -19.90
C GLN C 54 43.26 1.86 -20.78
N ARG C 55 44.29 2.70 -20.69
CA ARG C 55 44.47 3.83 -21.58
C ARG C 55 45.91 3.84 -22.09
N PRO C 56 46.12 4.07 -23.39
CA PRO C 56 47.50 4.11 -23.91
C PRO C 56 48.16 5.43 -23.58
N ASP C 57 49.34 5.35 -22.95
CA ASP C 57 50.11 6.53 -22.61
C ASP C 57 51.09 6.85 -23.73
N GLY C 58 51.92 7.88 -23.51
CA GLY C 58 52.91 8.24 -24.51
C GLY C 58 53.96 7.18 -24.70
N ALA C 59 54.45 6.60 -23.60
CA ALA C 59 55.49 5.58 -23.69
C ALA C 59 54.98 4.29 -24.30
N GLY C 60 53.66 4.10 -24.37
CA GLY C 60 53.08 2.85 -24.80
C GLY C 60 52.55 1.99 -23.68
N GLY C 61 52.91 2.30 -22.44
CA GLY C 61 52.39 1.52 -21.32
C GLY C 61 50.88 1.70 -21.19
N GLN C 62 50.21 0.60 -20.84
CA GLN C 62 48.75 0.61 -20.72
C GLN C 62 48.40 1.04 -19.30
N GLU C 63 48.23 2.35 -19.13
CA GLU C 63 47.87 2.89 -17.82
C GLU C 63 46.53 2.33 -17.39
N THR C 64 46.50 1.68 -16.23
CA THR C 64 45.28 1.06 -15.72
C THR C 64 44.49 2.05 -14.90
N ILE C 65 43.18 2.04 -15.07
CA ILE C 65 42.27 2.98 -14.44
C ILE C 65 41.69 2.35 -13.18
N ASP C 66 41.29 3.19 -12.23
CA ASP C 66 40.68 2.76 -10.98
C ASP C 66 39.28 3.34 -10.83
N LYS C 67 38.61 3.62 -11.95
CA LYS C 67 37.28 4.20 -11.89
C LYS C 67 36.30 3.28 -11.19
N VAL C 68 36.34 1.99 -11.51
CA VAL C 68 35.42 1.01 -10.93
C VAL C 68 36.23 -0.16 -10.39
N PRO C 69 35.91 -0.69 -9.22
CA PRO C 69 36.57 -1.91 -8.76
C PRO C 69 36.21 -3.10 -9.63
N ILE C 70 37.15 -4.02 -9.76
CA ILE C 70 36.95 -5.23 -10.55
C ILE C 70 36.45 -6.37 -9.68
N HIS C 71 37.11 -6.61 -8.55
CA HIS C 71 36.74 -7.68 -7.65
C HIS C 71 35.71 -7.22 -6.64
N THR C 72 35.02 -8.20 -6.03
CA THR C 72 33.99 -7.88 -5.06
C THR C 72 34.58 -7.42 -3.73
N LYS C 73 35.72 -8.00 -3.33
CA LYS C 73 36.35 -7.58 -2.09
C LYS C 73 36.78 -6.12 -2.12
N ASP C 74 36.99 -5.56 -3.31
CA ASP C 74 37.38 -4.16 -3.42
C ASP C 74 36.19 -3.20 -3.30
N TYR C 75 34.97 -3.71 -3.35
CA TYR C 75 33.78 -2.86 -3.22
C TYR C 75 33.78 -2.16 -1.88
N SER D 41 -44.91 31.05 35.71
CA SER D 41 -44.12 30.79 36.90
C SER D 41 -42.63 30.87 36.60
N THR D 42 -41.81 30.71 37.64
CA THR D 42 -40.35 30.94 37.60
C THR D 42 -39.57 29.83 38.32
N VAL D 43 -39.85 28.57 37.98
CA VAL D 43 -39.24 27.45 38.71
C VAL D 43 -37.74 27.33 38.40
N ALA D 44 -36.99 26.81 39.37
CA ALA D 44 -35.55 26.60 39.25
C ALA D 44 -35.13 25.30 39.92
N ILE D 45 -34.29 24.53 39.24
CA ILE D 45 -33.90 23.21 39.71
C ILE D 45 -32.40 23.03 39.54
N SER D 46 -31.78 22.40 40.52
CA SER D 46 -30.38 21.98 40.47
C SER D 46 -30.31 20.49 40.71
N VAL D 47 -29.60 19.78 39.85
CA VAL D 47 -29.44 18.33 39.93
C VAL D 47 -27.99 18.02 40.28
N GLN D 48 -27.80 17.05 41.17
CA GLN D 48 -26.48 16.75 41.71
C GLN D 48 -25.67 15.82 40.82
N GLY D 49 -26.29 14.73 40.36
CA GLY D 49 -25.55 13.68 39.69
C GLY D 49 -25.14 13.98 38.27
N LEU D 50 -25.59 15.10 37.70
CA LEU D 50 -25.29 15.38 36.30
C LEU D 50 -23.79 15.46 36.03
N HIS D 51 -23.00 15.87 37.02
CA HIS D 51 -21.57 15.97 36.80
C HIS D 51 -20.93 14.61 36.56
N TYR D 52 -21.58 13.52 36.97
CA TYR D 52 -21.09 12.20 36.60
C TYR D 52 -21.28 11.93 35.12
N VAL D 53 -22.36 12.46 34.54
CA VAL D 53 -22.63 12.24 33.12
C VAL D 53 -21.58 12.94 32.28
N GLY D 54 -21.50 14.27 32.39
CA GLY D 54 -20.58 15.02 31.56
C GLY D 54 -19.16 14.51 31.67
N THR D 55 -18.71 14.24 32.91
CA THR D 55 -17.38 13.68 33.11
C THR D 55 -17.17 12.46 32.23
N GLY D 56 -18.12 11.52 32.28
CA GLY D 56 -17.99 10.33 31.45
C GLY D 56 -17.83 10.67 29.98
N LEU D 57 -18.60 11.65 29.50
CA LEU D 57 -18.46 12.06 28.11
C LEU D 57 -17.03 12.48 27.80
N ALA D 58 -16.43 13.27 28.69
CA ALA D 58 -15.05 13.69 28.47
C ALA D 58 -14.11 12.51 28.39
N ALA D 59 -14.40 11.43 29.13
CA ALA D 59 -13.56 10.26 29.06
C ALA D 59 -13.57 9.64 27.66
N ILE D 60 -14.69 9.79 26.94
CA ILE D 60 -14.76 9.29 25.58
C ILE D 60 -13.76 10.01 24.69
N ALA D 61 -13.37 11.23 25.06
CA ALA D 61 -12.35 11.94 24.30
C ALA D 61 -11.02 11.20 24.30
N LEU D 62 -10.83 10.28 25.24
CA LEU D 62 -9.61 9.47 25.28
C LEU D 62 -9.68 8.26 24.36
N ALA D 63 -10.84 7.99 23.75
CA ALA D 63 -10.94 6.89 22.81
C ALA D 63 -10.13 7.18 21.55
N GLY D 64 -10.32 8.36 20.97
CA GLY D 64 -9.57 8.72 19.78
C GLY D 64 -8.13 9.07 20.06
N VAL D 65 -7.82 9.46 21.30
CA VAL D 65 -6.43 9.73 21.66
C VAL D 65 -5.63 8.45 21.67
N GLY D 66 -6.00 7.50 22.52
CA GLY D 66 -5.27 6.25 22.58
C GLY D 66 -5.14 5.59 21.22
N LEU D 67 -6.27 5.45 20.52
CA LEU D 67 -6.23 4.90 19.17
C LEU D 67 -5.18 5.62 18.33
N GLY D 68 -5.23 6.95 18.34
CA GLY D 68 -4.26 7.71 17.58
C GLY D 68 -2.84 7.27 17.89
N ILE D 69 -2.51 7.15 19.18
CA ILE D 69 -1.17 6.75 19.56
C ILE D 69 -0.83 5.42 18.90
N GLY D 70 -1.73 4.44 19.02
CA GLY D 70 -1.48 3.16 18.39
C GLY D 70 -1.15 3.33 16.92
N THR D 71 -1.96 4.11 16.21
CA THR D 71 -1.72 4.32 14.80
C THR D 71 -0.28 4.74 14.58
N ILE D 72 0.17 5.76 15.32
CA ILE D 72 1.55 6.22 15.18
C ILE D 72 2.50 5.03 15.24
N PHE D 73 2.45 4.30 16.35
CA PHE D 73 3.39 3.21 16.53
C PHE D 73 3.24 2.19 15.42
N GLY D 74 2.00 1.90 15.02
CA GLY D 74 1.80 1.03 13.89
C GLY D 74 2.68 1.48 12.75
N ASN D 75 2.44 2.68 12.24
CA ASN D 75 3.22 3.18 11.13
C ASN D 75 4.70 3.11 11.44
N LEU D 76 5.07 3.48 12.68
CA LEU D 76 6.48 3.46 13.05
C LEU D 76 7.11 2.12 12.71
N LEU D 77 6.47 1.03 13.13
CA LEU D 77 7.02 -0.29 12.87
C LEU D 77 7.29 -0.46 11.39
N VAL D 78 6.27 -0.17 10.56
CA VAL D 78 6.43 -0.33 9.13
C VAL D 78 7.62 0.50 8.65
N ALA D 79 7.71 1.74 9.12
CA ALA D 79 8.82 2.58 8.72
C ALA D 79 10.15 1.93 9.11
N CYS D 80 10.25 1.46 10.36
CA CYS D 80 11.47 0.81 10.79
C CYS D 80 11.74 -0.46 10.00
N ALA D 81 10.70 -1.09 9.44
CA ALA D 81 10.92 -2.22 8.56
C ALA D 81 11.40 -1.78 7.19
N ARG D 82 10.89 -0.65 6.71
CA ARG D 82 11.25 -0.16 5.38
C ARG D 82 12.64 0.46 5.37
N GLN D 83 12.99 1.18 6.44
CA GLN D 83 14.28 1.86 6.56
C GLN D 83 14.88 1.54 7.93
N PRO D 84 15.40 0.32 8.10
CA PRO D 84 15.83 -0.11 9.44
C PRO D 84 16.95 0.72 10.03
N ASN D 85 17.73 1.44 9.22
CA ASN D 85 18.82 2.22 9.78
C ASN D 85 18.31 3.45 10.54
N LEU D 86 17.06 3.87 10.30
CA LEU D 86 16.47 5.01 10.99
C LEU D 86 15.59 4.54 12.15
N THR D 87 16.22 3.91 13.13
CA THR D 87 15.51 3.42 14.30
C THR D 87 15.44 4.43 15.43
N LYS D 88 16.11 5.57 15.32
CA LYS D 88 16.16 6.57 16.38
C LYS D 88 15.42 7.85 16.02
N MET D 89 15.63 8.36 14.81
CA MET D 89 14.89 9.56 14.39
C MET D 89 13.39 9.27 14.34
N LEU D 90 13.02 8.12 13.79
CA LEU D 90 11.61 7.75 13.77
C LEU D 90 11.05 7.59 15.17
N PHE D 91 11.85 7.02 16.06
CA PHE D 91 11.43 6.90 17.46
C PHE D 91 11.21 8.28 18.07
N ASN D 92 12.08 9.24 17.77
CA ASN D 92 11.92 10.59 18.30
C ASN D 92 10.64 11.24 17.79
N TYR D 93 10.37 11.09 16.48
CA TYR D 93 9.15 11.69 15.93
C TYR D 93 7.90 11.01 16.51
N ALA D 94 7.96 9.70 16.71
CA ALA D 94 6.84 9.01 17.35
C ALA D 94 6.62 9.53 18.76
N ILE D 95 7.71 9.76 19.51
CA ILE D 95 7.59 10.30 20.86
C ILE D 95 6.96 11.67 20.82
N LEU D 96 7.36 12.51 19.85
CA LEU D 96 6.77 13.84 19.73
C LEU D 96 5.27 13.74 19.47
N GLY D 97 4.88 12.86 18.55
CA GLY D 97 3.47 12.69 18.26
C GLY D 97 2.69 12.22 19.47
N PHE D 98 3.26 11.27 20.21
CA PHE D 98 2.62 10.82 21.44
C PHE D 98 2.48 11.96 22.43
N ALA D 99 3.50 12.80 22.54
CA ALA D 99 3.44 13.90 23.49
C ALA D 99 2.32 14.86 23.14
N LEU D 100 2.17 15.19 21.86
CA LEU D 100 1.09 16.10 21.46
C LEU D 100 -0.28 15.46 21.69
N THR D 101 -0.44 14.19 21.30
CA THR D 101 -1.71 13.53 21.51
C THR D 101 -2.04 13.42 22.99
N GLU D 102 -1.03 13.18 23.82
CA GLU D 102 -1.21 13.13 25.26
C GLU D 102 -1.56 14.49 25.82
N ALA D 103 -1.02 15.56 25.24
CA ALA D 103 -1.42 16.90 25.66
C ALA D 103 -2.90 17.12 25.41
N ILE D 104 -3.40 16.69 24.25
CA ILE D 104 -4.83 16.78 23.98
C ILE D 104 -5.61 15.95 24.99
N GLY D 105 -5.15 14.73 25.25
CA GLY D 105 -5.83 13.88 26.20
C GLY D 105 -5.87 14.50 27.59
N LEU D 106 -4.79 15.18 27.98
CA LEU D 106 -4.76 15.84 29.28
C LEU D 106 -5.68 17.04 29.31
N PHE D 107 -5.79 17.77 28.20
CA PHE D 107 -6.77 18.85 28.14
C PHE D 107 -8.17 18.30 28.39
N ALA D 108 -8.49 17.16 27.81
CA ALA D 108 -9.81 16.56 28.05
C ALA D 108 -9.95 16.07 29.49
N LEU D 109 -8.90 15.41 30.01
CA LEU D 109 -8.95 14.86 31.35
C LEU D 109 -9.06 15.95 32.41
N MET D 110 -8.55 17.14 32.12
CA MET D 110 -8.71 18.24 33.06
C MET D 110 -10.18 18.57 33.25
N LEU D 111 -10.94 18.67 32.16
CA LEU D 111 -12.37 18.85 32.27
C LEU D 111 -13.02 17.68 32.99
N ALA D 112 -12.59 16.46 32.65
CA ALA D 112 -13.23 15.28 33.26
C ALA D 112 -13.08 15.29 34.77
N PHE D 113 -11.89 15.64 35.26
CA PHE D 113 -11.67 15.70 36.71
C PHE D 113 -12.29 16.94 37.33
N LEU D 114 -12.39 18.03 36.57
CA LEU D 114 -12.90 19.28 37.14
C LEU D 114 -14.41 19.22 37.34
N MET D 115 -15.14 18.68 36.36
CA MET D 115 -16.57 18.53 36.52
C MET D 115 -16.90 17.53 37.63
N LEU D 116 -16.09 16.48 37.75
CA LEU D 116 -16.29 15.49 38.80
C LEU D 116 -16.10 16.09 40.19
N PHE D 117 -15.48 17.25 40.29
CA PHE D 117 -15.24 17.93 41.55
C PHE D 117 -15.85 19.33 41.54
N SER D 118 -17.08 19.44 41.04
CA SER D 118 -17.79 20.71 40.99
C SER D 118 -19.19 20.56 41.58
N SER E 41 -51.11 25.78 31.73
CA SER E 41 -50.04 26.35 32.55
C SER E 41 -48.81 26.64 31.69
N THR E 42 -47.88 27.38 32.32
CA THR E 42 -46.72 27.98 31.65
C THR E 42 -45.64 28.22 32.70
N VAL E 43 -44.59 27.42 32.63
CA VAL E 43 -43.55 27.40 33.67
C VAL E 43 -42.22 27.80 33.05
N ALA E 44 -41.56 28.77 33.66
CA ALA E 44 -40.21 29.17 33.25
C ALA E 44 -39.23 28.41 34.15
N ILE E 45 -38.76 27.26 33.67
CA ILE E 45 -37.89 26.40 34.45
C ILE E 45 -36.44 26.67 34.08
N SER E 46 -35.58 26.65 35.09
CA SER E 46 -34.15 26.85 34.90
C SER E 46 -33.39 25.71 35.59
N VAL E 47 -32.92 24.76 34.80
CA VAL E 47 -32.09 23.67 35.32
C VAL E 47 -30.64 24.12 35.30
N GLN E 48 -29.88 23.73 36.33
CA GLN E 48 -28.53 24.22 36.49
C GLN E 48 -27.45 23.25 36.00
N GLY E 49 -27.62 21.96 36.25
CA GLY E 49 -26.56 21.00 35.97
C GLY E 49 -26.32 20.74 34.49
N LEU E 50 -27.24 21.15 33.62
CA LEU E 50 -27.10 20.81 32.21
C LEU E 50 -25.79 21.30 31.62
N HIS E 51 -25.23 22.39 32.17
CA HIS E 51 -24.01 22.93 31.60
C HIS E 51 -22.87 21.93 31.67
N TYR E 52 -22.93 20.96 32.57
CA TYR E 52 -21.94 19.88 32.57
C TYR E 52 -22.10 19.03 31.32
N VAL E 53 -23.31 18.55 31.04
CA VAL E 53 -23.53 17.63 29.93
C VAL E 53 -22.94 18.21 28.65
N GLY E 54 -23.41 19.38 28.25
CA GLY E 54 -22.90 20.00 27.05
C GLY E 54 -21.38 20.06 27.04
N THR E 55 -20.81 20.49 28.17
CA THR E 55 -19.36 20.58 28.26
C THR E 55 -18.71 19.25 27.86
N GLY E 56 -19.18 18.16 28.47
CA GLY E 56 -18.62 16.86 28.12
C GLY E 56 -18.72 16.58 26.65
N LEU E 57 -19.87 16.89 26.04
CA LEU E 57 -20.03 16.66 24.62
C LEU E 57 -18.94 17.36 23.82
N ALA E 58 -18.61 18.60 24.20
CA ALA E 58 -17.58 19.32 23.48
C ALA E 58 -16.26 18.56 23.50
N ALA E 59 -15.95 17.94 24.64
CA ALA E 59 -14.69 17.20 24.74
C ALA E 59 -14.62 16.07 23.73
N ILE E 60 -15.77 15.54 23.32
CA ILE E 60 -15.77 14.45 22.35
C ILE E 60 -15.11 14.90 21.05
N ALA E 61 -15.17 16.20 20.76
CA ALA E 61 -14.50 16.70 19.56
C ALA E 61 -13.03 16.32 19.56
N LEU E 62 -12.38 16.41 20.72
CA LEU E 62 -10.96 16.09 20.80
C LEU E 62 -10.68 14.68 20.30
N ALA E 63 -11.65 13.77 20.49
CA ALA E 63 -11.46 12.39 20.04
C ALA E 63 -11.04 12.34 18.58
N GLY E 64 -11.57 13.25 17.77
CA GLY E 64 -11.14 13.35 16.40
C GLY E 64 -9.78 14.01 16.31
N VAL E 65 -9.67 15.19 16.91
CA VAL E 65 -8.45 15.99 16.80
C VAL E 65 -7.23 15.13 17.12
N GLY E 66 -7.19 14.60 18.34
CA GLY E 66 -6.13 13.71 18.73
C GLY E 66 -5.84 12.69 17.65
N LEU E 67 -6.86 11.91 17.30
CA LEU E 67 -6.69 10.89 16.26
C LEU E 67 -6.07 11.49 15.01
N GLY E 68 -6.64 12.59 14.53
CA GLY E 68 -6.12 13.21 13.33
C GLY E 68 -4.64 13.48 13.44
N ILE E 69 -4.21 14.07 14.56
CA ILE E 69 -2.79 14.36 14.74
C ILE E 69 -1.98 13.09 14.56
N GLY E 70 -2.39 12.02 15.24
CA GLY E 70 -1.67 10.76 15.09
C GLY E 70 -1.52 10.39 13.64
N THR E 71 -2.62 10.45 12.89
CA THR E 71 -2.57 10.09 11.47
C THR E 71 -1.42 10.84 10.79
N ILE E 72 -1.36 12.16 10.99
CA ILE E 72 -0.29 12.94 10.37
C ILE E 72 1.04 12.28 10.64
N PHE E 73 1.38 12.12 11.91
CA PHE E 73 2.70 11.60 12.25
C PHE E 73 2.88 10.20 11.69
N GLY E 74 1.82 9.40 11.70
CA GLY E 74 1.88 8.11 11.07
C GLY E 74 2.48 8.27 9.68
N ASN E 75 1.76 9.02 8.83
CA ASN E 75 2.24 9.21 7.47
C ASN E 75 3.63 9.80 7.46
N LEU E 76 3.91 10.72 8.38
CA LEU E 76 5.24 11.32 8.43
C LEU E 76 6.31 10.24 8.47
N LEU E 77 6.13 9.26 9.35
CA LEU E 77 7.11 8.17 9.42
C LEU E 77 7.20 7.45 8.09
N VAL E 78 6.05 7.08 7.53
CA VAL E 78 6.05 6.40 6.24
C VAL E 78 6.64 7.28 5.16
N ALA E 79 6.65 8.60 5.37
CA ALA E 79 7.26 9.51 4.42
C ALA E 79 8.74 9.69 4.66
N CYS E 80 9.19 9.56 5.91
CA CYS E 80 10.61 9.69 6.20
C CYS E 80 11.37 8.43 5.84
N ALA E 81 10.72 7.27 5.94
CA ALA E 81 11.33 6.01 5.51
C ALA E 81 11.25 5.80 4.01
N ARG E 82 10.54 6.66 3.29
CA ARG E 82 10.41 6.56 1.85
C ARG E 82 11.29 7.56 1.11
N GLN E 83 11.72 8.63 1.78
CA GLN E 83 12.61 9.61 1.19
C GLN E 83 13.26 10.39 2.33
N PRO E 84 14.21 9.79 3.05
CA PRO E 84 14.75 10.45 4.25
C PRO E 84 15.42 11.78 3.97
N ASN E 85 15.92 12.02 2.76
CA ASN E 85 16.60 13.26 2.48
C ASN E 85 15.73 14.48 2.73
N LEU E 86 14.41 14.31 2.73
CA LEU E 86 13.47 15.40 2.95
C LEU E 86 12.96 15.49 4.38
N THR E 87 13.45 14.64 5.28
CA THR E 87 12.90 14.53 6.61
C THR E 87 12.58 15.90 7.21
N LYS E 88 13.59 16.77 7.30
CA LYS E 88 13.38 18.07 7.92
C LYS E 88 12.19 18.79 7.31
N MET E 89 12.20 18.92 5.98
CA MET E 89 11.08 19.57 5.30
C MET E 89 9.76 18.93 5.72
N LEU E 90 9.68 17.60 5.61
CA LEU E 90 8.46 16.93 5.99
C LEU E 90 8.06 17.32 7.40
N PHE E 91 9.02 17.26 8.33
CA PHE E 91 8.71 17.60 9.72
C PHE E 91 8.00 18.94 9.78
N ASN E 92 8.54 19.95 9.10
CA ASN E 92 7.94 21.26 9.14
C ASN E 92 6.47 21.18 8.76
N TYR E 93 6.17 20.56 7.62
CA TYR E 93 4.78 20.47 7.19
C TYR E 93 3.95 19.79 8.25
N ALA E 94 4.46 18.69 8.82
CA ALA E 94 3.72 18.00 9.86
C ALA E 94 3.33 18.97 10.97
N ILE E 95 4.32 19.74 11.45
CA ILE E 95 4.04 20.70 12.51
C ILE E 95 2.92 21.62 12.08
N LEU E 96 3.02 22.15 10.86
CA LEU E 96 1.97 23.04 10.37
C LEU E 96 0.62 22.39 10.52
N GLY E 97 0.48 21.15 10.07
CA GLY E 97 -0.81 20.48 10.18
C GLY E 97 -1.29 20.45 11.61
N PHE E 98 -0.40 20.07 12.53
CA PHE E 98 -0.77 20.10 13.94
C PHE E 98 -1.28 21.46 14.33
N ALA E 99 -0.50 22.50 14.03
CA ALA E 99 -0.88 23.86 14.44
C ALA E 99 -2.23 24.25 13.87
N LEU E 100 -2.66 23.61 12.79
CA LEU E 100 -4.01 23.82 12.29
C LEU E 100 -4.99 22.90 13.01
N THR E 101 -4.72 21.60 13.01
CA THR E 101 -5.65 20.65 13.59
C THR E 101 -5.90 20.96 15.06
N GLU E 102 -4.83 21.16 15.82
CA GLU E 102 -4.98 21.51 17.22
C GLU E 102 -5.92 22.69 17.40
N ALA E 103 -5.81 23.68 16.52
CA ALA E 103 -6.65 24.87 16.65
C ALA E 103 -8.12 24.48 16.74
N ILE E 104 -8.56 23.57 15.88
CA ILE E 104 -9.95 23.15 15.90
C ILE E 104 -10.34 22.67 17.29
N GLY E 105 -9.53 21.79 17.87
CA GLY E 105 -9.81 21.33 19.22
C GLY E 105 -10.02 22.48 20.17
N LEU E 106 -9.14 23.49 20.11
CA LEU E 106 -9.28 24.64 20.98
C LEU E 106 -10.68 25.21 20.90
N PHE E 107 -11.17 25.42 19.68
CA PHE E 107 -12.54 25.91 19.51
C PHE E 107 -13.49 25.11 20.41
N ALA E 108 -13.55 23.80 20.20
CA ALA E 108 -14.42 22.97 21.03
C ALA E 108 -14.14 23.22 22.50
N LEU E 109 -12.87 23.15 22.90
CA LEU E 109 -12.53 23.34 24.30
C LEU E 109 -13.05 24.67 24.79
N MET E 110 -12.89 25.73 24.00
CA MET E 110 -13.39 27.04 24.39
C MET E 110 -14.86 26.94 24.78
N LEU E 111 -15.67 26.34 23.89
CA LEU E 111 -17.09 26.20 24.19
C LEU E 111 -17.29 25.55 25.55
N ALA E 112 -16.57 24.46 25.80
CA ALA E 112 -16.70 23.78 27.09
C ALA E 112 -16.49 24.77 28.22
N PHE E 113 -15.38 25.49 28.18
CA PHE E 113 -15.12 26.48 29.24
C PHE E 113 -16.28 27.45 29.36
N LEU E 114 -16.75 27.96 28.22
CA LEU E 114 -17.86 28.91 28.26
C LEU E 114 -19.05 28.32 28.98
N MET E 115 -19.37 27.06 28.72
CA MET E 115 -20.48 26.43 29.41
C MET E 115 -20.11 25.99 30.82
N LEU E 116 -18.84 25.64 31.04
CA LEU E 116 -18.41 25.19 32.36
C LEU E 116 -18.25 26.34 33.34
N PHE E 117 -18.02 27.56 32.85
CA PHE E 117 -17.92 28.75 33.68
C PHE E 117 -19.12 29.66 33.47
N SER E 118 -20.29 29.06 33.31
CA SER E 118 -21.52 29.83 33.13
C SER E 118 -22.73 28.95 33.40
N SER F 41 -54.20 17.89 30.24
CA SER F 41 -54.50 19.25 29.78
C SER F 41 -53.26 19.92 29.20
N THR F 42 -53.41 21.16 28.73
CA THR F 42 -52.32 21.86 28.05
C THR F 42 -51.35 22.46 29.06
N VAL F 43 -50.11 21.96 29.06
CA VAL F 43 -49.04 22.41 29.94
C VAL F 43 -47.87 22.85 29.07
N ALA F 44 -47.39 24.06 29.32
CA ALA F 44 -46.27 24.64 28.57
C ALA F 44 -45.08 24.79 29.50
N ILE F 45 -43.95 24.19 29.10
CA ILE F 45 -42.74 24.19 29.90
C ILE F 45 -41.63 24.82 29.09
N SER F 46 -40.89 25.74 29.71
CA SER F 46 -39.80 26.46 29.07
C SER F 46 -38.52 26.18 29.86
N VAL F 47 -37.80 25.15 29.44
CA VAL F 47 -36.51 24.82 30.04
C VAL F 47 -35.46 25.79 29.51
N GLN F 48 -34.67 26.35 30.41
CA GLN F 48 -33.71 27.38 30.03
C GLN F 48 -32.33 26.81 29.72
N GLY F 49 -31.94 25.71 30.36
CA GLY F 49 -30.59 25.19 30.28
C GLY F 49 -30.33 24.19 29.17
N LEU F 50 -31.23 24.01 28.22
CA LEU F 50 -31.05 22.98 27.21
C LEU F 50 -30.11 23.39 26.09
N HIS F 51 -29.84 24.68 25.91
CA HIS F 51 -28.98 25.08 24.80
C HIS F 51 -27.56 24.56 24.97
N TYR F 52 -27.15 24.21 26.19
CA TYR F 52 -25.83 23.63 26.39
C TYR F 52 -25.70 22.31 25.65
N VAL F 53 -26.73 21.47 25.72
CA VAL F 53 -26.69 20.16 25.06
C VAL F 53 -26.55 20.35 23.55
N GLY F 54 -27.35 21.23 22.98
CA GLY F 54 -27.26 21.47 21.55
C GLY F 54 -25.92 22.03 21.14
N THR F 55 -25.38 22.95 21.95
CA THR F 55 -24.08 23.52 21.65
C THR F 55 -22.99 22.44 21.67
N GLY F 56 -23.02 21.56 22.66
CA GLY F 56 -22.04 20.48 22.70
C GLY F 56 -22.19 19.52 21.52
N LEU F 57 -23.42 19.19 21.16
CA LEU F 57 -23.63 18.32 20.02
C LEU F 57 -23.12 18.95 18.73
N ALA F 58 -23.34 20.26 18.57
CA ALA F 58 -22.78 20.95 17.41
C ALA F 58 -21.26 20.91 17.43
N ALA F 59 -20.66 21.11 18.61
CA ALA F 59 -19.21 21.08 18.71
C ALA F 59 -18.66 19.70 18.36
N ILE F 60 -19.43 18.63 18.61
CA ILE F 60 -18.96 17.29 18.29
C ILE F 60 -18.56 17.19 16.82
N ALA F 61 -19.17 18.01 15.96
CA ALA F 61 -18.90 17.92 14.53
C ALA F 61 -17.44 18.21 14.20
N LEU F 62 -16.73 18.91 15.08
CA LEU F 62 -15.35 19.30 14.78
C LEU F 62 -14.40 18.11 14.76
N ALA F 63 -14.82 16.96 15.32
CA ALA F 63 -13.99 15.77 15.24
C ALA F 63 -13.76 15.34 13.80
N GLY F 64 -14.83 15.35 13.00
CA GLY F 64 -14.68 15.00 11.60
C GLY F 64 -13.80 15.96 10.85
N VAL F 65 -13.91 17.25 11.15
CA VAL F 65 -13.08 18.26 10.48
C VAL F 65 -11.61 18.04 10.83
N GLY F 66 -11.33 17.82 12.11
CA GLY F 66 -9.95 17.55 12.51
C GLY F 66 -9.40 16.30 11.86
N LEU F 67 -10.20 15.24 11.81
CA LEU F 67 -9.76 14.01 11.19
C LEU F 67 -9.51 14.19 9.70
N GLY F 68 -10.37 14.96 9.03
CA GLY F 68 -10.15 15.23 7.62
C GLY F 68 -8.88 16.00 7.36
N ILE F 69 -8.61 17.01 8.19
CA ILE F 69 -7.38 17.78 8.03
C ILE F 69 -6.17 16.88 8.26
N GLY F 70 -6.22 16.04 9.28
CA GLY F 70 -5.13 15.12 9.54
C GLY F 70 -4.89 14.18 8.36
N THR F 71 -5.97 13.65 7.79
CA THR F 71 -5.84 12.79 6.62
C THR F 71 -5.22 13.54 5.45
N ILE F 72 -5.66 14.78 5.23
CA ILE F 72 -5.11 15.58 4.15
C ILE F 72 -3.61 15.71 4.30
N PHE F 73 -3.16 16.10 5.49
CA PHE F 73 -1.74 16.37 5.66
C PHE F 73 -0.92 15.09 5.68
N GLY F 74 -1.48 13.98 6.17
CA GLY F 74 -0.78 12.71 6.06
C GLY F 74 -0.56 12.31 4.62
N ASN F 75 -1.62 12.41 3.80
CA ASN F 75 -1.47 12.11 2.38
C ASN F 75 -0.49 13.06 1.72
N LEU F 76 -0.48 14.32 2.15
CA LEU F 76 0.49 15.28 1.61
C LEU F 76 1.91 14.84 1.91
N LEU F 77 2.17 14.44 3.15
CA LEU F 77 3.52 14.00 3.53
C LEU F 77 3.92 12.78 2.73
N VAL F 78 2.99 11.83 2.55
CA VAL F 78 3.31 10.64 1.77
C VAL F 78 3.62 11.02 0.33
N ALA F 79 2.80 11.90 -0.26
CA ALA F 79 2.97 12.25 -1.66
C ALA F 79 4.29 12.97 -1.91
N CYS F 80 4.63 13.94 -1.05
CA CYS F 80 5.83 14.72 -1.30
C CYS F 80 7.07 13.85 -1.33
N ALA F 81 7.11 12.80 -0.50
CA ALA F 81 8.23 11.88 -0.51
C ALA F 81 8.30 11.07 -1.80
N ARG F 82 7.20 11.00 -2.55
CA ARG F 82 7.15 10.26 -3.80
C ARG F 82 7.50 11.15 -4.99
N GLN F 83 7.03 12.40 -4.99
CA GLN F 83 7.32 13.36 -6.05
C GLN F 83 7.77 14.68 -5.41
N PRO F 84 8.99 14.71 -4.87
CA PRO F 84 9.45 15.93 -4.19
C PRO F 84 9.44 17.16 -5.08
N ASN F 85 9.77 17.02 -6.36
CA ASN F 85 9.92 18.17 -7.23
C ASN F 85 8.66 19.04 -7.25
N LEU F 86 7.49 18.43 -7.09
CA LEU F 86 6.23 19.12 -7.18
C LEU F 86 5.66 19.49 -5.81
N THR F 87 6.44 19.30 -4.75
CA THR F 87 5.96 19.56 -3.40
C THR F 87 5.12 20.83 -3.31
N LYS F 88 5.67 21.95 -3.77
CA LYS F 88 4.99 23.23 -3.63
C LYS F 88 3.55 23.13 -4.14
N MET F 89 3.39 22.64 -5.37
CA MET F 89 2.05 22.51 -5.92
C MET F 89 1.15 21.76 -4.97
N LEU F 90 1.58 20.57 -4.54
CA LEU F 90 0.78 19.78 -3.62
C LEU F 90 0.35 20.62 -2.43
N PHE F 91 1.30 21.33 -1.83
CA PHE F 91 0.98 22.14 -0.65
C PHE F 91 -0.23 23.01 -0.92
N ASN F 92 -0.23 23.72 -2.04
CA ASN F 92 -1.35 24.60 -2.35
C ASN F 92 -2.66 23.84 -2.28
N TYR F 93 -2.75 22.72 -3.00
CA TYR F 93 -3.98 21.95 -2.99
C TYR F 93 -4.35 21.56 -1.57
N ALA F 94 -3.38 21.10 -0.79
CA ALA F 94 -3.67 20.76 0.60
C ALA F 94 -4.34 21.93 1.31
N ILE F 95 -3.74 23.11 1.20
CA ILE F 95 -4.35 24.28 1.83
C ILE F 95 -5.76 24.47 1.33
N LEU F 96 -5.97 24.35 0.02
CA LEU F 96 -7.32 24.46 -0.52
C LEU F 96 -8.27 23.55 0.23
N GLY F 97 -7.88 22.28 0.39
CA GLY F 97 -8.74 21.38 1.13
C GLY F 97 -9.04 21.88 2.52
N PHE F 98 -8.01 22.34 3.22
CA PHE F 98 -8.22 22.93 4.53
C PHE F 98 -9.21 24.08 4.44
N ALA F 99 -9.02 24.97 3.47
CA ALA F 99 -9.95 26.08 3.30
C ALA F 99 -11.36 25.58 3.06
N LEU F 100 -11.51 24.45 2.39
CA LEU F 100 -12.82 23.87 2.11
C LEU F 100 -13.28 22.91 3.19
N THR F 101 -12.41 22.59 4.16
CA THR F 101 -12.77 21.71 5.26
C THR F 101 -12.98 22.44 6.57
N GLU F 102 -12.24 23.52 6.81
CA GLU F 102 -12.46 24.31 8.02
C GLU F 102 -13.80 25.05 7.93
N ALA F 103 -14.15 25.53 6.75
CA ALA F 103 -15.38 26.32 6.60
C ALA F 103 -16.57 25.57 7.18
N ILE F 104 -16.69 24.28 6.86
CA ILE F 104 -17.80 23.48 7.37
C ILE F 104 -17.86 23.60 8.89
N GLY F 105 -16.73 23.41 9.55
CA GLY F 105 -16.70 23.52 10.99
C GLY F 105 -17.24 24.85 11.46
N LEU F 106 -16.85 25.93 10.78
CA LEU F 106 -17.36 27.25 11.14
C LEU F 106 -18.87 27.24 11.24
N PHE F 107 -19.53 26.68 10.21
CA PHE F 107 -20.98 26.61 10.24
C PHE F 107 -21.45 25.94 11.52
N ALA F 108 -20.92 24.75 11.83
CA ALA F 108 -21.24 24.10 13.09
C ALA F 108 -20.94 25.05 14.24
N LEU F 109 -19.72 25.59 14.27
CA LEU F 109 -19.36 26.55 15.30
C LEU F 109 -20.39 27.67 15.35
N MET F 110 -20.78 28.19 14.18
CA MET F 110 -21.78 29.26 14.16
C MET F 110 -23.01 28.85 14.94
N LEU F 111 -23.57 27.68 14.61
CA LEU F 111 -24.76 27.22 15.29
C LEU F 111 -24.56 27.24 16.80
N ALA F 112 -23.40 26.81 17.27
CA ALA F 112 -23.14 26.79 18.70
C ALA F 112 -23.42 28.15 19.31
N PHE F 113 -22.81 29.19 18.75
CA PHE F 113 -23.05 30.53 19.27
C PHE F 113 -24.52 30.87 19.19
N LEU F 114 -25.15 30.59 18.06
CA LEU F 114 -26.55 30.94 17.88
C LEU F 114 -27.42 30.27 18.94
N MET F 115 -26.95 29.18 19.54
CA MET F 115 -27.66 28.55 20.63
C MET F 115 -27.05 28.86 22.00
N LEU F 116 -25.75 29.14 22.04
CA LEU F 116 -25.11 29.41 23.32
C LEU F 116 -25.42 30.80 23.83
N PHE F 117 -25.56 31.78 22.94
CA PHE F 117 -25.94 33.14 23.30
C PHE F 117 -27.43 33.39 23.12
N SER F 118 -28.25 32.34 23.17
CA SER F 118 -29.68 32.46 23.01
C SER F 118 -30.41 31.33 23.73
N SER G 41 -54.78 9.67 32.88
CA SER G 41 -55.03 11.05 32.49
C SER G 41 -54.24 11.40 31.23
N THR G 42 -54.57 12.54 30.63
CA THR G 42 -53.94 12.98 29.40
C THR G 42 -53.17 14.25 29.71
N VAL G 43 -51.93 14.32 29.25
CA VAL G 43 -51.13 15.53 29.43
C VAL G 43 -50.60 15.96 28.08
N ALA G 44 -50.83 17.22 27.72
CA ALA G 44 -50.33 17.80 26.48
C ALA G 44 -49.17 18.73 26.85
N ILE G 45 -47.97 18.18 26.85
CA ILE G 45 -46.78 18.89 27.32
C ILE G 45 -46.06 19.47 26.11
N SER G 46 -45.72 20.75 26.18
CA SER G 46 -44.96 21.45 25.13
C SER G 46 -43.68 21.99 25.76
N VAL G 47 -42.57 21.33 25.49
CA VAL G 47 -41.26 21.80 25.95
C VAL G 47 -40.68 22.72 24.89
N GLN G 48 -40.24 23.90 25.32
CA GLN G 48 -39.81 24.94 24.39
C GLN G 48 -38.33 24.87 24.04
N GLY G 49 -37.56 24.02 24.71
CA GLY G 49 -36.12 24.00 24.51
C GLY G 49 -35.57 22.75 23.87
N LEU G 50 -36.43 21.96 23.22
CA LEU G 50 -36.00 20.70 22.62
C LEU G 50 -35.45 20.87 21.21
N HIS G 51 -35.69 22.01 20.56
CA HIS G 51 -35.18 22.18 19.20
C HIS G 51 -33.67 22.38 19.17
N TYR G 52 -33.07 22.83 20.27
CA TYR G 52 -31.62 22.93 20.32
C TYR G 52 -30.96 21.57 20.19
N VAL G 53 -31.53 20.56 20.84
CA VAL G 53 -30.97 19.21 20.75
C VAL G 53 -31.04 18.71 19.32
N GLY G 54 -32.18 18.91 18.66
CA GLY G 54 -32.31 18.48 17.29
C GLY G 54 -31.34 19.21 16.37
N THR G 55 -31.18 20.52 16.59
CA THR G 55 -30.25 21.29 15.78
C THR G 55 -28.83 20.77 15.94
N GLY G 56 -28.42 20.48 17.18
CA GLY G 56 -27.09 19.94 17.40
C GLY G 56 -26.90 18.58 16.76
N LEU G 57 -27.91 17.72 16.88
CA LEU G 57 -27.83 16.40 16.27
C LEU G 57 -27.70 16.49 14.76
N ALA G 58 -28.45 17.40 14.15
CA ALA G 58 -28.33 17.61 12.71
C ALA G 58 -26.94 18.14 12.36
N ALA G 59 -26.42 19.08 13.16
CA ALA G 59 -25.09 19.63 12.89
C ALA G 59 -24.01 18.57 13.01
N ILE G 60 -24.25 17.52 13.81
CA ILE G 60 -23.29 16.43 13.89
C ILE G 60 -23.05 15.81 12.52
N ALA G 61 -24.00 15.92 11.61
CA ALA G 61 -23.86 15.29 10.30
C ALA G 61 -22.68 15.82 9.52
N LEU G 62 -22.16 16.99 9.88
CA LEU G 62 -21.04 17.58 9.15
C LEU G 62 -19.73 16.87 9.44
N ALA G 63 -19.67 16.06 10.49
CA ALA G 63 -18.46 15.28 10.77
C ALA G 63 -18.17 14.28 9.67
N GLY G 64 -19.18 13.90 8.90
CA GLY G 64 -18.98 13.01 7.78
C GLY G 64 -18.59 13.76 6.53
N VAL G 65 -19.21 14.93 6.33
CA VAL G 65 -18.89 15.76 5.17
C VAL G 65 -17.44 16.21 5.21
N GLY G 66 -17.00 16.68 6.39
CA GLY G 66 -15.63 17.11 6.52
C GLY G 66 -14.64 15.99 6.26
N LEU G 67 -14.90 14.81 6.82
CA LEU G 67 -14.01 13.68 6.61
C LEU G 67 -14.01 13.23 5.15
N GLY G 68 -15.17 13.31 4.49
CA GLY G 68 -15.22 12.96 3.08
C GLY G 68 -14.40 13.91 2.23
N ILE G 69 -14.50 15.21 2.51
CA ILE G 69 -13.68 16.18 1.80
C ILE G 69 -12.20 15.92 2.05
N GLY G 70 -11.84 15.63 3.30
CA GLY G 70 -10.46 15.30 3.61
C GLY G 70 -9.96 14.10 2.83
N THR G 71 -10.78 13.05 2.76
CA THR G 71 -10.39 11.87 1.98
C THR G 71 -10.24 12.22 0.51
N ILE G 72 -11.17 13.00 -0.03
CA ILE G 72 -11.10 13.40 -1.43
C ILE G 72 -9.76 14.07 -1.70
N PHE G 73 -9.40 15.05 -0.88
CA PHE G 73 -8.20 15.82 -1.17
C PHE G 73 -6.93 15.03 -0.87
N GLY G 74 -6.96 14.12 0.11
CA GLY G 74 -5.82 13.26 0.33
C GLY G 74 -5.56 12.36 -0.86
N ASN G 75 -6.63 11.75 -1.40
CA ASN G 75 -6.46 10.93 -2.59
C ASN G 75 -6.04 11.78 -3.79
N LEU G 76 -6.52 13.02 -3.87
CA LEU G 76 -6.08 13.91 -4.93
C LEU G 76 -4.58 14.15 -4.86
N LEU G 77 -4.07 14.43 -3.66
CA LEU G 77 -2.64 14.64 -3.49
C LEU G 77 -1.86 13.38 -3.86
N VAL G 78 -2.34 12.21 -3.42
CA VAL G 78 -1.65 10.97 -3.73
C VAL G 78 -1.62 10.74 -5.24
N ALA G 79 -2.71 11.07 -5.92
CA ALA G 79 -2.80 10.81 -7.36
C ALA G 79 -1.94 11.78 -8.16
N CYS G 80 -1.90 13.05 -7.76
CA CYS G 80 -1.14 14.03 -8.52
C CYS G 80 0.33 13.66 -8.56
N ALA G 81 0.89 13.22 -7.43
CA ALA G 81 2.27 12.75 -7.43
C ALA G 81 2.43 11.54 -8.34
N ARG G 82 1.47 10.61 -8.30
CA ARG G 82 1.53 9.44 -9.15
C ARG G 82 1.55 9.81 -10.62
N GLN G 83 0.63 10.67 -11.04
CA GLN G 83 0.51 11.10 -12.44
C GLN G 83 0.30 12.60 -12.50
N PRO G 84 1.37 13.38 -12.32
CA PRO G 84 1.21 14.84 -12.30
C PRO G 84 0.71 15.43 -13.61
N ASN G 85 0.85 14.72 -14.73
CA ASN G 85 0.45 15.27 -16.01
C ASN G 85 -1.07 15.46 -16.12
N LEU G 86 -1.84 14.89 -15.20
CA LEU G 86 -3.29 14.98 -15.22
C LEU G 86 -3.83 15.80 -14.06
N THR G 87 -3.06 16.78 -13.58
CA THR G 87 -3.45 17.50 -12.37
C THR G 87 -4.80 18.19 -12.54
N LYS G 88 -5.03 18.80 -13.70
CA LYS G 88 -6.24 19.60 -13.89
C LYS G 88 -7.50 18.75 -13.85
N MET G 89 -7.50 17.59 -14.52
CA MET G 89 -8.66 16.73 -14.52
C MET G 89 -8.95 16.21 -13.12
N LEU G 90 -7.92 15.79 -12.40
CA LEU G 90 -8.10 15.32 -11.03
C LEU G 90 -8.65 16.43 -10.16
N PHE G 91 -8.16 17.65 -10.33
CA PHE G 91 -8.68 18.77 -9.57
C PHE G 91 -10.15 18.99 -9.85
N ASN G 92 -10.54 18.91 -11.13
CA ASN G 92 -11.95 19.10 -11.48
C ASN G 92 -12.82 18.02 -10.83
N TYR G 93 -12.37 16.76 -10.88
CA TYR G 93 -13.16 15.69 -10.28
C TYR G 93 -13.27 15.86 -8.77
N ALA G 94 -12.18 16.26 -8.12
CA ALA G 94 -12.24 16.50 -6.69
C ALA G 94 -13.19 17.64 -6.37
N ILE G 95 -13.20 18.68 -7.20
CA ILE G 95 -14.13 19.79 -6.99
C ILE G 95 -15.57 19.31 -7.11
N LEU G 96 -15.84 18.44 -8.09
CA LEU G 96 -17.18 17.88 -8.23
C LEU G 96 -17.58 17.13 -6.97
N GLY G 97 -16.70 16.26 -6.48
CA GLY G 97 -17.02 15.51 -5.28
C GLY G 97 -17.24 16.40 -4.08
N PHE G 98 -16.41 17.43 -3.94
CA PHE G 98 -16.60 18.39 -2.86
C PHE G 98 -17.95 19.09 -2.98
N ALA G 99 -18.36 19.42 -4.20
CA ALA G 99 -19.64 20.07 -4.39
C ALA G 99 -20.78 19.17 -3.94
N LEU G 100 -20.69 17.88 -4.27
CA LEU G 100 -21.74 16.96 -3.83
C LEU G 100 -21.79 16.86 -2.31
N THR G 101 -20.63 16.70 -1.68
CA THR G 101 -20.59 16.63 -0.22
C THR G 101 -21.13 17.92 0.40
N GLU G 102 -20.79 19.06 -0.20
CA GLU G 102 -21.29 20.34 0.29
C GLU G 102 -22.80 20.44 0.13
N ALA G 103 -23.36 19.84 -0.93
CA ALA G 103 -24.81 19.79 -1.06
C ALA G 103 -25.44 19.02 0.08
N ILE G 104 -24.83 17.88 0.44
CA ILE G 104 -25.34 17.11 1.59
C ILE G 104 -25.26 17.96 2.86
N GLY G 105 -24.14 18.63 3.06
CA GLY G 105 -24.01 19.50 4.22
C GLY G 105 -25.03 20.61 4.23
N LEU G 106 -25.36 21.14 3.05
CA LEU G 106 -26.38 22.17 2.94
C LEU G 106 -27.74 21.64 3.33
N PHE G 107 -28.07 20.41 2.94
CA PHE G 107 -29.31 19.81 3.40
C PHE G 107 -29.33 19.68 4.92
N ALA G 108 -28.23 19.21 5.50
CA ALA G 108 -28.17 19.10 6.96
C ALA G 108 -28.35 20.46 7.63
N LEU G 109 -27.71 21.49 7.09
CA LEU G 109 -27.86 22.83 7.66
C LEU G 109 -29.27 23.36 7.48
N MET G 110 -29.93 23.01 6.38
CA MET G 110 -31.33 23.39 6.20
C MET G 110 -32.18 22.81 7.31
N LEU G 111 -32.01 21.51 7.58
CA LEU G 111 -32.75 20.90 8.68
C LEU G 111 -32.43 21.57 10.00
N ALA G 112 -31.15 21.84 10.25
CA ALA G 112 -30.74 22.42 11.52
C ALA G 112 -31.37 23.79 11.73
N PHE G 113 -31.30 24.65 10.71
CA PHE G 113 -31.88 25.99 10.81
C PHE G 113 -33.39 25.92 10.96
N LEU G 114 -34.04 25.03 10.21
CA LEU G 114 -35.49 24.89 10.32
C LEU G 114 -35.90 24.53 11.74
N MET G 115 -35.19 23.57 12.35
CA MET G 115 -35.52 23.21 13.72
C MET G 115 -35.19 24.35 14.67
N LEU G 116 -34.07 25.04 14.45
CA LEU G 116 -33.66 26.10 15.35
C LEU G 116 -34.68 27.22 15.39
N PHE G 117 -35.24 27.59 14.24
CA PHE G 117 -36.22 28.66 14.17
C PHE G 117 -37.64 28.15 14.45
N SER G 118 -38.11 27.21 13.65
CA SER G 118 -39.45 26.67 13.80
C SER G 118 -39.60 25.98 15.16
N SER H 41 -51.15 3.82 37.99
CA SER H 41 -52.50 4.07 37.50
C SER H 41 -52.56 4.00 35.98
N THR H 42 -53.70 4.33 35.39
CA THR H 42 -53.77 4.53 33.93
C THR H 42 -53.42 5.98 33.57
N VAL H 43 -52.34 6.17 32.82
CA VAL H 43 -51.84 7.51 32.49
C VAL H 43 -51.32 7.57 31.06
N ALA H 44 -51.33 8.77 30.50
CA ALA H 44 -51.04 9.00 29.08
C ALA H 44 -50.54 10.42 28.87
N ILE H 45 -49.45 10.56 28.13
CA ILE H 45 -48.79 11.84 27.92
C ILE H 45 -48.43 11.99 26.44
N SER H 46 -48.30 13.25 26.02
CA SER H 46 -47.94 13.59 24.65
C SER H 46 -47.04 14.81 24.71
N VAL H 47 -45.78 14.64 24.33
CA VAL H 47 -44.80 15.72 24.30
C VAL H 47 -44.67 16.22 22.87
N GLN H 48 -44.71 17.54 22.69
CA GLN H 48 -44.68 18.10 21.35
C GLN H 48 -43.28 18.15 20.78
N GLY H 49 -42.29 18.51 21.59
CA GLY H 49 -40.96 18.77 21.07
C GLY H 49 -40.14 17.54 20.69
N LEU H 50 -40.56 16.35 21.11
CA LEU H 50 -39.76 15.16 20.83
C LEU H 50 -39.55 14.96 19.34
N HIS H 51 -40.52 15.38 18.52
CA HIS H 51 -40.38 15.19 17.08
C HIS H 51 -39.16 15.91 16.52
N TYR H 52 -38.66 16.92 17.23
CA TYR H 52 -37.39 17.52 16.84
C TYR H 52 -36.24 16.54 17.02
N VAL H 53 -36.15 15.94 18.22
CA VAL H 53 -35.01 15.08 18.54
C VAL H 53 -34.81 14.04 17.45
N GLY H 54 -35.84 13.23 17.21
CA GLY H 54 -35.71 12.19 16.20
C GLY H 54 -35.21 12.73 14.88
N THR H 55 -35.76 13.87 14.46
CA THR H 55 -35.33 14.47 13.21
C THR H 55 -33.81 14.59 13.15
N GLY H 56 -33.23 15.19 14.19
CA GLY H 56 -31.79 15.35 14.20
C GLY H 56 -31.07 14.03 14.04
N LEU H 57 -31.54 13.01 14.75
CA LEU H 57 -30.90 11.70 14.65
C LEU H 57 -30.88 11.21 13.21
N ALA H 58 -32.00 11.41 12.49
CA ALA H 58 -32.04 10.98 11.10
C ALA H 58 -30.97 11.68 10.29
N ALA H 59 -30.75 12.97 10.55
CA ALA H 59 -29.73 13.71 9.82
C ALA H 59 -28.35 13.11 10.02
N ILE H 60 -28.12 12.47 11.17
CA ILE H 60 -26.81 11.85 11.40
C ILE H 60 -26.51 10.81 10.35
N ALA H 61 -27.55 10.21 9.75
CA ALA H 61 -27.32 9.24 8.69
C ALA H 61 -26.48 9.84 7.58
N LEU H 62 -26.70 11.11 7.25
CA LEU H 62 -25.96 11.73 6.17
C LEU H 62 -24.46 11.73 6.43
N ALA H 63 -24.05 11.63 7.69
CA ALA H 63 -22.62 11.55 7.98
C ALA H 63 -22.00 10.34 7.31
N GLY H 64 -22.69 9.21 7.33
CA GLY H 64 -22.22 8.04 6.64
C GLY H 64 -22.47 8.03 5.15
N VAL H 65 -23.17 9.05 4.65
CA VAL H 65 -23.47 9.14 3.22
C VAL H 65 -22.41 10.00 2.56
N GLY H 66 -22.30 11.25 2.98
CA GLY H 66 -21.31 12.14 2.38
C GLY H 66 -19.92 11.56 2.40
N LEU H 67 -19.50 11.06 3.56
CA LEU H 67 -18.21 10.41 3.66
C LEU H 67 -18.06 9.34 2.59
N GLY H 68 -19.07 8.48 2.46
CA GLY H 68 -19.01 7.46 1.44
C GLY H 68 -18.72 8.05 0.07
N ILE H 69 -19.45 9.10 -0.29
CA ILE H 69 -19.21 9.75 -1.58
C ILE H 69 -17.74 10.09 -1.71
N GLY H 70 -17.18 10.76 -0.71
CA GLY H 70 -15.78 11.10 -0.75
C GLY H 70 -14.92 9.88 -1.03
N THR H 71 -15.15 8.82 -0.26
CA THR H 71 -14.41 7.58 -0.48
C THR H 71 -14.38 7.26 -1.96
N ILE H 72 -15.56 7.15 -2.58
CA ILE H 72 -15.64 6.82 -3.99
C ILE H 72 -14.69 7.72 -4.77
N PHE H 73 -14.93 9.03 -4.70
CA PHE H 73 -14.14 9.95 -5.51
C PHE H 73 -12.67 9.81 -5.17
N GLY H 74 -12.35 9.62 -3.89
CA GLY H 74 -10.97 9.37 -3.53
C GLY H 74 -10.40 8.31 -4.45
N ASN H 75 -10.95 7.09 -4.34
CA ASN H 75 -10.44 6.00 -5.16
C ASN H 75 -10.43 6.38 -6.62
N LEU H 76 -11.47 7.09 -7.07
CA LEU H 76 -11.55 7.45 -8.48
C LEU H 76 -10.26 8.13 -8.92
N LEU H 77 -9.83 9.16 -8.18
CA LEU H 77 -8.63 9.86 -8.58
C LEU H 77 -7.47 8.89 -8.72
N VAL H 78 -7.28 8.04 -7.72
CA VAL H 78 -6.19 7.08 -7.76
C VAL H 78 -6.27 6.25 -9.03
N ALA H 79 -7.47 5.75 -9.34
CA ALA H 79 -7.63 4.97 -10.56
C ALA H 79 -7.27 5.81 -11.78
N CYS H 80 -7.79 7.03 -11.85
CA CYS H 80 -7.49 7.89 -12.97
C CYS H 80 -6.00 8.21 -13.07
N ALA H 81 -5.26 8.01 -11.97
CA ALA H 81 -3.82 8.22 -12.03
C ALA H 81 -3.10 7.07 -12.71
N ARG H 82 -3.60 5.85 -12.55
CA ARG H 82 -2.92 4.67 -13.07
C ARG H 82 -3.63 4.06 -14.28
N GLN H 83 -4.75 4.65 -14.73
CA GLN H 83 -5.39 4.26 -15.98
C GLN H 83 -6.03 5.49 -16.59
N PRO H 84 -5.22 6.45 -17.05
CA PRO H 84 -5.78 7.67 -17.63
C PRO H 84 -6.67 7.43 -18.83
N ASN H 85 -6.43 6.37 -19.59
CA ASN H 85 -7.18 6.10 -20.80
C ASN H 85 -8.50 5.40 -20.54
N LEU H 86 -8.81 5.12 -19.28
CA LEU H 86 -10.07 4.48 -18.89
C LEU H 86 -10.85 5.39 -17.95
N THR H 87 -10.79 6.69 -18.21
CA THR H 87 -11.38 7.65 -17.28
C THR H 87 -12.90 7.68 -17.38
N LYS H 88 -13.44 7.52 -18.60
CA LYS H 88 -14.88 7.66 -18.78
C LYS H 88 -15.65 6.61 -18.00
N MET H 89 -15.23 5.35 -18.10
CA MET H 89 -15.93 4.29 -17.39
C MET H 89 -15.85 4.49 -15.89
N LEU H 90 -14.67 4.87 -15.39
CA LEU H 90 -14.51 5.12 -13.97
C LEU H 90 -15.42 6.24 -13.50
N PHE H 91 -15.51 7.33 -14.28
CA PHE H 91 -16.38 8.43 -13.90
C PHE H 91 -17.84 8.01 -13.90
N ASN H 92 -18.25 7.22 -14.89
CA ASN H 92 -19.63 6.75 -14.93
C ASN H 92 -19.94 5.89 -13.71
N TYR H 93 -19.03 4.98 -13.35
CA TYR H 93 -19.26 4.13 -12.18
C TYR H 93 -19.28 4.95 -10.90
N ALA H 94 -18.43 5.98 -10.83
CA ALA H 94 -18.45 6.85 -9.65
C ALA H 94 -19.78 7.58 -9.53
N ILE H 95 -20.32 8.07 -10.65
CA ILE H 95 -21.62 8.72 -10.62
C ILE H 95 -22.69 7.73 -10.19
N LEU H 96 -22.62 6.50 -10.68
CA LEU H 96 -23.58 5.48 -10.28
C LEU H 96 -23.54 5.26 -8.77
N GLY H 97 -22.33 5.11 -8.22
CA GLY H 97 -22.21 4.93 -6.78
C GLY H 97 -22.72 6.12 -5.99
N PHE H 98 -22.44 7.33 -6.48
CA PHE H 98 -22.94 8.52 -5.81
C PHE H 98 -24.46 8.53 -5.79
N ALA H 99 -25.10 8.18 -6.91
CA ALA H 99 -26.56 8.16 -6.93
C ALA H 99 -27.10 7.09 -5.99
N LEU H 100 -26.43 5.93 -5.94
CA LEU H 100 -26.89 4.87 -5.05
C LEU H 100 -26.81 5.30 -3.58
N THR H 101 -25.75 6.01 -3.21
CA THR H 101 -25.67 6.53 -1.84
C THR H 101 -26.69 7.65 -1.61
N GLU H 102 -26.91 8.49 -2.62
CA GLU H 102 -27.89 9.56 -2.49
C GLU H 102 -29.28 8.99 -2.30
N ALA H 103 -29.55 7.78 -2.79
CA ALA H 103 -30.84 7.14 -2.51
C ALA H 103 -31.03 6.96 -1.01
N ILE H 104 -30.01 6.45 -0.33
CA ILE H 104 -30.07 6.30 1.13
C ILE H 104 -30.21 7.66 1.79
N GLY H 105 -29.44 8.64 1.31
CA GLY H 105 -29.55 9.98 1.86
C GLY H 105 -30.96 10.52 1.76
N LEU H 106 -31.63 10.28 0.63
CA LEU H 106 -32.98 10.78 0.44
C LEU H 106 -33.98 10.01 1.30
N PHE H 107 -33.76 8.71 1.53
CA PHE H 107 -34.60 7.99 2.47
C PHE H 107 -34.52 8.62 3.85
N ALA H 108 -33.29 8.87 4.33
CA ALA H 108 -33.12 9.49 5.64
C ALA H 108 -33.74 10.88 5.68
N LEU H 109 -33.56 11.65 4.59
CA LEU H 109 -34.14 12.98 4.53
C LEU H 109 -35.66 12.93 4.58
N MET H 110 -36.25 11.95 3.91
CA MET H 110 -37.70 11.81 3.93
C MET H 110 -38.19 11.49 5.33
N LEU H 111 -37.50 10.59 6.04
CA LEU H 111 -37.87 10.34 7.43
C LEU H 111 -37.76 11.61 8.27
N ALA H 112 -36.69 12.36 8.08
CA ALA H 112 -36.51 13.59 8.85
C ALA H 112 -37.63 14.59 8.56
N PHE H 113 -38.02 14.72 7.30
CA PHE H 113 -39.08 15.66 6.95
C PHE H 113 -40.42 15.19 7.50
N LEU H 114 -40.67 13.88 7.50
CA LEU H 114 -41.90 13.37 8.08
C LEU H 114 -41.95 13.62 9.58
N MET H 115 -40.81 13.55 10.25
CA MET H 115 -40.79 13.80 11.69
C MET H 115 -40.65 15.26 12.05
N LEU H 116 -40.36 16.13 11.08
CA LEU H 116 -40.24 17.57 11.32
C LEU H 116 -41.47 18.34 10.89
N PHE H 117 -42.13 17.94 9.81
CA PHE H 117 -43.34 18.58 9.33
C PHE H 117 -44.59 17.81 9.71
N SER H 118 -44.50 16.97 10.74
CA SER H 118 -45.63 16.17 11.19
C SER H 118 -45.25 15.35 12.41
N SER I 41 -46.77 2.91 44.16
CA SER I 41 -47.46 1.89 43.37
C SER I 41 -46.85 1.80 41.97
N THR I 42 -47.38 0.86 41.19
CA THR I 42 -47.11 0.80 39.75
C THR I 42 -47.95 1.83 39.02
N VAL I 43 -47.33 2.54 38.08
CA VAL I 43 -47.96 3.65 37.39
C VAL I 43 -47.71 3.49 35.90
N ALA I 44 -48.74 3.11 35.16
CA ALA I 44 -48.62 2.91 33.72
C ALA I 44 -48.70 4.24 33.01
N ILE I 45 -47.65 4.59 32.28
CA ILE I 45 -47.56 5.84 31.54
C ILE I 45 -47.40 5.52 30.06
N SER I 46 -48.26 6.11 29.24
CA SER I 46 -48.22 5.91 27.79
C SER I 46 -47.82 7.23 27.14
N VAL I 47 -46.52 7.43 26.95
CA VAL I 47 -46.01 8.59 26.24
C VAL I 47 -46.16 8.37 24.75
N GLN I 48 -46.47 9.45 24.02
CA GLN I 48 -46.70 9.36 22.58
C GLN I 48 -45.44 9.63 21.77
N GLY I 49 -44.64 10.62 22.17
CA GLY I 49 -43.56 11.09 21.33
C GLY I 49 -42.40 10.13 21.19
N LEU I 50 -42.29 9.15 22.10
CA LEU I 50 -41.14 8.26 22.08
C LEU I 50 -41.07 7.41 20.83
N HIS I 51 -42.14 7.33 20.04
CA HIS I 51 -42.08 6.59 18.79
C HIS I 51 -41.31 7.34 17.72
N TYR I 52 -40.97 8.61 17.95
CA TYR I 52 -40.15 9.37 17.02
C TYR I 52 -38.66 9.14 17.26
N VAL I 53 -38.23 9.27 18.51
CA VAL I 53 -36.81 9.20 18.82
C VAL I 53 -36.23 7.89 18.31
N GLY I 54 -36.88 6.77 18.63
CA GLY I 54 -36.40 5.49 18.16
C GLY I 54 -36.24 5.46 16.65
N THR I 55 -37.23 6.00 15.94
CA THR I 55 -37.13 6.09 14.49
C THR I 55 -35.84 6.78 14.09
N GLY I 56 -35.57 7.95 14.67
CA GLY I 56 -34.37 8.67 14.33
C GLY I 56 -33.11 7.88 14.60
N LEU I 57 -33.17 6.96 15.55
CA LEU I 57 -32.01 6.11 15.82
C LEU I 57 -31.83 5.06 14.73
N ALA I 58 -32.92 4.47 14.27
CA ALA I 58 -32.82 3.43 13.25
C ALA I 58 -32.19 3.98 11.98
N ALA I 59 -32.54 5.21 11.61
CA ALA I 59 -31.96 5.82 10.43
C ALA I 59 -30.44 5.89 10.51
N ILE I 60 -29.89 5.93 11.72
CA ILE I 60 -28.43 6.00 11.86
C ILE I 60 -27.79 4.77 11.25
N ALA I 61 -28.50 3.63 11.24
CA ALA I 61 -27.96 2.45 10.59
C ALA I 61 -27.57 2.73 9.15
N LEU I 62 -28.34 3.58 8.47
CA LEU I 62 -28.06 3.89 7.08
C LEU I 62 -26.67 4.49 6.92
N ALA I 63 -26.15 5.15 7.96
CA ALA I 63 -24.80 5.69 7.88
C ALA I 63 -23.78 4.59 7.63
N GLY I 64 -23.95 3.45 8.29
CA GLY I 64 -23.09 2.32 8.04
C GLY I 64 -23.41 1.57 6.77
N VAL I 65 -24.52 1.90 6.12
CA VAL I 65 -24.89 1.29 4.84
C VAL I 65 -24.23 2.09 3.72
N GLY I 66 -24.58 3.37 3.62
CA GLY I 66 -24.06 4.19 2.54
C GLY I 66 -22.55 4.12 2.45
N LEU I 67 -21.88 4.35 3.58
CA LEU I 67 -20.42 4.26 3.60
C LEU I 67 -19.95 2.95 3.00
N GLY I 68 -20.53 1.83 3.46
CA GLY I 68 -20.16 0.56 2.91
C GLY I 68 -20.28 0.53 1.41
N ILE I 69 -21.42 0.98 0.89
CA ILE I 69 -21.60 1.02 -0.56
C ILE I 69 -20.47 1.82 -1.20
N GLY I 70 -20.20 3.00 -0.65
CA GLY I 70 -19.09 3.78 -1.13
C GLY I 70 -17.84 2.93 -1.22
N THR I 71 -17.46 2.33 -0.09
CA THR I 71 -16.30 1.46 -0.06
C THR I 71 -16.29 0.55 -1.27
N ILE I 72 -17.39 -0.19 -1.47
CA ILE I 72 -17.45 -1.14 -2.58
C ILE I 72 -17.01 -0.46 -3.87
N PHE I 73 -17.73 0.60 -4.25
CA PHE I 73 -17.45 1.23 -5.53
C PHE I 73 -16.03 1.76 -5.56
N GLY I 74 -15.56 2.32 -4.44
CA GLY I 74 -14.17 2.73 -4.37
C GLY I 74 -13.30 1.60 -4.87
N ASN I 75 -13.34 0.47 -4.18
CA ASN I 75 -12.51 -0.66 -4.58
C ASN I 75 -12.75 -1.02 -6.03
N LEU I 76 -14.02 -1.00 -6.45
CA LEU I 76 -14.34 -1.35 -7.83
C LEU I 76 -13.47 -0.55 -8.79
N LEU I 77 -13.43 0.78 -8.61
CA LEU I 77 -12.65 1.60 -9.50
C LEU I 77 -11.20 1.12 -9.54
N VAL I 78 -10.62 0.94 -8.35
CA VAL I 78 -9.24 0.47 -8.29
C VAL I 78 -9.09 -0.83 -9.04
N ALA I 79 -10.04 -1.75 -8.83
CA ALA I 79 -9.98 -3.02 -9.55
C ALA I 79 -10.01 -2.79 -11.05
N CYS I 80 -10.93 -1.94 -11.51
CA CYS I 80 -11.01 -1.67 -12.95
C CYS I 80 -9.77 -0.97 -13.45
N ALA I 81 -9.01 -0.33 -12.56
CA ALA I 81 -7.73 0.25 -12.96
C ALA I 81 -6.63 -0.81 -13.05
N ARG I 82 -6.72 -1.86 -12.24
CA ARG I 82 -5.68 -2.88 -12.22
C ARG I 82 -5.92 -3.97 -13.26
N GLN I 83 -7.18 -4.35 -13.47
CA GLN I 83 -7.57 -5.37 -14.45
C GLN I 83 -8.77 -4.85 -15.24
N PRO I 84 -8.56 -3.85 -16.10
CA PRO I 84 -9.70 -3.22 -16.78
C PRO I 84 -10.50 -4.17 -17.65
N ASN I 85 -9.87 -5.20 -18.22
CA ASN I 85 -10.59 -6.15 -19.05
C ASN I 85 -11.60 -6.96 -18.26
N LEU I 86 -11.52 -6.95 -16.92
CA LEU I 86 -12.43 -7.68 -16.06
C LEU I 86 -13.50 -6.78 -15.45
N THR I 87 -13.95 -5.78 -16.20
CA THR I 87 -14.88 -4.80 -15.65
C THR I 87 -16.26 -5.42 -15.39
N LYS I 88 -16.70 -6.35 -16.23
CA LYS I 88 -18.07 -6.84 -16.14
C LYS I 88 -18.29 -7.68 -14.88
N MET I 89 -17.40 -8.63 -14.60
CA MET I 89 -17.55 -9.44 -13.41
C MET I 89 -17.48 -8.59 -12.15
N LEU I 90 -16.56 -7.62 -12.14
CA LEU I 90 -16.45 -6.72 -10.99
C LEU I 90 -17.73 -5.92 -10.82
N PHE I 91 -18.30 -5.42 -11.91
CA PHE I 91 -19.53 -4.65 -11.83
C PHE I 91 -20.66 -5.51 -11.29
N ASN I 92 -20.78 -6.75 -11.75
CA ASN I 92 -21.84 -7.62 -11.28
C ASN I 92 -21.68 -7.94 -9.79
N TYR I 93 -20.45 -8.22 -9.36
CA TYR I 93 -20.22 -8.51 -7.94
C TYR I 93 -20.51 -7.28 -7.08
N ALA I 94 -20.13 -6.10 -7.56
CA ALA I 94 -20.43 -4.88 -6.83
C ALA I 94 -21.94 -4.67 -6.73
N ILE I 95 -22.67 -4.96 -7.81
CA ILE I 95 -24.12 -4.85 -7.76
C ILE I 95 -24.69 -5.81 -6.73
N LEU I 96 -24.16 -7.03 -6.68
CA LEU I 96 -24.62 -7.99 -5.67
C LEU I 96 -24.39 -7.46 -4.26
N GLY I 97 -23.20 -6.93 -4.00
CA GLY I 97 -22.91 -6.38 -2.69
C GLY I 97 -23.82 -5.22 -2.34
N PHE I 98 -24.08 -4.35 -3.32
CA PHE I 98 -25.00 -3.25 -3.10
C PHE I 98 -26.40 -3.77 -2.77
N ALA I 99 -26.83 -4.82 -3.47
CA ALA I 99 -28.15 -5.38 -3.19
C ALA I 99 -28.23 -5.88 -1.76
N LEU I 100 -27.20 -6.60 -1.30
CA LEU I 100 -27.23 -7.12 0.07
C LEU I 100 -27.23 -6.00 1.10
N THR I 101 -26.34 -5.02 0.93
CA THR I 101 -26.27 -3.92 1.89
C THR I 101 -27.57 -3.12 1.89
N GLU I 102 -28.16 -2.93 0.71
CA GLU I 102 -29.45 -2.25 0.63
C GLU I 102 -30.56 -3.07 1.27
N ALA I 103 -30.47 -4.39 1.23
CA ALA I 103 -31.43 -5.21 1.96
C ALA I 103 -31.33 -4.97 3.46
N ILE I 104 -30.09 -4.86 3.97
CA ILE I 104 -29.91 -4.54 5.38
C ILE I 104 -30.53 -3.18 5.69
N GLY I 105 -30.25 -2.19 4.84
CA GLY I 105 -30.85 -0.88 5.02
C GLY I 105 -32.37 -0.91 4.95
N LEU I 106 -32.92 -1.78 4.11
CA LEU I 106 -34.36 -1.91 4.00
C LEU I 106 -34.95 -2.51 5.26
N PHE I 107 -34.24 -3.45 5.89
CA PHE I 107 -34.69 -3.93 7.20
C PHE I 107 -34.71 -2.81 8.22
N ALA I 108 -33.66 -1.99 8.23
CA ALA I 108 -33.63 -0.86 9.16
C ALA I 108 -34.80 0.10 8.88
N LEU I 109 -35.08 0.35 7.61
CA LEU I 109 -36.21 1.22 7.25
C LEU I 109 -37.53 0.59 7.66
N MET I 110 -37.65 -0.73 7.53
CA MET I 110 -38.84 -1.42 7.99
C MET I 110 -39.07 -1.15 9.47
N LEU I 111 -38.03 -1.29 10.28
CA LEU I 111 -38.16 -1.01 11.71
C LEU I 111 -38.53 0.45 11.94
N ALA I 112 -37.88 1.36 11.22
CA ALA I 112 -38.15 2.78 11.42
C ALA I 112 -39.59 3.13 11.10
N PHE I 113 -40.13 2.60 10.01
CA PHE I 113 -41.51 2.89 9.65
C PHE I 113 -42.49 2.19 10.57
N LEU I 114 -42.14 1.00 11.06
CA LEU I 114 -43.02 0.34 12.03
C LEU I 114 -43.13 1.16 13.31
N MET I 115 -42.02 1.73 13.77
CA MET I 115 -42.07 2.53 14.99
C MET I 115 -42.71 3.88 14.73
N LEU I 116 -42.47 4.46 13.55
CA LEU I 116 -43.00 5.78 13.24
C LEU I 116 -44.53 5.77 13.18
N PHE I 117 -45.11 4.68 12.67
CA PHE I 117 -46.55 4.51 12.60
C PHE I 117 -47.09 3.68 13.76
N SER I 118 -46.43 3.74 14.91
CA SER I 118 -46.87 2.99 16.09
C SER I 118 -46.76 3.86 17.33
N SER J 41 -40.41 7.21 48.68
CA SER J 41 -41.44 6.19 48.47
C SER J 41 -41.02 5.16 47.43
N THR J 42 -41.85 4.14 47.27
CA THR J 42 -41.68 3.10 46.26
C THR J 42 -42.60 3.43 45.10
N VAL J 43 -42.04 4.05 44.07
CA VAL J 43 -42.81 4.44 42.90
C VAL J 43 -42.36 3.62 41.70
N ALA J 44 -43.06 2.52 41.44
CA ALA J 44 -42.86 1.76 40.23
C ALA J 44 -43.60 2.44 39.08
N ILE J 45 -42.97 2.49 37.92
CA ILE J 45 -43.54 3.17 36.75
C ILE J 45 -43.25 2.34 35.51
N SER J 46 -44.24 2.27 34.63
CA SER J 46 -44.16 1.51 33.39
C SER J 46 -44.33 2.49 32.23
N VAL J 47 -43.22 3.03 31.75
CA VAL J 47 -43.23 3.93 30.60
C VAL J 47 -43.23 3.08 29.33
N GLN J 48 -44.38 3.03 28.64
CA GLN J 48 -44.52 2.16 27.49
C GLN J 48 -43.58 2.57 26.36
N GLY J 49 -43.56 3.85 26.03
CA GLY J 49 -42.84 4.31 24.85
C GLY J 49 -41.37 3.92 24.82
N LEU J 50 -40.78 3.65 25.98
CA LEU J 50 -39.37 3.27 26.00
C LEU J 50 -39.10 2.06 25.12
N HIS J 51 -40.07 1.16 24.99
CA HIS J 51 -39.84 -0.04 24.20
C HIS J 51 -39.57 0.28 22.74
N TYR J 52 -39.76 1.53 22.32
CA TYR J 52 -39.34 1.96 20.99
C TYR J 52 -37.87 2.33 20.97
N VAL J 53 -37.43 3.13 21.96
CA VAL J 53 -36.08 3.68 21.91
C VAL J 53 -35.06 2.56 21.80
N GLY J 54 -35.16 1.56 22.67
CA GLY J 54 -34.23 0.47 22.62
C GLY J 54 -34.19 -0.18 21.25
N THR J 55 -35.36 -0.42 20.66
CA THR J 55 -35.41 -0.98 19.32
C THR J 55 -34.50 -0.20 18.38
N GLY J 56 -34.66 1.12 18.37
CA GLY J 56 -33.83 1.93 17.50
C GLY J 56 -32.35 1.69 17.72
N LEU J 57 -31.94 1.63 18.99
CA LEU J 57 -30.53 1.37 19.29
C LEU J 57 -30.08 0.06 18.66
N ALA J 58 -30.92 -0.97 18.74
CA ALA J 58 -30.55 -2.25 18.12
C ALA J 58 -30.29 -2.08 16.65
N ALA J 59 -31.08 -1.26 15.96
CA ALA J 59 -30.90 -1.08 14.53
C ALA J 59 -29.52 -0.51 14.21
N ILE J 60 -28.92 0.21 15.15
CA ILE J 60 -27.60 0.77 14.90
C ILE J 60 -26.57 -0.33 14.68
N ALA J 61 -26.82 -1.54 15.18
CA ALA J 61 -25.92 -2.65 14.88
C ALA J 61 -25.79 -2.85 13.38
N LEU J 62 -26.89 -2.67 12.65
CA LEU J 62 -26.86 -2.84 11.20
C LEU J 62 -25.90 -1.87 10.53
N ALA J 63 -25.51 -0.79 11.22
CA ALA J 63 -24.49 0.09 10.66
C ALA J 63 -23.18 -0.66 10.48
N GLY J 64 -22.80 -1.47 11.45
CA GLY J 64 -21.58 -2.24 11.33
C GLY J 64 -21.73 -3.33 10.28
N VAL J 65 -22.76 -4.16 10.46
CA VAL J 65 -22.95 -5.31 9.58
C VAL J 65 -22.84 -4.89 8.13
N GLY J 66 -23.71 -3.97 7.71
CA GLY J 66 -23.67 -3.45 6.36
C GLY J 66 -22.26 -3.09 5.96
N LEU J 67 -21.64 -2.19 6.72
CA LEU J 67 -20.29 -1.77 6.38
C LEU J 67 -19.38 -2.98 6.21
N GLY J 68 -19.40 -3.88 7.18
CA GLY J 68 -18.55 -5.06 7.08
C GLY J 68 -18.75 -5.78 5.77
N ILE J 69 -20.02 -6.04 5.42
CA ILE J 69 -20.30 -6.73 4.17
C ILE J 69 -19.61 -5.99 3.02
N GLY J 70 -19.83 -4.68 2.94
CA GLY J 70 -19.21 -3.91 1.89
C GLY J 70 -17.71 -4.13 1.86
N THR J 71 -17.07 -4.03 3.03
CA THR J 71 -15.63 -4.21 3.10
C THR J 71 -15.24 -5.51 2.41
N ILE J 72 -15.91 -6.60 2.76
CA ILE J 72 -15.59 -7.89 2.15
C ILE J 72 -15.55 -7.74 0.64
N PHE J 73 -16.67 -7.32 0.06
CA PHE J 73 -16.75 -7.26 -1.39
C PHE J 73 -15.69 -6.32 -1.95
N GLY J 74 -15.43 -5.22 -1.24
CA GLY J 74 -14.35 -4.36 -1.64
C GLY J 74 -13.12 -5.18 -1.93
N ASN J 75 -12.60 -5.85 -0.90
CA ASN J 75 -11.40 -6.65 -1.07
C ASN J 75 -11.60 -7.68 -2.17
N LEU J 76 -12.79 -8.29 -2.22
CA LEU J 76 -13.05 -9.29 -3.26
C LEU J 76 -12.70 -8.74 -4.63
N LEU J 77 -13.18 -7.53 -4.94
CA LEU J 77 -12.86 -6.93 -6.23
C LEU J 77 -11.34 -6.82 -6.39
N VAL J 78 -10.67 -6.23 -5.40
CA VAL J 78 -9.23 -6.06 -5.48
C VAL J 78 -8.53 -7.40 -5.65
N ALA J 79 -9.16 -8.48 -5.16
CA ALA J 79 -8.59 -9.80 -5.35
C ALA J 79 -8.91 -10.34 -6.74
N CYS J 80 -10.18 -10.22 -7.15
CA CYS J 80 -10.58 -10.79 -8.43
C CYS J 80 -9.87 -10.11 -9.59
N ALA J 81 -9.49 -8.85 -9.43
CA ALA J 81 -8.69 -8.19 -10.44
C ALA J 81 -7.26 -8.70 -10.44
N ARG J 82 -6.72 -8.99 -9.26
CA ARG J 82 -5.33 -9.43 -9.17
C ARG J 82 -5.15 -10.81 -9.81
N GLN J 83 -6.00 -11.77 -9.43
CA GLN J 83 -5.96 -13.13 -9.97
C GLN J 83 -7.37 -13.56 -10.35
N PRO J 84 -7.82 -13.19 -11.55
CA PRO J 84 -9.18 -13.56 -11.95
C PRO J 84 -9.43 -15.05 -11.96
N ASN J 85 -8.40 -15.85 -12.20
CA ASN J 85 -8.60 -17.30 -12.35
C ASN J 85 -9.17 -17.92 -11.08
N LEU J 86 -9.05 -17.25 -9.94
CA LEU J 86 -9.54 -17.75 -8.67
C LEU J 86 -10.90 -17.20 -8.28
N THR J 87 -11.49 -16.35 -9.11
CA THR J 87 -12.74 -15.68 -8.75
C THR J 87 -13.70 -16.62 -8.04
N LYS J 88 -14.02 -17.74 -8.68
CA LYS J 88 -14.96 -18.70 -8.10
C LYS J 88 -14.67 -18.92 -6.63
N MET J 89 -13.47 -19.42 -6.32
CA MET J 89 -13.12 -19.70 -4.93
C MET J 89 -13.35 -18.46 -4.08
N LEU J 90 -12.77 -17.33 -4.48
CA LEU J 90 -12.93 -16.10 -3.73
C LEU J 90 -14.40 -15.83 -3.48
N PHE J 91 -15.21 -15.91 -4.54
CA PHE J 91 -16.63 -15.63 -4.41
C PHE J 91 -17.22 -16.44 -3.27
N ASN J 92 -16.95 -17.76 -3.27
CA ASN J 92 -17.48 -18.60 -2.22
C ASN J 92 -17.13 -18.04 -0.86
N TYR J 93 -15.85 -17.77 -0.63
CA TYR J 93 -15.43 -17.27 0.67
C TYR J 93 -16.16 -15.97 0.99
N ALA J 94 -16.27 -15.07 0.02
CA ALA J 94 -17.00 -13.83 0.27
C ALA J 94 -18.40 -14.14 0.77
N ILE J 95 -19.10 -15.04 0.08
CA ILE J 95 -20.43 -15.42 0.51
C ILE J 95 -20.40 -15.90 1.95
N LEU J 96 -19.43 -16.77 2.27
CA LEU J 96 -19.30 -17.24 3.64
C LEU J 96 -19.25 -16.07 4.60
N GLY J 97 -18.38 -15.09 4.31
CA GLY J 97 -18.29 -13.94 5.18
C GLY J 97 -19.62 -13.25 5.35
N PHE J 98 -20.31 -13.01 4.23
CA PHE J 98 -21.65 -12.44 4.31
C PHE J 98 -22.54 -13.30 5.20
N ALA J 99 -22.55 -14.61 4.96
CA ALA J 99 -23.43 -15.48 5.71
C ALA J 99 -23.14 -15.41 7.20
N LEU J 100 -21.96 -14.96 7.59
CA LEU J 100 -21.67 -14.76 9.00
C LEU J 100 -22.14 -13.39 9.47
N THR J 101 -21.77 -12.33 8.75
CA THR J 101 -22.13 -10.99 9.20
C THR J 101 -23.64 -10.85 9.32
N GLU J 102 -24.36 -11.25 8.27
CA GLU J 102 -25.82 -11.18 8.32
C GLU J 102 -26.36 -11.93 9.53
N ALA J 103 -25.72 -13.03 9.90
CA ALA J 103 -26.16 -13.78 11.08
C ALA J 103 -26.23 -12.87 12.29
N ILE J 104 -25.15 -12.11 12.52
CA ILE J 104 -25.15 -11.16 13.63
C ILE J 104 -26.34 -10.22 13.50
N GLY J 105 -26.56 -9.70 12.30
CA GLY J 105 -27.70 -8.82 12.08
C GLY J 105 -28.99 -9.44 12.56
N LEU J 106 -29.18 -10.73 12.27
CA LEU J 106 -30.40 -11.40 12.71
C LEU J 106 -30.63 -11.18 14.20
N PHE J 107 -29.60 -11.46 15.00
CA PHE J 107 -29.73 -11.26 16.44
C PHE J 107 -30.24 -9.87 16.73
N ALA J 108 -29.59 -8.84 16.16
CA ALA J 108 -30.04 -7.48 16.37
C ALA J 108 -31.51 -7.35 16.02
N LEU J 109 -31.88 -7.78 14.81
CA LEU J 109 -33.28 -7.70 14.41
C LEU J 109 -34.16 -8.44 15.43
N MET J 110 -33.73 -9.63 15.83
CA MET J 110 -34.50 -10.37 16.83
C MET J 110 -34.74 -9.49 18.04
N LEU J 111 -33.65 -8.93 18.60
CA LEU J 111 -33.81 -8.05 19.76
C LEU J 111 -34.82 -6.96 19.46
N ALA J 112 -34.70 -6.31 18.30
CA ALA J 112 -35.67 -5.30 17.93
C ALA J 112 -37.08 -5.87 17.93
N PHE J 113 -37.27 -6.98 17.20
CA PHE J 113 -38.60 -7.58 17.14
C PHE J 113 -39.00 -8.17 18.48
N LEU J 114 -38.06 -8.35 19.40
CA LEU J 114 -38.36 -8.82 20.73
C LEU J 114 -38.57 -7.69 21.72
N MET J 115 -38.32 -6.44 21.30
CA MET J 115 -38.61 -5.27 22.12
C MET J 115 -39.68 -4.37 21.53
N LEU J 116 -39.75 -4.28 20.21
CA LEU J 116 -40.85 -3.53 19.59
C LEU J 116 -42.19 -4.19 19.88
N PHE J 117 -42.24 -5.52 19.81
CA PHE J 117 -43.44 -6.28 20.14
C PHE J 117 -43.38 -6.77 21.59
N SER J 118 -43.23 -5.81 22.49
CA SER J 118 -43.15 -6.09 23.93
C SER J 118 -43.42 -4.82 24.73
N SER K 41 -36.70 14.87 50.01
CA SER K 41 -37.39 13.62 50.30
C SER K 41 -36.72 12.44 49.61
N THR K 42 -37.07 11.22 50.00
CA THR K 42 -36.29 10.04 49.61
C THR K 42 -37.15 9.20 48.69
N VAL K 43 -37.12 9.53 47.40
CA VAL K 43 -38.03 8.95 46.43
C VAL K 43 -37.31 7.81 45.71
N ALA K 44 -37.51 6.59 46.20
CA ALA K 44 -37.09 5.40 45.49
C ALA K 44 -38.04 5.12 44.32
N ILE K 45 -37.49 5.04 43.12
CA ILE K 45 -38.26 4.92 41.89
C ILE K 45 -37.75 3.73 41.10
N SER K 46 -38.69 2.98 40.53
CA SER K 46 -38.39 1.76 39.79
C SER K 46 -39.06 1.89 38.42
N VAL K 47 -38.28 2.35 37.44
CA VAL K 47 -38.76 2.49 36.07
C VAL K 47 -38.53 1.16 35.37
N GLN K 48 -39.62 0.47 35.03
CA GLN K 48 -39.54 -0.86 34.45
C GLN K 48 -39.17 -0.85 32.98
N GLY K 49 -39.37 0.25 32.29
CA GLY K 49 -39.09 0.32 30.87
C GLY K 49 -37.66 0.65 30.51
N LEU K 50 -36.77 0.80 31.48
CA LEU K 50 -35.38 1.12 31.18
C LEU K 50 -34.61 -0.10 30.70
N HIS K 51 -35.01 -1.30 31.10
CA HIS K 51 -34.25 -2.48 30.74
C HIS K 51 -34.25 -2.72 29.23
N TYR K 52 -35.18 -2.13 28.51
CA TYR K 52 -35.10 -2.14 27.05
C TYR K 52 -33.90 -1.33 26.57
N VAL K 53 -33.78 -0.08 27.05
CA VAL K 53 -32.76 0.82 26.54
C VAL K 53 -31.39 0.18 26.65
N GLY K 54 -31.05 -0.29 27.85
CA GLY K 54 -29.74 -0.91 28.03
C GLY K 54 -29.53 -2.05 27.05
N THR K 55 -30.55 -2.89 26.88
CA THR K 55 -30.44 -3.99 25.93
C THR K 55 -29.99 -3.47 24.58
N GLY K 56 -30.68 -2.45 24.07
CA GLY K 56 -30.30 -1.91 22.78
C GLY K 56 -28.85 -1.48 22.75
N LEU K 57 -28.40 -0.79 23.79
CA LEU K 57 -27.01 -0.35 23.84
C LEU K 57 -26.07 -1.54 23.69
N ALA K 58 -26.36 -2.64 24.38
CA ALA K 58 -25.49 -3.81 24.28
C ALA K 58 -25.42 -4.30 22.84
N ALA K 59 -26.54 -4.26 22.13
CA ALA K 59 -26.54 -4.73 20.74
C ALA K 59 -25.59 -3.91 19.88
N ILE K 60 -25.33 -2.66 20.25
CA ILE K 60 -24.42 -1.84 19.46
C ILE K 60 -23.04 -2.46 19.42
N ALA K 61 -22.68 -3.24 20.44
CA ALA K 61 -21.39 -3.92 20.43
C ALA K 61 -21.25 -4.79 19.18
N LEU K 62 -22.34 -5.42 18.75
CA LEU K 62 -22.28 -6.27 17.56
C LEU K 62 -21.80 -5.49 16.35
N ALA K 63 -22.03 -4.18 16.31
CA ALA K 63 -21.55 -3.38 15.20
C ALA K 63 -20.05 -3.49 15.06
N GLY K 64 -19.33 -3.45 16.18
CA GLY K 64 -17.90 -3.63 16.15
C GLY K 64 -17.45 -5.06 16.00
N VAL K 65 -18.37 -6.01 16.09
CA VAL K 65 -18.06 -7.42 15.94
C VAL K 65 -18.18 -7.81 14.48
N GLY K 66 -19.40 -7.67 13.93
CA GLY K 66 -19.61 -8.04 12.53
C GLY K 66 -18.63 -7.36 11.61
N LEU K 67 -18.48 -6.04 11.76
CA LEU K 67 -17.51 -5.32 10.95
C LEU K 67 -16.14 -5.99 11.02
N GLY K 68 -15.68 -6.27 12.24
CA GLY K 68 -14.40 -6.93 12.39
C GLY K 68 -14.32 -8.20 11.56
N ILE K 69 -15.37 -9.03 11.63
CA ILE K 69 -15.38 -10.26 10.87
C ILE K 69 -15.14 -9.95 9.40
N GLY K 70 -15.88 -8.98 8.86
CA GLY K 70 -15.68 -8.61 7.47
C GLY K 70 -14.24 -8.30 7.18
N THR K 71 -13.62 -7.48 8.03
CA THR K 71 -12.22 -7.12 7.82
C THR K 71 -11.39 -8.38 7.64
N ILE K 72 -11.53 -9.33 8.57
CA ILE K 72 -10.78 -10.57 8.46
C ILE K 72 -10.93 -11.13 7.05
N PHE K 73 -12.16 -11.42 6.66
CA PHE K 73 -12.37 -12.07 5.37
C PHE K 73 -11.86 -11.19 4.25
N GLY K 74 -12.04 -9.88 4.36
CA GLY K 74 -11.48 -8.98 3.37
C GLY K 74 -10.04 -9.34 3.16
N ASN K 75 -9.24 -9.23 4.22
CA ASN K 75 -7.82 -9.52 4.09
C ASN K 75 -7.60 -10.95 3.61
N LEU K 76 -8.42 -11.89 4.08
CA LEU K 76 -8.29 -13.26 3.63
C LEU K 76 -8.29 -13.33 2.11
N LEU K 77 -9.23 -12.63 1.48
CA LEU K 77 -9.27 -12.63 0.01
C LEU K 77 -7.95 -12.14 -0.54
N VAL K 78 -7.48 -10.99 -0.06
CA VAL K 78 -6.22 -10.45 -0.56
C VAL K 78 -5.08 -11.41 -0.26
N ALA K 79 -5.19 -12.19 0.81
CA ALA K 79 -4.16 -13.17 1.10
C ALA K 79 -4.26 -14.38 0.19
N CYS K 80 -5.47 -14.75 -0.22
CA CYS K 80 -5.62 -15.86 -1.14
C CYS K 80 -5.23 -15.48 -2.57
N ALA K 81 -5.51 -14.24 -2.97
CA ALA K 81 -5.13 -13.78 -4.30
C ALA K 81 -3.63 -13.64 -4.47
N ARG K 82 -2.87 -13.65 -3.38
CA ARG K 82 -1.41 -13.54 -3.44
C ARG K 82 -0.73 -14.89 -3.39
N GLN K 83 -1.13 -15.76 -2.45
CA GLN K 83 -0.61 -17.11 -2.32
C GLN K 83 -1.77 -18.08 -2.21
N PRO K 84 -2.46 -18.35 -3.32
CA PRO K 84 -3.60 -19.27 -3.27
C PRO K 84 -3.26 -20.66 -2.77
N ASN K 85 -2.04 -21.13 -3.02
CA ASN K 85 -1.66 -22.47 -2.57
C ASN K 85 -1.74 -22.60 -1.06
N LEU K 86 -1.74 -21.49 -0.33
CA LEU K 86 -1.80 -21.50 1.12
C LEU K 86 -3.22 -21.34 1.65
N THR K 87 -4.22 -21.32 0.77
CA THR K 87 -5.59 -21.08 1.21
C THR K 87 -5.99 -22.02 2.35
N LYS K 88 -5.77 -23.32 2.16
CA LYS K 88 -6.23 -24.29 3.14
C LYS K 88 -5.66 -24.00 4.53
N MET K 89 -4.51 -23.32 4.58
CA MET K 89 -3.99 -22.86 5.87
C MET K 89 -4.68 -21.58 6.30
N LEU K 90 -4.63 -20.54 5.46
CA LEU K 90 -5.17 -19.24 5.83
C LEU K 90 -6.59 -19.37 6.32
N PHE K 91 -7.41 -20.12 5.60
CA PHE K 91 -8.82 -20.27 5.97
C PHE K 91 -8.94 -20.65 7.44
N ASN K 92 -8.19 -21.65 7.87
CA ASN K 92 -8.26 -22.07 9.26
C ASN K 92 -8.03 -20.89 10.18
N TYR K 93 -6.93 -20.15 9.97
CA TYR K 93 -6.65 -19.00 10.81
C TYR K 93 -7.82 -18.02 10.75
N ALA K 94 -8.35 -17.75 9.56
CA ALA K 94 -9.50 -16.87 9.46
C ALA K 94 -10.62 -17.37 10.35
N ILE K 95 -10.92 -18.67 10.26
CA ILE K 95 -11.96 -19.25 11.11
C ILE K 95 -11.64 -18.97 12.57
N LEU K 96 -10.38 -19.19 12.95
CA LEU K 96 -9.99 -18.92 14.33
C LEU K 96 -10.37 -17.50 14.72
N GLY K 97 -10.08 -16.54 13.86
CA GLY K 97 -10.44 -15.16 14.17
C GLY K 97 -11.93 -15.02 14.38
N PHE K 98 -12.73 -15.59 13.47
CA PHE K 98 -14.17 -15.53 13.65
C PHE K 98 -14.60 -16.23 14.92
N ALA K 99 -13.87 -17.25 15.35
CA ALA K 99 -14.22 -17.95 16.58
C ALA K 99 -13.92 -17.13 17.81
N LEU K 100 -13.11 -16.08 17.68
CA LEU K 100 -12.79 -15.20 18.80
C LEU K 100 -13.70 -13.98 18.85
N THR K 101 -13.76 -13.20 17.76
CA THR K 101 -14.66 -12.05 17.72
C THR K 101 -16.08 -12.47 18.04
N GLU K 102 -16.54 -13.57 17.46
CA GLU K 102 -17.88 -14.06 17.76
C GLU K 102 -18.03 -14.31 19.26
N ALA K 103 -17.03 -14.91 19.88
CA ALA K 103 -17.09 -15.16 21.32
C ALA K 103 -17.26 -13.86 22.10
N ILE K 104 -16.71 -12.77 21.59
CA ILE K 104 -16.92 -11.47 22.22
C ILE K 104 -18.39 -11.08 22.11
N GLY K 105 -18.96 -11.20 20.91
CA GLY K 105 -20.34 -10.78 20.72
C GLY K 105 -21.28 -11.48 21.67
N LEU K 106 -21.08 -12.77 21.89
CA LEU K 106 -21.92 -13.52 22.81
C LEU K 106 -22.05 -12.77 24.13
N PHE K 107 -20.91 -12.32 24.68
CA PHE K 107 -20.96 -11.60 25.95
C PHE K 107 -21.95 -10.46 25.88
N ALA K 108 -21.82 -9.59 24.86
CA ALA K 108 -22.79 -8.53 24.68
C ALA K 108 -24.19 -9.11 24.60
N LEU K 109 -24.39 -10.09 23.71
CA LEU K 109 -25.68 -10.73 23.60
C LEU K 109 -26.17 -11.19 24.96
N MET K 110 -25.27 -11.81 25.75
CA MET K 110 -25.67 -12.28 27.07
C MET K 110 -26.30 -11.15 27.86
N LEU K 111 -25.61 -10.02 27.96
CA LEU K 111 -26.18 -8.88 28.65
C LEU K 111 -27.51 -8.49 28.03
N ALA K 112 -27.55 -8.37 26.71
CA ALA K 112 -28.77 -7.97 26.03
C ALA K 112 -29.92 -8.91 26.30
N PHE K 113 -29.63 -10.14 26.72
CA PHE K 113 -30.68 -11.06 27.14
C PHE K 113 -30.97 -10.94 28.63
N LEU K 114 -29.92 -10.84 29.45
CA LEU K 114 -30.12 -10.78 30.88
C LEU K 114 -30.94 -9.56 31.27
N MET K 115 -30.65 -8.41 30.65
CA MET K 115 -31.44 -7.22 30.90
C MET K 115 -32.79 -7.28 30.21
N LEU K 116 -32.95 -8.09 29.18
CA LEU K 116 -34.22 -8.18 28.47
C LEU K 116 -35.19 -9.15 29.13
N PHE K 117 -34.73 -9.95 30.07
CA PHE K 117 -35.59 -10.89 30.80
C PHE K 117 -35.40 -10.74 32.30
N SER K 118 -35.13 -9.53 32.76
CA SER K 118 -34.96 -9.26 34.19
C SER K 118 -35.23 -7.79 34.49
N SER L 41 -35.51 23.17 47.42
CA SER L 41 -35.54 22.47 48.71
C SER L 41 -34.47 21.38 48.76
N THR L 42 -34.47 20.59 49.84
CA THR L 42 -33.63 19.39 49.93
C THR L 42 -34.40 18.16 49.46
N VAL L 43 -33.96 17.57 48.34
CA VAL L 43 -34.64 16.43 47.74
C VAL L 43 -33.64 15.43 47.20
N ALA L 44 -34.02 14.16 47.22
CA ALA L 44 -33.15 13.04 46.88
C ALA L 44 -33.98 11.91 46.28
N ILE L 45 -33.47 11.34 45.19
CA ILE L 45 -34.17 10.31 44.44
C ILE L 45 -33.21 9.16 44.16
N SER L 46 -33.78 7.97 43.97
CA SER L 46 -33.01 6.75 43.73
C SER L 46 -33.70 5.97 42.61
N VAL L 47 -33.27 6.21 41.37
CA VAL L 47 -33.84 5.56 40.21
C VAL L 47 -33.09 4.25 39.99
N GLN L 48 -33.74 3.13 40.28
CA GLN L 48 -33.07 1.84 40.21
C GLN L 48 -32.71 1.47 38.77
N GLY L 49 -33.66 1.65 37.85
CA GLY L 49 -33.49 1.16 36.49
C GLY L 49 -32.23 1.64 35.81
N LEU L 50 -31.67 2.77 36.26
CA LEU L 50 -30.47 3.29 35.63
C LEU L 50 -29.35 2.26 35.63
N HIS L 51 -29.35 1.34 36.59
CA HIS L 51 -28.27 0.36 36.65
C HIS L 51 -28.20 -0.48 35.38
N TYR L 52 -29.29 -0.55 34.62
CA TYR L 52 -29.24 -1.22 33.33
C TYR L 52 -28.49 -0.37 32.29
N VAL L 53 -28.80 0.92 32.24
CA VAL L 53 -28.31 1.75 31.16
C VAL L 53 -26.79 1.72 31.12
N GLY L 54 -26.14 1.96 32.25
CA GLY L 54 -24.70 1.92 32.29
C GLY L 54 -24.17 0.57 31.83
N THR L 55 -24.81 -0.52 32.27
CA THR L 55 -24.37 -1.84 31.85
C THR L 55 -24.36 -1.95 30.33
N GLY L 56 -25.32 -1.32 29.67
CA GLY L 56 -25.31 -1.31 28.22
C GLY L 56 -24.11 -0.56 27.66
N LEU L 57 -23.84 0.63 28.20
CA LEU L 57 -22.79 1.47 27.64
C LEU L 57 -21.44 0.77 27.71
N ALA L 58 -21.14 0.14 28.84
CA ALA L 58 -19.88 -0.59 28.96
C ALA L 58 -19.76 -1.65 27.87
N ALA L 59 -20.87 -2.27 27.48
CA ALA L 59 -20.80 -3.29 26.44
C ALA L 59 -20.28 -2.71 25.13
N ILE L 60 -20.57 -1.44 24.87
CA ILE L 60 -20.07 -0.81 23.65
C ILE L 60 -18.56 -0.81 23.60
N ALA L 61 -17.90 -0.89 24.77
CA ALA L 61 -16.44 -0.98 24.78
C ALA L 61 -15.96 -2.20 24.01
N LEU L 62 -16.75 -3.25 23.96
CA LEU L 62 -16.36 -4.45 23.22
C LEU L 62 -16.35 -4.18 21.71
N ALA L 63 -17.14 -3.22 21.25
CA ALA L 63 -17.22 -2.95 19.81
C ALA L 63 -15.84 -2.75 19.22
N GLY L 64 -15.04 -1.88 19.83
CA GLY L 64 -13.66 -1.73 19.39
C GLY L 64 -12.85 -2.99 19.62
N VAL L 65 -12.97 -3.57 20.82
CA VAL L 65 -12.16 -4.73 21.18
C VAL L 65 -12.27 -5.79 20.09
N GLY L 66 -13.48 -6.26 19.84
CA GLY L 66 -13.67 -7.24 18.78
C GLY L 66 -13.07 -6.78 17.47
N LEU L 67 -13.41 -5.55 17.07
CA LEU L 67 -12.85 -5.01 15.84
C LEU L 67 -11.32 -5.10 15.86
N GLY L 68 -10.71 -4.71 16.97
CA GLY L 68 -9.27 -4.80 17.07
C GLY L 68 -8.77 -6.19 16.74
N ILE L 69 -9.39 -7.21 17.33
CA ILE L 69 -8.97 -8.57 17.06
C ILE L 69 -9.01 -8.83 15.56
N GLY L 70 -10.11 -8.45 14.93
CA GLY L 70 -10.20 -8.63 13.49
C GLY L 70 -8.99 -8.06 12.78
N THR L 71 -8.65 -6.81 13.10
CA THR L 71 -7.50 -6.18 12.45
C THR L 71 -6.28 -7.09 12.55
N ILE L 72 -6.00 -7.58 13.76
CA ILE L 72 -4.88 -8.51 13.92
C ILE L 72 -5.03 -9.66 12.95
N PHE L 73 -6.11 -10.41 13.08
CA PHE L 73 -6.31 -11.60 12.26
C PHE L 73 -6.55 -11.24 10.81
N GLY L 74 -6.62 -9.96 10.48
CA GLY L 74 -6.55 -9.56 9.10
C GLY L 74 -5.11 -9.54 8.65
N ASN L 75 -4.31 -8.70 9.30
CA ASN L 75 -2.93 -8.50 8.86
C ASN L 75 -2.14 -9.79 8.94
N LEU L 76 -2.40 -10.60 9.97
CA LEU L 76 -1.78 -11.92 10.07
C LEU L 76 -1.83 -12.63 8.74
N LEU L 77 -3.02 -12.70 8.13
CA LEU L 77 -3.15 -13.38 6.85
C LEU L 77 -2.22 -12.74 5.82
N VAL L 78 -2.30 -11.41 5.67
CA VAL L 78 -1.44 -10.72 4.74
C VAL L 78 0.02 -10.96 5.09
N ALA L 79 0.32 -11.16 6.38
CA ALA L 79 1.69 -11.43 6.78
C ALA L 79 2.08 -12.88 6.48
N CYS L 80 1.14 -13.81 6.57
CA CYS L 80 1.46 -15.21 6.33
C CYS L 80 1.66 -15.50 4.85
N ALA L 81 0.97 -14.78 3.97
CA ALA L 81 1.15 -14.97 2.55
C ALA L 81 2.53 -14.49 2.11
N ARG L 82 2.95 -13.31 2.57
CA ARG L 82 4.24 -12.78 2.19
C ARG L 82 5.39 -13.66 2.69
N GLN L 83 5.30 -14.12 3.94
CA GLN L 83 6.34 -14.92 4.57
C GLN L 83 5.69 -16.14 5.22
N PRO L 84 5.31 -17.14 4.43
CA PRO L 84 4.73 -18.35 5.01
C PRO L 84 5.67 -19.11 5.92
N ASN L 85 6.97 -18.86 5.82
CA ASN L 85 7.93 -19.54 6.67
C ASN L 85 7.84 -19.07 8.12
N LEU L 86 7.21 -17.92 8.37
CA LEU L 86 7.14 -17.34 9.70
C LEU L 86 5.72 -17.41 10.28
N THR L 87 4.95 -18.42 9.89
CA THR L 87 3.59 -18.52 10.39
C THR L 87 3.56 -18.67 11.91
N LYS L 88 4.53 -19.39 12.47
CA LYS L 88 4.51 -19.68 13.89
C LYS L 88 4.73 -18.41 14.72
N MET L 89 5.76 -17.65 14.37
CA MET L 89 6.07 -16.43 15.13
C MET L 89 4.95 -15.41 15.00
N LEU L 90 4.44 -15.22 13.78
CA LEU L 90 3.35 -14.28 13.57
C LEU L 90 2.10 -14.72 14.32
N PHE L 91 1.82 -16.03 14.33
CA PHE L 91 0.68 -16.54 15.06
C PHE L 91 0.82 -16.28 16.56
N ASN L 92 2.03 -16.49 17.09
CA ASN L 92 2.26 -16.22 18.50
C ASN L 92 2.04 -14.74 18.82
N TYR L 93 2.54 -13.86 17.97
CA TYR L 93 2.35 -12.43 18.19
C TYR L 93 0.87 -12.06 18.11
N ALA L 94 0.14 -12.67 17.18
CA ALA L 94 -1.29 -12.41 17.07
C ALA L 94 -2.02 -12.87 18.32
N ILE L 95 -1.66 -14.03 18.86
CA ILE L 95 -2.26 -14.50 20.10
C ILE L 95 -1.96 -13.54 21.24
N LEU L 96 -0.73 -13.04 21.29
CA LEU L 96 -0.38 -12.05 22.30
C LEU L 96 -1.28 -10.82 22.20
N GLY L 97 -1.45 -10.30 20.98
CA GLY L 97 -2.30 -9.13 20.80
C GLY L 97 -3.73 -9.40 21.17
N PHE L 98 -4.23 -10.59 20.82
CA PHE L 98 -5.59 -10.97 21.20
C PHE L 98 -5.75 -10.99 22.72
N ALA L 99 -4.77 -11.54 23.43
CA ALA L 99 -4.85 -11.55 24.89
C ALA L 99 -4.84 -10.14 25.45
N LEU L 100 -3.99 -9.27 24.89
CA LEU L 100 -3.92 -7.90 25.39
C LEU L 100 -5.24 -7.17 25.19
N THR L 101 -5.88 -7.36 24.03
CA THR L 101 -7.19 -6.74 23.82
C THR L 101 -8.25 -7.37 24.72
N GLU L 102 -8.20 -8.70 24.89
CA GLU L 102 -9.15 -9.37 25.75
C GLU L 102 -9.07 -8.86 27.19
N ALA L 103 -7.89 -8.41 27.60
CA ALA L 103 -7.77 -7.81 28.94
C ALA L 103 -8.71 -6.61 29.08
N ILE L 104 -8.67 -5.70 28.11
CA ILE L 104 -9.54 -4.53 28.14
C ILE L 104 -11.00 -4.97 28.03
N GLY L 105 -11.26 -5.96 27.18
CA GLY L 105 -12.62 -6.48 27.08
C GLY L 105 -13.14 -6.97 28.41
N LEU L 106 -12.30 -7.69 29.17
CA LEU L 106 -12.71 -8.18 30.48
C LEU L 106 -12.86 -7.04 31.48
N PHE L 107 -12.05 -5.99 31.37
CA PHE L 107 -12.26 -4.82 32.22
C PHE L 107 -13.66 -4.25 32.00
N ALA L 108 -14.02 -4.03 30.73
CA ALA L 108 -15.34 -3.48 30.43
C ALA L 108 -16.45 -4.43 30.87
N LEU L 109 -16.25 -5.73 30.66
CA LEU L 109 -17.24 -6.71 31.09
C LEU L 109 -17.41 -6.70 32.60
N MET L 110 -16.32 -6.55 33.33
CA MET L 110 -16.39 -6.45 34.78
C MET L 110 -17.21 -5.24 35.19
N LEU L 111 -16.93 -4.09 34.59
CA LEU L 111 -17.72 -2.90 34.88
C LEU L 111 -19.21 -3.16 34.63
N ALA L 112 -19.52 -3.75 33.47
CA ALA L 112 -20.91 -3.99 33.12
C ALA L 112 -21.59 -4.91 34.12
N PHE L 113 -20.94 -6.01 34.46
CA PHE L 113 -21.54 -6.97 35.39
C PHE L 113 -21.72 -6.35 36.77
N LEU L 114 -20.75 -5.56 37.22
CA LEU L 114 -20.89 -4.90 38.52
C LEU L 114 -22.07 -3.94 38.52
N MET L 115 -22.23 -3.16 37.44
CA MET L 115 -23.37 -2.25 37.37
C MET L 115 -24.67 -2.99 37.09
N LEU L 116 -24.62 -4.28 36.73
CA LEU L 116 -25.83 -5.04 36.48
C LEU L 116 -26.37 -5.70 37.75
N PHE L 117 -25.50 -6.28 38.56
CA PHE L 117 -25.88 -6.94 39.80
C PHE L 117 -25.67 -6.05 41.01
N SER L 118 -25.81 -4.73 40.84
CA SER L 118 -25.65 -3.78 41.94
C SER L 118 -26.82 -2.81 41.99
N SER M 41 -38.53 28.51 41.69
CA SER M 41 -38.13 28.34 43.09
C SER M 41 -37.04 27.29 43.22
N THR M 42 -36.39 27.21 44.37
CA THR M 42 -35.25 26.31 44.49
C THR M 42 -35.76 24.88 44.61
N VAL M 43 -35.15 23.98 43.84
CA VAL M 43 -35.38 22.56 44.03
C VAL M 43 -34.05 21.85 43.82
N ALA M 44 -33.42 21.41 44.90
CA ALA M 44 -32.16 20.68 44.85
C ALA M 44 -32.47 19.19 44.89
N ILE M 45 -32.00 18.47 43.89
CA ILE M 45 -32.33 17.05 43.72
C ILE M 45 -31.03 16.27 43.63
N SER M 46 -30.95 15.17 44.37
CA SER M 46 -29.78 14.28 44.36
C SER M 46 -30.24 12.92 43.83
N VAL M 47 -30.06 12.71 42.53
CA VAL M 47 -30.39 11.45 41.88
C VAL M 47 -29.21 10.50 42.03
N GLN M 48 -29.43 9.37 42.70
CA GLN M 48 -28.32 8.48 43.05
C GLN M 48 -27.87 7.64 41.85
N GLY M 49 -28.81 7.20 41.02
CA GLY M 49 -28.47 6.24 39.98
C GLY M 49 -27.62 6.82 38.85
N LEU M 50 -27.58 8.14 38.72
CA LEU M 50 -26.85 8.73 37.60
C LEU M 50 -25.38 8.33 37.60
N HIS M 51 -24.82 8.06 38.77
CA HIS M 51 -23.40 7.70 38.82
C HIS M 51 -23.12 6.44 38.02
N TYR M 52 -24.13 5.60 37.78
CA TYR M 52 -23.96 4.47 36.89
C TYR M 52 -23.71 4.94 35.46
N VAL M 53 -24.59 5.81 34.95
CA VAL M 53 -24.53 6.23 33.55
C VAL M 53 -23.10 6.66 33.20
N GLY M 54 -22.60 7.66 33.93
CA GLY M 54 -21.27 8.17 33.63
C GLY M 54 -20.23 7.06 33.64
N THR M 55 -20.30 6.16 34.62
CA THR M 55 -19.36 5.05 34.67
C THR M 55 -19.33 4.33 33.33
N GLY M 56 -20.50 3.97 32.81
CA GLY M 56 -20.54 3.27 31.54
C GLY M 56 -19.86 4.07 30.44
N LEU M 57 -20.10 5.38 30.41
CA LEU M 57 -19.45 6.21 29.41
C LEU M 57 -17.93 6.12 29.54
N ALA M 58 -17.42 6.16 30.77
CA ALA M 58 -15.99 6.06 30.98
C ALA M 58 -15.42 4.75 30.43
N ALA M 59 -16.26 3.72 30.31
CA ALA M 59 -15.79 2.45 29.77
C ALA M 59 -15.76 2.46 28.25
N ILE M 60 -16.57 3.30 27.61
CA ILE M 60 -16.58 3.35 26.15
C ILE M 60 -15.21 3.71 25.62
N ALA M 61 -14.50 4.60 26.32
CA ALA M 61 -13.17 4.99 25.89
C ALA M 61 -12.27 3.77 25.71
N LEU M 62 -12.49 2.71 26.50
CA LEU M 62 -11.66 1.52 26.39
C LEU M 62 -11.64 0.99 24.97
N ALA M 63 -12.75 1.12 24.25
CA ALA M 63 -12.76 0.69 22.85
C ALA M 63 -11.65 1.37 22.07
N GLY M 64 -11.59 2.70 22.13
CA GLY M 64 -10.54 3.41 21.43
C GLY M 64 -9.16 2.97 21.86
N VAL M 65 -9.04 2.45 23.08
CA VAL M 65 -7.79 1.85 23.52
C VAL M 65 -7.61 0.48 22.87
N GLY M 66 -8.59 -0.41 23.06
CA GLY M 66 -8.40 -1.78 22.61
C GLY M 66 -8.13 -1.87 21.12
N LEU M 67 -8.96 -1.19 20.33
CA LEU M 67 -8.72 -1.14 18.90
C LEU M 67 -7.29 -0.71 18.61
N GLY M 68 -6.84 0.35 19.26
CA GLY M 68 -5.49 0.82 19.04
C GLY M 68 -4.47 -0.29 19.20
N ILE M 69 -4.62 -1.10 20.26
CA ILE M 69 -3.67 -2.18 20.49
C ILE M 69 -3.60 -3.07 19.26
N GLY M 70 -4.77 -3.48 18.76
CA GLY M 70 -4.77 -4.33 17.57
C GLY M 70 -4.01 -3.68 16.43
N THR M 71 -4.26 -2.39 16.21
CA THR M 71 -3.57 -1.68 15.14
C THR M 71 -2.07 -1.91 15.23
N ILE M 72 -1.52 -1.75 16.44
CA ILE M 72 -0.09 -2.01 16.63
C ILE M 72 0.24 -3.41 16.16
N PHE M 73 -0.40 -4.41 16.78
CA PHE M 73 -0.16 -5.79 16.39
C PHE M 73 -0.74 -6.09 15.01
N GLY M 74 -1.53 -5.19 14.46
CA GLY M 74 -1.92 -5.33 13.06
C GLY M 74 -0.76 -5.03 12.14
N ASN M 75 0.08 -4.06 12.49
CA ASN M 75 1.20 -3.68 11.65
C ASN M 75 2.49 -4.36 12.04
N LEU M 76 2.69 -4.64 13.32
CA LEU M 76 3.90 -5.33 13.76
C LEU M 76 4.14 -6.57 12.92
N LEU M 77 3.13 -7.41 12.78
CA LEU M 77 3.26 -8.63 11.99
C LEU M 77 3.78 -8.29 10.60
N VAL M 78 3.14 -7.32 9.94
CA VAL M 78 3.57 -6.94 8.60
C VAL M 78 5.05 -6.59 8.61
N ALA M 79 5.47 -5.77 9.58
CA ALA M 79 6.87 -5.40 9.68
C ALA M 79 7.74 -6.64 9.84
N CYS M 80 7.33 -7.55 10.72
CA CYS M 80 8.11 -8.77 10.90
C CYS M 80 8.20 -9.57 9.60
N ALA M 81 7.18 -9.48 8.75
CA ALA M 81 7.24 -10.12 7.45
C ALA M 81 8.12 -9.35 6.48
N ARG M 82 8.14 -8.02 6.60
CA ARG M 82 8.95 -7.21 5.70
C ARG M 82 10.42 -7.30 6.05
N GLN M 83 10.75 -7.25 7.34
CA GLN M 83 12.13 -7.27 7.82
C GLN M 83 12.23 -8.25 8.99
N PRO M 84 12.29 -9.54 8.71
CA PRO M 84 12.34 -10.53 9.81
C PRO M 84 13.54 -10.38 10.72
N ASN M 85 14.61 -9.73 10.27
CA ASN M 85 15.79 -9.60 11.11
C ASN M 85 15.53 -8.73 12.34
N LEU M 86 14.55 -7.82 12.25
CA LEU M 86 14.22 -6.91 13.34
C LEU M 86 13.03 -7.40 14.16
N THR M 87 12.87 -8.71 14.30
CA THR M 87 11.76 -9.24 15.07
C THR M 87 11.82 -8.82 16.53
N LYS M 88 12.97 -8.38 17.01
CA LYS M 88 13.15 -8.06 18.42
C LYS M 88 12.88 -6.59 18.74
N MET M 89 13.53 -5.68 18.00
CA MET M 89 13.36 -4.26 18.26
C MET M 89 11.92 -3.83 18.00
N LEU M 90 11.34 -4.32 16.91
CA LEU M 90 9.95 -4.00 16.61
C LEU M 90 9.02 -4.46 17.71
N PHE M 91 9.29 -5.64 18.27
CA PHE M 91 8.48 -6.13 19.38
C PHE M 91 8.56 -5.18 20.57
N ASN M 92 9.77 -4.71 20.88
CA ASN M 92 9.93 -3.80 22.01
C ASN M 92 9.19 -2.48 21.77
N TYR M 93 9.28 -1.94 20.55
CA TYR M 93 8.58 -0.69 20.25
C TYR M 93 7.08 -0.87 20.33
N ALA M 94 6.57 -2.00 19.83
CA ALA M 94 5.15 -2.28 19.94
C ALA M 94 4.72 -2.41 21.40
N ILE M 95 5.55 -3.04 22.22
CA ILE M 95 5.25 -3.15 23.64
C ILE M 95 5.20 -1.77 24.28
N LEU M 96 6.11 -0.89 23.89
CA LEU M 96 6.09 0.48 24.41
C LEU M 96 4.79 1.19 24.04
N GLY M 97 4.39 1.06 22.77
CA GLY M 97 3.13 1.67 22.34
C GLY M 97 1.94 1.12 23.11
N PHE M 98 1.92 -0.20 23.29
CA PHE M 98 0.84 -0.80 24.08
C PHE M 98 0.84 -0.30 25.50
N ALA M 99 2.02 -0.11 26.09
CA ALA M 99 2.09 0.39 27.46
C ALA M 99 1.52 1.79 27.56
N LEU M 100 1.87 2.66 26.61
CA LEU M 100 1.32 4.02 26.63
C LEU M 100 -0.20 4.01 26.45
N THR M 101 -0.69 3.21 25.50
CA THR M 101 -2.13 3.14 25.27
C THR M 101 -2.85 2.57 26.49
N GLU M 102 -2.24 1.59 27.16
CA GLU M 102 -2.83 1.04 28.37
C GLU M 102 -2.80 2.05 29.51
N ALA M 103 -1.78 2.91 29.56
CA ALA M 103 -1.79 3.99 30.54
C ALA M 103 -2.98 4.91 30.31
N ILE M 104 -3.25 5.26 29.05
CA ILE M 104 -4.44 6.05 28.73
C ILE M 104 -5.69 5.31 29.18
N GLY M 105 -5.76 4.02 28.89
CA GLY M 105 -6.92 3.24 29.28
C GLY M 105 -7.13 3.22 30.78
N LEU M 106 -6.04 3.12 31.54
CA LEU M 106 -6.13 3.14 33.00
C LEU M 106 -6.55 4.51 33.51
N PHE M 107 -6.10 5.58 32.83
CA PHE M 107 -6.54 6.91 33.21
C PHE M 107 -8.05 7.03 33.05
N ALA M 108 -8.60 6.48 31.97
CA ALA M 108 -10.06 6.49 31.81
C ALA M 108 -10.73 5.57 32.83
N LEU M 109 -10.13 4.42 33.11
CA LEU M 109 -10.73 3.45 34.01
C LEU M 109 -10.77 3.96 35.43
N MET M 110 -9.84 4.84 35.80
CA MET M 110 -9.90 5.45 37.13
C MET M 110 -11.16 6.28 37.30
N LEU M 111 -11.50 7.08 36.28
CA LEU M 111 -12.77 7.80 36.32
C LEU M 111 -13.94 6.83 36.33
N ALA M 112 -13.83 5.74 35.57
CA ALA M 112 -14.91 4.76 35.54
C ALA M 112 -15.19 4.20 36.93
N PHE M 113 -14.13 3.86 37.66
CA PHE M 113 -14.31 3.22 38.97
C PHE M 113 -14.64 4.22 40.07
N LEU M 114 -14.11 5.44 39.99
CA LEU M 114 -14.38 6.41 41.05
C LEU M 114 -15.87 6.73 41.12
N MET M 115 -16.52 6.90 39.97
CA MET M 115 -17.93 7.24 39.95
C MET M 115 -18.82 6.04 40.22
N LEU M 116 -18.30 4.82 40.12
CA LEU M 116 -19.08 3.64 40.43
C LEU M 116 -19.24 3.45 41.94
N PHE M 117 -18.27 3.92 42.72
CA PHE M 117 -18.29 3.79 44.17
C PHE M 117 -18.54 5.11 44.86
N SER M 118 -18.89 6.16 44.13
CA SER M 118 -19.14 7.46 44.72
C SER M 118 -20.23 8.21 43.95
#